data_6FU4
#
_entry.id   6FU4
#
_cell.length_a   81.616
_cell.length_b   103.983
_cell.length_c   147.452
_cell.angle_alpha   90.00
_cell.angle_beta   90.00
_cell.angle_gamma   90.00
#
_symmetry.space_group_name_H-M   'P 21 21 2'
#
loop_
_entity.id
_entity.type
_entity.pdbx_description
1 polymer 'Probable chemotaxis transducer'
2 non-polymer HISTAMINE
3 non-polymer 'PHOSPHATE ION'
4 non-polymer GLYCEROL
5 non-polymer 'ACETATE ION'
6 water water
#
_entity_poly.entity_id   1
_entity_poly.type   'polypeptide(L)'
_entity_poly.pdbx_seq_one_letter_code
;(MSE)GSSHHHHHHSSGLVPRGSHQHSSVLVKSASTQ(MSE)LDESARLRLEARGELQALRIQRYF(MSE)DAFQYGKGF
SRQILFLRDQAQKRFLDAYDLREDLTRQVRTALAANPEVLGLYVVFEPNALDGKDELFVDQPALGSNDKGRFSLYWAQAT
PGQLESES(MSE)IESELADTSSGPSGAAYNAWYTCPKESGQPCVLDPYFDKVGERQLL(MSE)TSIAFPLELDGKVIGV
(MSE)GLDINLSNLQALSEQGNRELYDGVGQVGILSPAGLFAGNSRDAGLLGKNLAKADPQHAGELLQLLAAGKSRLFNE
NDDLKVLQPLQPIPGAKPWGVLLEVPKSALLGPALALERQLDD(MSE)RREGT
;
_entity_poly.pdbx_strand_id   A,B,C,D
#
loop_
_chem_comp.id
_chem_comp.type
_chem_comp.name
_chem_comp.formula
ACT non-polymer 'ACETATE ION' 'C2 H3 O2 -1'
GOL non-polymer GLYCEROL 'C3 H8 O3'
HSM non-polymer HISTAMINE 'C5 H9 N3'
PO4 non-polymer 'PHOSPHATE ION' 'O4 P -3'
#
# COMPACT_ATOMS: atom_id res chain seq x y z
N GLN A 33 -67.54 -5.65 13.84
CA GLN A 33 -66.38 -5.27 14.64
C GLN A 33 -65.49 -4.29 13.89
N MSE A 34 -65.30 -3.11 14.47
CA MSE A 34 -64.39 -2.12 13.92
C MSE A 34 -62.98 -2.37 14.45
O MSE A 34 -62.07 -1.58 14.25
CB MSE A 34 -64.86 -0.71 14.28
CG MSE A 34 -64.84 0.28 13.11
SE MSE A 34 -65.72 1.98 13.49
CE MSE A 34 -67.55 1.37 13.71
N LEU A 35 -62.84 -3.51 15.14
CA LEU A 35 -61.53 -3.91 15.64
C LEU A 35 -60.54 -4.14 14.50
N ASP A 36 -60.99 -4.78 13.43
CA ASP A 36 -60.07 -5.15 12.35
C ASP A 36 -59.48 -3.94 11.66
N GLU A 37 -60.26 -2.87 11.51
CA GLU A 37 -59.73 -1.67 10.86
C GLU A 37 -58.63 -1.04 11.68
N SER A 38 -58.81 -0.95 13.01
CA SER A 38 -57.77 -0.37 13.85
C SER A 38 -56.52 -1.24 13.86
N ALA A 39 -56.67 -2.56 13.75
CA ALA A 39 -55.50 -3.44 13.67
C ALA A 39 -54.74 -3.22 12.36
N ARG A 40 -55.47 -2.98 11.26
CA ARG A 40 -54.81 -2.72 9.98
C ARG A 40 -54.04 -1.40 10.03
N LEU A 41 -54.69 -0.34 10.52
CA LEU A 41 -54.04 0.96 10.55
C LEU A 41 -52.78 0.93 11.41
N ARG A 42 -52.84 0.24 12.54
CA ARG A 42 -51.67 0.15 13.41
C ARG A 42 -50.51 -0.53 12.69
N LEU A 43 -50.79 -1.68 12.05
CA LEU A 43 -49.72 -2.42 11.39
C LEU A 43 -49.17 -1.66 10.18
N GLU A 44 -50.04 -0.99 9.42
CA GLU A 44 -49.57 -0.17 8.32
C GLU A 44 -48.59 0.89 8.82
N ALA A 45 -48.93 1.55 9.93
CA ALA A 45 -48.02 2.54 10.50
C ALA A 45 -46.73 1.89 11.00
N ARG A 46 -46.84 0.73 11.64
CA ARG A 46 -45.63 0.00 12.04
C ARG A 46 -44.78 -0.36 10.83
N GLY A 47 -45.43 -0.80 9.75
CA GLY A 47 -44.69 -1.07 8.53
C GLY A 47 -43.95 0.14 7.99
N GLU A 48 -44.64 1.30 8.00
N GLU A 48 -44.62 1.30 8.01
CA GLU A 48 -43.99 2.53 7.56
CA GLU A 48 -43.94 2.50 7.53
C GLU A 48 -42.79 2.86 8.45
C GLU A 48 -42.78 2.88 8.44
N LEU A 49 -42.97 2.78 9.76
CA LEU A 49 -41.87 3.08 10.68
C LEU A 49 -40.67 2.17 10.45
N GLN A 50 -40.90 0.88 10.23
CA GLN A 50 -39.80 -0.04 9.99
C GLN A 50 -39.08 0.29 8.69
N ALA A 51 -39.82 0.73 7.66
CA ALA A 51 -39.21 1.12 6.40
C ALA A 51 -38.39 2.39 6.56
N LEU A 52 -38.88 3.33 7.38
CA LEU A 52 -38.09 4.52 7.70
C LEU A 52 -36.75 4.15 8.32
N ARG A 53 -36.76 3.17 9.22
CA ARG A 53 -35.54 2.73 9.89
C ARG A 53 -34.55 2.13 8.89
N ILE A 54 -35.04 1.24 8.02
CA ILE A 54 -34.16 0.64 7.01
C ILE A 54 -33.67 1.71 6.04
N GLN A 55 -34.56 2.61 5.62
CA GLN A 55 -34.17 3.66 4.70
C GLN A 55 -33.09 4.54 5.30
N ARG A 56 -33.20 4.85 6.60
N ARG A 56 -33.20 4.85 6.60
CA ARG A 56 -32.21 5.71 7.24
CA ARG A 56 -32.22 5.71 7.25
C ARG A 56 -30.84 5.03 7.28
C ARG A 56 -30.85 5.03 7.29
N TYR A 57 -30.82 3.71 7.51
CA TYR A 57 -29.56 2.98 7.50
C TYR A 57 -28.89 3.05 6.14
N PHE A 58 -29.65 2.83 5.07
CA PHE A 58 -29.09 2.91 3.74
C PHE A 58 -28.68 4.34 3.41
N MSE A 59 -29.47 5.33 3.82
N MSE A 59 -29.47 5.32 3.82
CA MSE A 59 -29.19 6.71 3.45
CA MSE A 59 -29.20 6.72 3.47
C MSE A 59 -27.98 7.28 4.20
C MSE A 59 -27.97 7.24 4.19
O MSE A 59 -27.25 8.11 3.66
O MSE A 59 -27.20 8.02 3.62
CB MSE A 59 -30.42 7.59 3.70
CB MSE A 59 -30.41 7.60 3.78
CG MSE A 59 -30.25 9.05 3.29
CG MSE A 59 -31.53 7.49 2.76
SE MSE A 59 -29.92 9.35 1.37
SE MSE A 59 -31.00 7.91 0.92
CE MSE A 59 -31.51 8.44 0.70
CE MSE A 59 -30.50 9.78 1.14
N ASP A 60 -27.75 6.81 5.43
CA ASP A 60 -26.56 7.21 6.15
C ASP A 60 -25.30 6.74 5.43
N ALA A 61 -25.30 5.50 4.95
CA ALA A 61 -24.17 5.01 4.17
C ALA A 61 -24.06 5.74 2.84
N PHE A 62 -25.20 6.09 2.23
CA PHE A 62 -25.17 6.82 0.96
C PHE A 62 -24.54 8.20 1.13
N GLN A 63 -24.91 8.93 2.18
N GLN A 63 -24.96 8.93 2.17
CA GLN A 63 -24.30 10.24 2.42
CA GLN A 63 -24.33 10.21 2.52
C GLN A 63 -22.80 10.11 2.65
C GLN A 63 -22.81 10.06 2.61
N TYR A 64 -22.38 9.11 3.43
CA TYR A 64 -20.96 8.92 3.68
C TYR A 64 -20.21 8.63 2.38
N GLY A 65 -20.78 7.80 1.51
CA GLY A 65 -20.13 7.52 0.24
C GLY A 65 -20.10 8.72 -0.67
N LYS A 66 -21.22 9.44 -0.78
N LYS A 66 -21.22 9.44 -0.79
CA LYS A 66 -21.26 10.61 -1.64
CA LYS A 66 -21.28 10.62 -1.64
C LYS A 66 -20.27 11.67 -1.20
C LYS A 66 -20.25 11.66 -1.19
N GLY A 67 -20.09 11.83 0.12
CA GLY A 67 -19.11 12.78 0.61
C GLY A 67 -17.69 12.38 0.29
N PHE A 68 -17.40 11.08 0.35
CA PHE A 68 -16.04 10.62 0.08
C PHE A 68 -15.71 10.64 -1.41
N SER A 69 -16.69 10.38 -2.29
CA SER A 69 -16.43 10.45 -3.72
C SER A 69 -16.01 11.85 -4.14
N ARG A 70 -16.47 12.88 -3.45
CA ARG A 70 -16.02 14.23 -3.74
C ARG A 70 -14.55 14.39 -3.40
N GLN A 71 -14.10 13.83 -2.27
N GLN A 71 -14.13 13.84 -2.25
CA GLN A 71 -12.68 13.82 -1.95
CA GLN A 71 -12.71 13.77 -1.91
C GLN A 71 -11.88 13.12 -3.03
C GLN A 71 -11.90 13.13 -3.04
N ILE A 72 -12.39 11.99 -3.55
CA ILE A 72 -11.69 11.29 -4.63
C ILE A 72 -11.56 12.17 -5.87
N LEU A 73 -12.67 12.77 -6.30
CA LEU A 73 -12.62 13.55 -7.55
C LEU A 73 -11.81 14.83 -7.39
N PHE A 74 -11.77 15.41 -6.20
CA PHE A 74 -10.95 16.58 -5.98
C PHE A 74 -9.47 16.23 -6.15
N LEU A 75 -9.01 15.17 -5.48
CA LEU A 75 -7.64 14.71 -5.65
C LEU A 75 -7.32 14.43 -7.12
N ARG A 76 -8.25 13.78 -7.82
CA ARG A 76 -8.06 13.56 -9.26
C ARG A 76 -7.92 14.89 -9.99
N ASP A 77 -8.68 15.90 -9.60
CA ASP A 77 -8.58 17.20 -10.26
C ASP A 77 -7.27 17.91 -9.93
N GLN A 78 -6.78 17.78 -8.69
CA GLN A 78 -5.50 18.38 -8.34
C GLN A 78 -4.38 17.83 -9.21
N ALA A 79 -4.43 16.54 -9.53
CA ALA A 79 -3.41 15.93 -10.38
C ALA A 79 -3.60 16.33 -11.84
N GLN A 80 -4.85 16.41 -12.29
N GLN A 80 -4.86 16.40 -12.30
CA GLN A 80 -5.13 16.83 -13.66
CA GLN A 80 -5.11 16.82 -13.67
C GLN A 80 -4.57 18.23 -13.92
C GLN A 80 -4.61 18.23 -13.93
N LYS A 81 -4.68 19.11 -12.94
CA LYS A 81 -4.20 20.47 -13.03
C LYS A 81 -2.74 20.59 -12.59
N ARG A 82 -2.06 19.47 -12.37
CA ARG A 82 -0.63 19.38 -12.12
C ARG A 82 -0.21 20.00 -10.80
N PHE A 83 -1.14 20.17 -9.87
CA PHE A 83 -0.76 20.58 -8.52
C PHE A 83 -0.30 19.41 -7.67
N LEU A 84 -0.41 18.20 -8.19
CA LEU A 84 -0.14 16.98 -7.42
C LEU A 84 0.33 15.91 -8.40
N ASP A 85 1.43 15.24 -8.08
CA ASP A 85 1.94 14.26 -9.04
C ASP A 85 1.24 12.92 -8.87
N ALA A 86 1.44 12.05 -9.86
CA ALA A 86 0.67 10.80 -9.94
C ALA A 86 1.05 9.85 -8.83
N TYR A 87 2.33 9.83 -8.43
CA TYR A 87 2.77 8.94 -7.37
C TYR A 87 2.16 9.34 -6.03
N ASP A 88 2.14 10.65 -5.73
CA ASP A 88 1.49 11.11 -4.50
C ASP A 88 -0.01 10.90 -4.56
N LEU A 89 -0.60 11.12 -5.74
CA LEU A 89 -2.05 10.98 -5.91
C LEU A 89 -2.51 9.55 -5.60
N ARG A 90 -1.91 8.57 -6.28
CA ARG A 90 -2.27 7.18 -6.03
C ARG A 90 -2.00 6.76 -4.59
N GLU A 91 -0.88 7.22 -4.02
CA GLU A 91 -0.65 7.03 -2.59
C GLU A 91 -1.75 7.67 -1.77
N ASP A 92 -2.14 8.89 -2.11
CA ASP A 92 -3.13 9.60 -1.31
C ASP A 92 -4.48 8.90 -1.35
N LEU A 93 -4.92 8.51 -2.55
CA LEU A 93 -6.16 7.76 -2.68
C LEU A 93 -6.11 6.47 -1.88
N THR A 94 -5.01 5.71 -2.01
CA THR A 94 -4.91 4.43 -1.32
C THR A 94 -5.04 4.62 0.19
N ARG A 95 -4.38 5.63 0.74
N ARG A 95 -4.40 5.65 0.74
CA ARG A 95 -4.45 5.88 2.18
CA ARG A 95 -4.45 5.87 2.18
C ARG A 95 -5.83 6.36 2.60
C ARG A 95 -5.82 6.38 2.62
N GLN A 96 -6.43 7.26 1.83
CA GLN A 96 -7.69 7.86 2.23
C GLN A 96 -8.88 6.91 2.08
N VAL A 97 -8.82 5.97 1.14
CA VAL A 97 -9.83 4.92 1.12
C VAL A 97 -9.80 4.14 2.42
N ARG A 98 -8.60 3.78 2.88
CA ARG A 98 -8.48 3.03 4.13
C ARG A 98 -8.97 3.83 5.33
N THR A 99 -8.60 5.11 5.39
CA THR A 99 -9.01 5.94 6.53
C THR A 99 -10.52 6.11 6.56
N ALA A 100 -11.14 6.30 5.39
CA ALA A 100 -12.57 6.49 5.32
C ALA A 100 -13.34 5.22 5.68
N LEU A 101 -12.78 4.06 5.35
CA LEU A 101 -13.38 2.80 5.79
C LEU A 101 -13.24 2.62 7.30
N ALA A 102 -12.04 2.87 7.84
CA ALA A 102 -11.82 2.76 9.27
C ALA A 102 -12.74 3.69 10.06
N ALA A 103 -13.14 4.81 9.46
CA ALA A 103 -13.98 5.78 10.17
C ALA A 103 -15.44 5.34 10.27
N ASN A 104 -15.88 4.37 9.48
CA ASN A 104 -17.27 3.91 9.48
C ASN A 104 -17.30 2.41 9.76
N PRO A 105 -17.39 2.01 11.04
CA PRO A 105 -17.45 0.57 11.35
C PRO A 105 -18.75 -0.12 10.95
N GLU A 106 -19.72 0.60 10.36
CA GLU A 106 -20.89 -0.05 9.78
C GLU A 106 -20.63 -0.58 8.37
N VAL A 107 -19.50 -0.25 7.78
CA VAL A 107 -19.22 -0.54 6.37
C VAL A 107 -18.18 -1.65 6.30
N LEU A 108 -18.42 -2.61 5.41
CA LEU A 108 -17.59 -3.79 5.27
C LEU A 108 -16.39 -3.56 4.36
N GLY A 109 -16.61 -2.88 3.24
CA GLY A 109 -15.55 -2.70 2.27
C GLY A 109 -15.73 -1.37 1.56
N LEU A 110 -14.63 -0.90 1.00
CA LEU A 110 -14.58 0.36 0.25
C LEU A 110 -13.71 0.09 -0.98
N TYR A 111 -14.30 0.21 -2.17
CA TYR A 111 -13.58 -0.02 -3.41
C TYR A 111 -13.66 1.22 -4.30
N VAL A 112 -12.61 1.41 -5.11
CA VAL A 112 -12.53 2.54 -6.04
C VAL A 112 -11.93 2.02 -7.35
N VAL A 113 -12.65 2.22 -8.46
CA VAL A 113 -12.18 1.79 -9.77
C VAL A 113 -12.31 2.96 -10.72
N PHE A 114 -11.24 3.22 -11.48
CA PHE A 114 -11.25 4.20 -12.55
C PHE A 114 -11.19 3.48 -13.88
N GLU A 115 -11.75 4.10 -14.92
CA GLU A 115 -11.56 3.60 -16.26
C GLU A 115 -10.07 3.62 -16.60
N PRO A 116 -9.64 2.79 -17.55
CA PRO A 116 -8.22 2.79 -17.92
C PRO A 116 -7.72 4.17 -18.28
N ASN A 117 -6.61 4.56 -17.65
CA ASN A 117 -5.95 5.85 -17.84
C ASN A 117 -6.83 7.04 -17.48
N ALA A 118 -7.97 6.82 -16.85
CA ALA A 118 -8.89 7.92 -16.56
C ALA A 118 -8.58 8.63 -15.26
N LEU A 119 -7.75 8.05 -14.39
CA LEU A 119 -7.36 8.74 -13.16
C LEU A 119 -6.29 9.80 -13.45
N ASP A 120 -5.22 9.42 -14.16
CA ASP A 120 -4.14 10.36 -14.40
C ASP A 120 -3.44 10.14 -15.75
N GLY A 121 -4.01 9.36 -16.65
CA GLY A 121 -3.36 9.08 -17.91
C GLY A 121 -2.04 8.33 -17.80
N LYS A 122 -1.76 7.73 -16.64
CA LYS A 122 -0.44 7.18 -16.38
C LYS A 122 -0.49 5.76 -15.85
N ASP A 123 -1.52 4.98 -16.26
CA ASP A 123 -1.63 3.59 -15.82
C ASP A 123 -0.37 2.79 -16.12
N GLU A 124 0.30 3.08 -17.24
CA GLU A 124 1.47 2.30 -17.65
C GLU A 124 2.59 2.36 -16.61
N LEU A 125 2.61 3.40 -15.78
CA LEU A 125 3.64 3.56 -14.77
C LEU A 125 3.37 2.78 -13.50
N PHE A 126 2.16 2.23 -13.31
CA PHE A 126 1.81 1.61 -12.04
C PHE A 126 1.34 0.17 -12.22
N VAL A 127 1.81 -0.51 -13.28
CA VAL A 127 1.48 -1.92 -13.45
C VAL A 127 2.02 -2.71 -12.27
N ASP A 128 1.14 -3.48 -11.63
CA ASP A 128 1.48 -4.31 -10.47
C ASP A 128 2.01 -3.48 -9.31
N GLN A 129 1.29 -2.40 -8.98
CA GLN A 129 1.57 -1.56 -7.83
C GLN A 129 0.38 -1.58 -6.88
N PRO A 130 0.17 -2.71 -6.19
CA PRO A 130 -0.99 -2.78 -5.28
C PRO A 130 -0.88 -1.89 -4.06
N ALA A 131 0.33 -1.63 -3.56
CA ALA A 131 0.46 -0.67 -2.47
C ALA A 131 0.04 0.72 -2.89
N LEU A 132 -0.19 0.95 -4.18
CA LEU A 132 -0.72 2.19 -4.71
C LEU A 132 -2.08 1.98 -5.39
N GLY A 133 -2.75 0.87 -5.09
CA GLY A 133 -4.08 0.60 -5.60
C GLY A 133 -4.16 0.31 -7.09
N SER A 134 -3.07 -0.09 -7.73
CA SER A 134 -3.02 -0.28 -9.17
C SER A 134 -2.83 -1.76 -9.52
N ASN A 135 -3.58 -2.24 -10.50
CA ASN A 135 -3.75 -3.67 -10.73
C ASN A 135 -2.81 -4.17 -11.84
N ASP A 136 -3.14 -5.34 -12.41
CA ASP A 136 -2.25 -6.00 -13.36
C ASP A 136 -2.06 -5.19 -14.64
N LYS A 137 -2.91 -4.19 -14.89
N LYS A 137 -2.91 -4.19 -14.90
CA LYS A 137 -2.78 -3.33 -16.05
CA LYS A 137 -2.79 -3.32 -16.06
C LYS A 137 -2.56 -1.87 -15.65
C LYS A 137 -2.53 -1.87 -15.66
N GLY A 138 -2.13 -1.62 -14.42
CA GLY A 138 -1.90 -0.28 -13.93
C GLY A 138 -3.14 0.54 -13.70
N ARG A 139 -4.32 0.01 -14.04
CA ARG A 139 -5.55 0.70 -13.71
C ARG A 139 -5.68 0.86 -12.20
N PHE A 140 -6.08 2.05 -11.77
CA PHE A 140 -6.33 2.22 -10.35
C PHE A 140 -7.61 1.49 -9.98
N SER A 141 -7.46 0.40 -9.22
CA SER A 141 -8.54 -0.52 -8.87
C SER A 141 -8.24 -0.99 -7.45
N LEU A 142 -8.86 -0.33 -6.46
CA LEU A 142 -8.47 -0.48 -5.06
C LEU A 142 -9.63 -0.95 -4.21
N TYR A 143 -9.33 -1.80 -3.22
CA TYR A 143 -10.30 -2.28 -2.25
C TYR A 143 -9.64 -2.34 -0.88
N TRP A 144 -10.30 -1.75 0.12
CA TRP A 144 -9.99 -1.99 1.52
C TRP A 144 -11.21 -2.64 2.15
N ALA A 145 -10.98 -3.61 3.03
CA ALA A 145 -12.08 -4.28 3.70
C ALA A 145 -11.73 -4.54 5.16
N GLN A 146 -12.77 -4.67 5.98
CA GLN A 146 -12.62 -5.04 7.38
C GLN A 146 -13.70 -6.09 7.69
N ALA A 147 -13.29 -7.36 7.73
CA ALA A 147 -14.26 -8.42 8.02
C ALA A 147 -14.93 -8.19 9.37
N THR A 148 -14.16 -7.74 10.35
CA THR A 148 -14.61 -7.15 11.60
C THR A 148 -13.94 -5.79 11.73
N PRO A 149 -14.57 -4.83 12.42
CA PRO A 149 -14.08 -3.44 12.35
C PRO A 149 -12.64 -3.34 12.84
N GLY A 150 -11.76 -2.86 11.95
CA GLY A 150 -10.37 -2.62 12.27
C GLY A 150 -9.39 -3.60 11.66
N GLN A 151 -9.81 -4.78 11.22
CA GLN A 151 -8.85 -5.68 10.58
C GLN A 151 -8.83 -5.39 9.07
N LEU A 152 -8.19 -4.26 8.77
CA LEU A 152 -8.17 -3.68 7.44
C LEU A 152 -7.09 -4.34 6.59
N GLU A 153 -7.52 -5.07 5.57
CA GLU A 153 -6.64 -5.62 4.55
C GLU A 153 -7.09 -5.08 3.20
N SER A 154 -6.24 -5.23 2.19
CA SER A 154 -6.42 -4.56 0.93
C SER A 154 -6.27 -5.53 -0.24
N GLU A 155 -6.83 -5.12 -1.38
CA GLU A 155 -6.75 -5.87 -2.62
C GLU A 155 -6.78 -4.88 -3.77
N SER A 156 -6.07 -5.19 -4.84
CA SER A 156 -6.20 -4.47 -6.10
C SER A 156 -6.88 -5.39 -7.11
N MSE A 157 -8.07 -5.01 -7.56
CA MSE A 157 -8.88 -5.91 -8.37
C MSE A 157 -8.34 -6.01 -9.79
O MSE A 157 -8.23 -5.00 -10.49
CB MSE A 157 -10.34 -5.46 -8.38
CG MSE A 157 -11.01 -5.45 -7.01
SE MSE A 157 -11.02 -3.68 -6.19
CE MSE A 157 -12.64 -2.98 -6.99
N ILE A 158 -8.00 -7.23 -10.21
CA ILE A 158 -7.45 -7.47 -11.53
C ILE A 158 -8.55 -7.31 -12.57
N GLU A 159 -8.16 -7.26 -13.84
CA GLU A 159 -9.11 -7.01 -14.92
C GLU A 159 -10.13 -8.13 -15.05
N SER A 160 -9.71 -9.38 -14.87
CA SER A 160 -10.66 -10.48 -15.03
C SER A 160 -11.73 -10.46 -13.97
N GLU A 161 -11.42 -9.93 -12.77
CA GLU A 161 -12.45 -9.80 -11.74
C GLU A 161 -13.41 -8.65 -12.05
N LEU A 162 -12.89 -7.52 -12.51
CA LEU A 162 -13.75 -6.43 -12.95
C LEU A 162 -14.67 -6.85 -14.08
N ALA A 163 -14.29 -7.85 -14.87
CA ALA A 163 -15.06 -8.28 -16.03
C ALA A 163 -15.80 -9.60 -15.79
N ASP A 164 -15.92 -10.03 -14.54
CA ASP A 164 -16.59 -11.29 -14.20
C ASP A 164 -18.09 -11.08 -14.14
N THR A 165 -18.83 -11.66 -15.09
CA THR A 165 -20.28 -11.48 -15.16
C THR A 165 -21.06 -12.65 -14.61
N SER A 166 -20.43 -13.52 -13.81
CA SER A 166 -21.11 -14.69 -13.29
C SER A 166 -22.38 -14.29 -12.54
N SER A 167 -23.46 -15.03 -12.80
CA SER A 167 -24.73 -14.75 -12.14
C SER A 167 -24.63 -15.10 -10.66
N GLY A 168 -25.26 -14.26 -9.84
CA GLY A 168 -25.36 -14.53 -8.42
C GLY A 168 -26.73 -15.05 -8.04
N PRO A 169 -27.03 -15.06 -6.74
CA PRO A 169 -28.32 -15.60 -6.27
C PRO A 169 -29.54 -14.85 -6.78
N SER A 170 -29.40 -13.55 -7.06
CA SER A 170 -30.50 -12.77 -7.58
C SER A 170 -30.61 -12.84 -9.09
N GLY A 171 -29.64 -13.48 -9.75
CA GLY A 171 -29.50 -13.41 -11.19
C GLY A 171 -28.57 -12.33 -11.68
N ALA A 172 -28.28 -11.34 -10.85
CA ALA A 172 -27.45 -10.22 -11.29
C ALA A 172 -26.01 -10.65 -11.49
N ALA A 173 -25.33 -9.98 -12.43
CA ALA A 173 -23.93 -10.25 -12.68
C ALA A 173 -23.10 -9.95 -11.45
N TYR A 174 -22.07 -10.76 -11.24
CA TYR A 174 -21.18 -10.55 -10.10
C TYR A 174 -20.64 -9.13 -10.07
N ASN A 175 -20.18 -8.64 -11.23
CA ASN A 175 -19.53 -7.34 -11.31
C ASN A 175 -20.50 -6.16 -11.41
N ALA A 176 -21.76 -6.35 -11.03
CA ALA A 176 -22.70 -5.23 -11.04
C ALA A 176 -22.24 -4.11 -10.11
N TRP A 177 -21.46 -4.43 -9.07
CA TRP A 177 -20.92 -3.39 -8.21
C TRP A 177 -19.99 -2.45 -8.98
N TYR A 178 -19.61 -2.80 -10.20
CA TYR A 178 -18.86 -1.92 -11.08
C TYR A 178 -19.69 -1.44 -12.26
N THR A 179 -20.30 -2.37 -13.00
CA THR A 179 -20.98 -2.02 -14.24
C THR A 179 -22.30 -1.31 -14.01
N CYS A 180 -22.93 -1.47 -12.84
CA CYS A 180 -24.24 -0.85 -12.69
C CYS A 180 -24.17 0.67 -12.70
N PRO A 181 -23.41 1.35 -11.85
CA PRO A 181 -23.37 2.82 -11.98
C PRO A 181 -22.70 3.26 -13.26
N LYS A 182 -21.81 2.44 -13.83
CA LYS A 182 -21.16 2.82 -15.08
C LYS A 182 -22.14 2.85 -16.25
N GLU A 183 -23.13 1.95 -16.24
N GLU A 183 -23.13 1.95 -16.25
CA GLU A 183 -24.09 1.87 -17.33
CA GLU A 183 -24.08 1.90 -17.36
C GLU A 183 -25.19 2.93 -17.20
C GLU A 183 -25.21 2.90 -17.21
N SER A 184 -25.65 3.19 -15.98
CA SER A 184 -26.76 4.10 -15.76
C SER A 184 -26.35 5.54 -15.49
N GLY A 185 -25.13 5.78 -15.03
CA GLY A 185 -24.76 7.11 -14.59
C GLY A 185 -25.36 7.50 -13.26
N GLN A 186 -25.99 6.56 -12.58
CA GLN A 186 -26.71 6.77 -11.32
C GLN A 186 -26.22 5.75 -10.31
N PRO A 187 -26.39 6.03 -9.01
CA PRO A 187 -26.00 5.06 -7.99
C PRO A 187 -26.89 3.82 -8.03
N CYS A 188 -26.37 2.74 -7.45
CA CYS A 188 -27.07 1.46 -7.41
C CYS A 188 -26.98 0.86 -6.03
N VAL A 189 -28.03 0.13 -5.64
CA VAL A 189 -28.03 -0.67 -4.42
C VAL A 189 -28.27 -2.11 -4.86
N LEU A 190 -27.20 -2.90 -4.93
CA LEU A 190 -27.30 -4.24 -5.48
C LEU A 190 -28.11 -5.16 -4.58
N ASP A 191 -28.74 -6.16 -5.20
CA ASP A 191 -29.29 -7.28 -4.47
C ASP A 191 -28.18 -8.04 -3.75
N PRO A 192 -28.51 -8.77 -2.69
CA PRO A 192 -27.53 -9.61 -2.02
C PRO A 192 -26.73 -10.47 -3.00
N TYR A 193 -25.41 -10.52 -2.77
CA TYR A 193 -24.53 -11.33 -3.59
C TYR A 193 -23.31 -11.70 -2.75
N PHE A 194 -22.63 -12.78 -3.17
CA PHE A 194 -21.42 -13.24 -2.51
C PHE A 194 -20.20 -12.58 -3.14
N ASP A 195 -19.26 -12.14 -2.30
CA ASP A 195 -17.98 -11.63 -2.76
C ASP A 195 -16.90 -11.98 -1.75
N LYS A 196 -15.65 -11.76 -2.13
CA LYS A 196 -14.50 -12.20 -1.35
C LYS A 196 -13.99 -11.09 -0.45
N VAL A 197 -13.85 -11.39 0.84
CA VAL A 197 -13.19 -10.53 1.82
C VAL A 197 -12.20 -11.40 2.57
N GLY A 198 -10.93 -11.01 2.55
CA GLY A 198 -9.90 -11.93 3.00
C GLY A 198 -9.86 -13.12 2.07
N GLU A 199 -10.04 -14.33 2.60
CA GLU A 199 -10.22 -15.49 1.73
C GLU A 199 -11.55 -16.20 2.01
N ARG A 200 -12.49 -15.51 2.65
N ARG A 200 -12.50 -15.51 2.64
CA ARG A 200 -13.83 -16.02 2.86
CA ARG A 200 -13.83 -16.03 2.86
C ARG A 200 -14.80 -15.40 1.86
C ARG A 200 -14.81 -15.38 1.89
N GLN A 201 -15.89 -16.12 1.59
CA GLN A 201 -16.99 -15.60 0.80
C GLN A 201 -18.04 -15.07 1.76
N LEU A 202 -18.40 -13.81 1.62
CA LEU A 202 -19.40 -13.17 2.46
C LEU A 202 -20.59 -12.73 1.62
N LEU A 203 -21.77 -12.79 2.22
CA LEU A 203 -22.99 -12.34 1.59
C LEU A 203 -23.20 -10.86 1.90
N MSE A 204 -23.42 -10.07 0.86
CA MSE A 204 -23.45 -8.63 1.06
C MSE A 204 -24.32 -7.90 0.05
O MSE A 204 -24.78 -8.48 -0.94
CB MSE A 204 -22.03 -8.06 0.99
CG MSE A 204 -21.43 -8.07 -0.43
SE MSE A 204 -19.55 -7.47 -0.55
CE MSE A 204 -18.68 -8.94 0.39
N THR A 205 -24.53 -6.61 0.32
CA THR A 205 -25.02 -5.67 -0.68
C THR A 205 -24.01 -4.53 -0.78
N SER A 206 -24.16 -3.72 -1.82
CA SER A 206 -23.28 -2.58 -2.04
C SER A 206 -24.09 -1.39 -2.48
N ILE A 207 -23.65 -0.21 -2.07
CA ILE A 207 -24.09 1.06 -2.64
C ILE A 207 -22.96 1.54 -3.54
N ALA A 208 -23.18 1.51 -4.85
CA ALA A 208 -22.14 1.80 -5.83
C ALA A 208 -22.42 3.13 -6.52
N PHE A 209 -21.37 3.99 -6.62
CA PHE A 209 -21.46 5.36 -7.12
C PHE A 209 -20.74 5.49 -8.46
N PRO A 210 -21.31 6.22 -9.40
CA PRO A 210 -20.52 6.65 -10.56
C PRO A 210 -19.67 7.86 -10.19
N LEU A 211 -18.42 7.84 -10.62
CA LEU A 211 -17.54 9.00 -10.54
C LEU A 211 -17.63 9.72 -11.88
N GLU A 212 -18.32 10.85 -11.91
CA GLU A 212 -18.62 11.54 -13.16
C GLU A 212 -17.78 12.79 -13.30
N LEU A 213 -17.24 13.00 -14.50
CA LEU A 213 -16.57 14.23 -14.89
C LEU A 213 -17.29 14.79 -16.11
N ASP A 214 -17.93 15.95 -15.94
CA ASP A 214 -18.65 16.63 -17.02
C ASP A 214 -19.70 15.71 -17.65
N GLY A 215 -20.45 15.00 -16.81
CA GLY A 215 -21.51 14.14 -17.28
C GLY A 215 -21.07 12.83 -17.88
N LYS A 216 -19.79 12.49 -17.82
CA LYS A 216 -19.30 11.21 -18.29
C LYS A 216 -18.70 10.43 -17.12
N VAL A 217 -18.92 9.13 -17.10
CA VAL A 217 -18.45 8.28 -16.02
C VAL A 217 -16.98 7.94 -16.27
N ILE A 218 -16.11 8.39 -15.37
CA ILE A 218 -14.68 8.05 -15.42
C ILE A 218 -14.30 6.96 -14.44
N GLY A 219 -15.20 6.57 -13.55
CA GLY A 219 -14.90 5.49 -12.64
C GLY A 219 -16.10 5.20 -11.75
N VAL A 220 -15.85 4.36 -10.74
CA VAL A 220 -16.90 3.85 -9.87
C VAL A 220 -16.35 3.75 -8.44
N MSE A 221 -17.16 4.17 -7.48
CA MSE A 221 -16.83 3.99 -6.07
C MSE A 221 -17.98 3.28 -5.36
O MSE A 221 -19.13 3.45 -5.77
CB MSE A 221 -16.54 5.34 -5.43
CG MSE A 221 -15.88 5.28 -4.07
SE MSE A 221 -16.84 6.46 -2.83
CE MSE A 221 -18.35 5.29 -2.45
N GLY A 222 -17.71 2.49 -4.31
CA GLY A 222 -18.79 1.73 -3.69
C GLY A 222 -18.51 1.36 -2.25
N LEU A 223 -19.60 1.31 -1.46
CA LEU A 223 -19.58 0.84 -0.08
C LEU A 223 -20.15 -0.58 -0.02
N ASP A 224 -19.42 -1.50 0.59
CA ASP A 224 -19.93 -2.85 0.82
C ASP A 224 -20.54 -2.93 2.22
N ILE A 225 -21.72 -3.54 2.29
CA ILE A 225 -22.46 -3.66 3.54
C ILE A 225 -22.73 -5.13 3.81
N ASN A 226 -22.16 -5.66 4.88
CA ASN A 226 -22.41 -7.04 5.27
C ASN A 226 -23.90 -7.24 5.55
N LEU A 227 -24.47 -8.30 4.95
CA LEU A 227 -25.89 -8.58 5.16
CA LEU A 227 -25.88 -8.61 5.16
C LEU A 227 -26.19 -8.94 6.61
N SER A 228 -25.19 -9.37 7.38
N SER A 228 -25.19 -9.37 7.38
CA SER A 228 -25.39 -9.59 8.80
CA SER A 228 -25.39 -9.59 8.80
C SER A 228 -25.77 -8.32 9.54
C SER A 228 -25.77 -8.31 9.54
N ASN A 229 -25.42 -7.15 9.00
CA ASN A 229 -25.84 -5.89 9.60
C ASN A 229 -27.33 -5.66 9.41
N LEU A 230 -27.84 -6.01 8.23
CA LEU A 230 -29.28 -5.89 8.00
C LEU A 230 -30.06 -6.97 8.73
N GLN A 231 -29.45 -8.14 8.94
CA GLN A 231 -30.09 -9.16 9.76
C GLN A 231 -30.24 -8.68 11.20
N ALA A 232 -29.20 -8.04 11.75
CA ALA A 232 -29.30 -7.43 13.07
C ALA A 232 -30.37 -6.36 13.10
N LEU A 233 -30.48 -5.57 12.03
CA LEU A 233 -31.49 -4.53 11.96
C LEU A 233 -32.90 -5.11 12.01
N SER A 234 -33.11 -6.24 11.35
CA SER A 234 -34.44 -6.84 11.34
C SER A 234 -34.77 -7.49 12.67
N GLU A 235 -33.75 -7.98 13.39
CA GLU A 235 -33.96 -8.53 14.72
C GLU A 235 -34.21 -7.44 15.75
N GLN A 236 -33.46 -6.33 15.67
N GLN A 236 -33.46 -6.34 15.66
CA GLN A 236 -33.67 -5.26 16.63
CA GLN A 236 -33.63 -5.23 16.60
C GLN A 236 -35.03 -4.59 16.44
C GLN A 236 -35.01 -4.58 16.44
N GLY A 237 -35.45 -4.39 15.19
CA GLY A 237 -36.77 -3.84 14.96
C GLY A 237 -37.88 -4.78 15.37
N ASN A 238 -37.64 -6.09 15.29
CA ASN A 238 -38.65 -7.03 15.77
C ASN A 238 -38.76 -7.00 17.28
N ARG A 239 -37.64 -6.79 17.99
N ARG A 239 -37.64 -6.80 17.98
CA ARG A 239 -37.69 -6.68 19.45
CA ARG A 239 -37.67 -6.67 19.43
C ARG A 239 -38.54 -5.49 19.89
C ARG A 239 -38.53 -5.50 19.88
N GLU A 240 -38.46 -4.38 19.15
CA GLU A 240 -39.26 -3.20 19.46
C GLU A 240 -40.70 -3.32 19.00
N LEU A 241 -41.05 -4.38 18.28
CA LEU A 241 -42.36 -4.54 17.68
C LEU A 241 -43.15 -5.58 18.49
N TYR A 242 -43.93 -5.09 19.45
CA TYR A 242 -44.74 -5.93 20.34
C TYR A 242 -43.90 -7.04 20.97
N ASP A 243 -42.73 -6.65 21.48
CA ASP A 243 -41.83 -7.56 22.20
C ASP A 243 -41.46 -8.79 21.38
N GLY A 244 -41.36 -8.62 20.07
CA GLY A 244 -40.91 -9.71 19.21
C GLY A 244 -41.90 -10.84 19.04
N VAL A 245 -43.19 -10.60 19.25
CA VAL A 245 -44.17 -11.67 19.11
C VAL A 245 -44.34 -12.07 17.65
N GLY A 246 -44.07 -11.15 16.72
CA GLY A 246 -44.18 -11.45 15.31
C GLY A 246 -42.82 -11.54 14.65
N GLN A 247 -42.71 -11.09 13.39
CA GLN A 247 -41.44 -11.19 12.69
C GLN A 247 -41.29 -10.05 11.71
N VAL A 248 -40.03 -9.70 11.42
CA VAL A 248 -39.69 -8.63 10.48
C VAL A 248 -38.75 -9.18 9.43
N GLY A 249 -39.06 -8.93 8.17
CA GLY A 249 -38.22 -9.37 7.07
C GLY A 249 -37.90 -8.22 6.14
N ILE A 250 -36.69 -8.28 5.57
CA ILE A 250 -36.20 -7.25 4.64
C ILE A 250 -35.99 -7.91 3.29
N LEU A 251 -36.63 -7.38 2.25
CA LEU A 251 -36.61 -7.97 0.92
C LEU A 251 -35.89 -7.04 -0.05
N SER A 252 -34.97 -7.60 -0.83
CA SER A 252 -34.34 -6.87 -1.91
C SER A 252 -35.26 -6.89 -3.13
N PRO A 253 -35.01 -6.05 -4.15
CA PRO A 253 -35.89 -6.05 -5.32
C PRO A 253 -36.09 -7.42 -5.95
N ALA A 254 -35.01 -8.19 -6.09
CA ALA A 254 -35.11 -9.52 -6.70
C ALA A 254 -35.80 -10.53 -5.79
N GLY A 255 -36.12 -10.15 -4.57
CA GLY A 255 -36.82 -11.03 -3.67
C GLY A 255 -35.95 -11.87 -2.77
N LEU A 256 -34.70 -11.49 -2.58
CA LEU A 256 -33.84 -12.20 -1.64
C LEU A 256 -34.00 -11.57 -0.27
N PHE A 257 -34.00 -12.40 0.76
CA PHE A 257 -34.04 -11.90 2.12
C PHE A 257 -32.70 -11.24 2.45
N ALA A 258 -32.75 -9.95 2.76
CA ALA A 258 -31.63 -9.24 3.37
C ALA A 258 -31.73 -9.21 4.89
N GLY A 259 -32.81 -9.74 5.46
CA GLY A 259 -33.02 -9.82 6.89
C GLY A 259 -34.30 -10.55 7.23
N ASN A 260 -34.27 -11.35 8.30
CA ASN A 260 -35.43 -12.15 8.69
C ASN A 260 -35.27 -12.51 10.15
N SER A 261 -36.03 -11.85 11.03
CA SER A 261 -35.87 -12.01 12.46
C SER A 261 -36.17 -13.44 12.92
N ARG A 262 -36.96 -14.20 12.17
CA ARG A 262 -37.32 -15.53 12.60
C ARG A 262 -36.26 -16.57 12.25
N ASP A 263 -35.54 -16.39 11.15
CA ASP A 263 -34.56 -17.38 10.69
C ASP A 263 -33.49 -16.67 9.87
N ALA A 264 -32.31 -16.50 10.48
CA ALA A 264 -31.19 -15.93 9.74
C ALA A 264 -30.72 -16.83 8.61
N GLY A 265 -31.08 -18.12 8.65
CA GLY A 265 -30.72 -19.04 7.58
C GLY A 265 -31.43 -18.72 6.28
N LEU A 266 -32.30 -17.72 6.29
CA LEU A 266 -32.96 -17.27 5.09
C LEU A 266 -32.24 -16.12 4.39
N LEU A 267 -31.12 -15.66 4.94
CA LEU A 267 -30.33 -14.62 4.31
C LEU A 267 -29.83 -15.09 2.93
N GLY A 268 -30.11 -14.30 1.91
CA GLY A 268 -29.75 -14.64 0.56
C GLY A 268 -30.72 -15.56 -0.15
N LYS A 269 -31.77 -16.00 0.54
CA LYS A 269 -32.73 -16.95 -0.03
C LYS A 269 -33.90 -16.21 -0.66
N ASN A 270 -34.51 -16.85 -1.64
CA ASN A 270 -35.67 -16.27 -2.32
C ASN A 270 -36.90 -16.29 -1.42
N LEU A 271 -37.74 -15.27 -1.59
CA LEU A 271 -38.95 -15.13 -0.79
C LEU A 271 -39.83 -16.36 -0.87
N ALA A 272 -39.81 -17.08 -2.00
CA ALA A 272 -40.66 -18.26 -2.14
C ALA A 272 -40.33 -19.34 -1.12
N LYS A 273 -39.11 -19.33 -0.58
CA LYS A 273 -38.74 -20.33 0.43
CA LYS A 273 -38.74 -20.33 0.43
C LYS A 273 -39.61 -20.20 1.68
N ALA A 274 -39.92 -18.97 2.09
CA ALA A 274 -40.74 -18.72 3.27
C ALA A 274 -42.20 -18.41 2.95
N ASP A 275 -42.49 -17.92 1.75
CA ASP A 275 -43.84 -17.46 1.40
C ASP A 275 -44.17 -17.91 -0.02
N PRO A 276 -44.24 -19.23 -0.25
CA PRO A 276 -44.52 -19.69 -1.63
C PRO A 276 -45.82 -19.18 -2.22
N GLN A 277 -46.91 -19.15 -1.45
CA GLN A 277 -48.21 -18.82 -2.03
C GLN A 277 -48.30 -17.37 -2.47
N HIS A 278 -47.62 -16.45 -1.78
CA HIS A 278 -47.70 -15.03 -2.14
C HIS A 278 -46.40 -14.47 -2.71
N ALA A 279 -45.35 -15.28 -2.85
CA ALA A 279 -44.08 -14.80 -3.36
C ALA A 279 -44.25 -13.98 -4.64
N GLY A 280 -44.91 -14.55 -5.64
CA GLY A 280 -45.09 -13.85 -6.90
C GLY A 280 -45.82 -12.53 -6.74
N GLU A 281 -46.95 -12.55 -6.01
CA GLU A 281 -47.70 -11.32 -5.81
C GLU A 281 -46.90 -10.29 -5.04
N LEU A 282 -46.20 -10.73 -4.00
CA LEU A 282 -45.40 -9.82 -3.19
C LEU A 282 -44.32 -9.13 -4.01
N LEU A 283 -43.72 -9.84 -4.97
CA LEU A 283 -42.62 -9.25 -5.72
C LEU A 283 -43.12 -8.21 -6.73
N GLN A 284 -44.27 -8.45 -7.36
CA GLN A 284 -44.80 -7.45 -8.27
C GLN A 284 -45.33 -6.23 -7.53
N LEU A 285 -45.90 -6.43 -6.35
CA LEU A 285 -46.22 -5.30 -5.48
C LEU A 285 -44.96 -4.52 -5.12
N LEU A 286 -43.88 -5.23 -4.78
CA LEU A 286 -42.63 -4.59 -4.44
C LEU A 286 -42.12 -3.74 -5.60
N ALA A 287 -42.01 -4.36 -6.78
CA ALA A 287 -41.44 -3.64 -7.93
C ALA A 287 -42.29 -2.45 -8.32
N ALA A 288 -43.60 -2.52 -8.10
CA ALA A 288 -44.49 -1.39 -8.38
C ALA A 288 -44.58 -0.40 -7.22
N GLY A 289 -43.74 -0.56 -6.19
CA GLY A 289 -43.77 0.34 -5.05
C GLY A 289 -45.11 0.45 -4.35
N LYS A 290 -45.90 -0.63 -4.32
CA LYS A 290 -47.22 -0.60 -3.71
C LYS A 290 -47.21 -1.32 -2.37
N SER A 291 -47.81 -0.70 -1.37
CA SER A 291 -48.07 -1.31 -0.08
C SER A 291 -49.28 -2.24 -0.17
N ARG A 292 -49.37 -3.17 0.78
CA ARG A 292 -50.54 -4.04 0.86
C ARG A 292 -50.55 -4.79 2.18
N LEU A 293 -51.75 -4.95 2.74
CA LEU A 293 -52.00 -5.78 3.91
C LEU A 293 -52.56 -7.14 3.50
N PHE A 294 -52.25 -8.16 4.29
CA PHE A 294 -52.71 -9.52 4.03
C PHE A 294 -53.28 -10.11 5.31
N ASN A 295 -54.48 -10.71 5.18
CA ASN A 295 -55.13 -11.46 6.25
C ASN A 295 -54.74 -12.92 6.15
N GLU A 296 -54.24 -13.49 7.24
N GLU A 296 -54.32 -13.50 7.27
CA GLU A 296 -54.03 -14.93 7.28
CA GLU A 296 -53.94 -14.91 7.32
C GLU A 296 -54.19 -15.41 8.72
C GLU A 296 -54.16 -15.41 8.75
N ASN A 297 -55.17 -16.28 8.92
CA ASN A 297 -55.58 -16.77 10.24
C ASN A 297 -55.86 -15.54 11.12
N ASP A 298 -55.42 -15.51 12.37
CA ASP A 298 -55.54 -14.31 13.20
C ASP A 298 -54.24 -13.53 13.25
N ASP A 299 -53.48 -13.55 12.16
CA ASP A 299 -52.29 -12.73 11.99
C ASP A 299 -52.49 -11.79 10.80
N LEU A 300 -51.80 -10.65 10.85
CA LEU A 300 -51.78 -9.71 9.75
C LEU A 300 -50.36 -9.62 9.19
N LYS A 301 -50.26 -9.48 7.87
CA LYS A 301 -49.00 -9.25 7.17
C LYS A 301 -49.10 -7.93 6.43
N VAL A 302 -48.02 -7.16 6.46
CA VAL A 302 -47.94 -5.95 5.66
C VAL A 302 -46.62 -5.95 4.89
N LEU A 303 -46.70 -5.63 3.60
CA LEU A 303 -45.53 -5.38 2.77
C LEU A 303 -45.42 -3.89 2.58
N GLN A 304 -44.33 -3.31 3.07
CA GLN A 304 -44.09 -1.87 2.94
C GLN A 304 -42.85 -1.66 2.08
N PRO A 305 -42.99 -1.24 0.83
CA PRO A 305 -41.82 -0.98 -0.01
C PRO A 305 -41.09 0.27 0.46
N LEU A 306 -39.83 0.39 0.01
CA LEU A 306 -38.99 1.50 0.42
C LEU A 306 -37.86 1.65 -0.59
N GLN A 307 -37.55 2.90 -0.95
CA GLN A 307 -36.40 3.18 -1.78
C GLN A 307 -35.18 3.34 -0.90
N PRO A 308 -34.16 2.49 -1.00
CA PRO A 308 -33.02 2.62 -0.09
C PRO A 308 -32.24 3.91 -0.28
N ILE A 309 -32.09 4.35 -1.53
CA ILE A 309 -31.47 5.63 -1.88
C ILE A 309 -32.40 6.29 -2.91
N PRO A 310 -32.17 7.55 -3.31
CA PRO A 310 -33.10 8.18 -4.27
C PRO A 310 -33.10 7.49 -5.62
N GLY A 311 -34.29 7.25 -6.16
CA GLY A 311 -34.45 6.64 -7.46
C GLY A 311 -34.17 5.15 -7.52
N ALA A 312 -33.76 4.53 -6.41
CA ALA A 312 -33.41 3.12 -6.44
C ALA A 312 -34.66 2.28 -6.61
N LYS A 313 -34.46 1.07 -7.12
CA LYS A 313 -35.56 0.13 -7.19
C LYS A 313 -36.01 -0.22 -5.77
N PRO A 314 -37.31 -0.40 -5.54
CA PRO A 314 -37.80 -0.49 -4.17
C PRO A 314 -37.35 -1.78 -3.50
N TRP A 315 -36.83 -1.65 -2.28
CA TRP A 315 -36.72 -2.76 -1.35
C TRP A 315 -38.01 -2.78 -0.52
N GLY A 316 -38.13 -3.77 0.36
CA GLY A 316 -39.32 -3.85 1.18
C GLY A 316 -39.04 -4.38 2.56
N VAL A 317 -39.94 -4.04 3.47
CA VAL A 317 -40.03 -4.68 4.77
C VAL A 317 -41.32 -5.48 4.81
N LEU A 318 -41.23 -6.72 5.27
CA LEU A 318 -42.37 -7.60 5.45
C LEU A 318 -42.58 -7.78 6.95
N LEU A 319 -43.74 -7.36 7.45
CA LEU A 319 -44.06 -7.44 8.87
C LEU A 319 -45.26 -8.35 9.07
N GLU A 320 -45.16 -9.26 10.04
CA GLU A 320 -46.26 -10.14 10.42
C GLU A 320 -46.43 -10.07 11.92
N VAL A 321 -47.64 -9.71 12.37
CA VAL A 321 -47.93 -9.61 13.80
C VAL A 321 -49.31 -10.19 14.04
N PRO A 322 -49.51 -10.94 15.12
CA PRO A 322 -50.84 -11.48 15.40
C PRO A 322 -51.82 -10.39 15.76
N LYS A 323 -53.08 -10.58 15.35
N LYS A 323 -53.08 -10.57 15.34
CA LYS A 323 -54.12 -9.58 15.58
CA LYS A 323 -54.10 -9.56 15.58
C LYS A 323 -54.25 -9.25 17.07
C LYS A 323 -54.28 -9.25 17.07
N SER A 324 -54.06 -10.25 17.93
CA SER A 324 -54.21 -10.02 19.36
C SER A 324 -53.14 -9.05 19.90
N ALA A 325 -51.98 -9.00 19.26
CA ALA A 325 -50.97 -8.03 19.69
C ALA A 325 -51.32 -6.62 19.25
N LEU A 326 -51.82 -6.47 18.02
CA LEU A 326 -52.17 -5.14 17.52
C LEU A 326 -53.27 -4.51 18.37
N LEU A 327 -54.26 -5.30 18.77
CA LEU A 327 -55.35 -4.83 19.64
C LEU A 327 -55.02 -5.08 21.11
N GLY A 328 -53.80 -4.72 21.49
CA GLY A 328 -53.17 -5.19 22.71
C GLY A 328 -53.86 -4.79 24.01
N PRO A 329 -53.24 -5.15 25.14
CA PRO A 329 -53.79 -5.09 26.50
C PRO A 329 -54.30 -3.71 26.90
N ASP B 36 -66.02 -17.81 17.31
CA ASP B 36 -66.11 -16.39 17.58
C ASP B 36 -64.72 -15.73 17.55
N GLU B 37 -64.58 -14.67 16.76
CA GLU B 37 -63.30 -14.00 16.65
C GLU B 37 -62.91 -13.30 17.95
N SER B 38 -63.89 -12.75 18.67
CA SER B 38 -63.61 -12.00 19.90
C SER B 38 -62.95 -12.89 20.94
N ALA B 39 -63.48 -14.10 21.12
CA ALA B 39 -62.90 -15.00 22.11
C ALA B 39 -61.59 -15.61 21.65
N ARG B 40 -61.40 -15.74 20.34
CA ARG B 40 -60.13 -16.24 19.82
C ARG B 40 -59.00 -15.26 20.10
N LEU B 41 -59.26 -13.96 19.90
CA LEU B 41 -58.25 -12.95 20.18
C LEU B 41 -57.90 -12.90 21.65
N ARG B 42 -58.91 -12.97 22.53
N ARG B 42 -58.90 -12.98 22.53
CA ARG B 42 -58.65 -12.94 23.97
CA ARG B 42 -58.64 -12.95 23.97
C ARG B 42 -57.85 -14.16 24.42
C ARG B 42 -57.83 -14.16 24.40
N LEU B 43 -58.09 -15.32 23.80
CA LEU B 43 -57.31 -16.50 24.13
C LEU B 43 -55.89 -16.40 23.57
N GLU B 44 -55.74 -15.93 22.33
CA GLU B 44 -54.42 -15.78 21.75
C GLU B 44 -53.60 -14.73 22.48
N ALA B 45 -54.25 -13.67 22.99
CA ALA B 45 -53.53 -12.69 23.78
C ALA B 45 -52.93 -13.31 25.03
N ARG B 46 -53.67 -14.23 25.66
CA ARG B 46 -53.15 -14.91 26.84
C ARG B 46 -52.06 -15.91 26.48
N GLY B 47 -52.06 -16.44 25.25
CA GLY B 47 -50.93 -17.23 24.81
C GLY B 47 -49.66 -16.42 24.68
N GLU B 48 -49.78 -15.15 24.25
CA GLU B 48 -48.62 -14.29 24.14
C GLU B 48 -48.08 -13.89 25.50
N LEU B 49 -48.97 -13.69 26.48
CA LEU B 49 -48.52 -13.32 27.81
C LEU B 49 -47.71 -14.44 28.45
N GLN B 50 -48.10 -15.69 28.21
CA GLN B 50 -47.33 -16.81 28.75
C GLN B 50 -45.99 -16.93 28.04
N ALA B 51 -45.97 -16.80 26.71
CA ALA B 51 -44.72 -16.83 25.97
C ALA B 51 -43.79 -15.70 26.40
N LEU B 52 -44.34 -14.51 26.61
CA LEU B 52 -43.52 -13.38 27.02
C LEU B 52 -42.90 -13.60 28.40
N ARG B 53 -43.62 -14.26 29.32
CA ARG B 53 -43.02 -14.60 30.61
C ARG B 53 -41.80 -15.47 30.41
N ILE B 54 -41.87 -16.45 29.50
CA ILE B 54 -40.75 -17.34 29.25
C ILE B 54 -39.63 -16.60 28.54
N GLN B 55 -39.99 -15.82 27.52
CA GLN B 55 -39.00 -15.06 26.77
C GLN B 55 -38.21 -14.13 27.67
N ARG B 56 -38.89 -13.43 28.58
CA ARG B 56 -38.19 -12.53 29.50
C ARG B 56 -37.24 -13.30 30.41
N TYR B 57 -37.61 -14.52 30.79
CA TYR B 57 -36.73 -15.32 31.63
C TYR B 57 -35.43 -15.67 30.90
N PHE B 58 -35.56 -16.20 29.68
CA PHE B 58 -34.38 -16.53 28.89
C PHE B 58 -33.55 -15.29 28.58
N MSE B 59 -34.21 -14.18 28.26
N MSE B 59 -34.20 -14.18 28.25
CA MSE B 59 -33.53 -12.93 27.91
CA MSE B 59 -33.50 -12.96 27.88
C MSE B 59 -32.69 -12.40 29.06
C MSE B 59 -32.71 -12.37 29.06
O MSE B 59 -31.60 -11.88 28.85
O MSE B 59 -31.64 -11.80 28.85
CB MSE B 59 -34.55 -11.87 27.47
CB MSE B 59 -34.49 -11.92 27.33
CG MSE B 59 -34.92 -11.93 26.01
CG MSE B 59 -34.82 -12.11 25.84
SE MSE B 59 -33.43 -11.55 24.82
SE MSE B 59 -33.22 -12.12 24.68
CE MSE B 59 -34.34 -11.85 23.12
CE MSE B 59 -32.40 -10.46 25.26
N ASP B 60 -33.22 -12.52 30.28
CA ASP B 60 -32.46 -12.09 31.45
C ASP B 60 -31.16 -12.89 31.58
N ALA B 61 -31.23 -14.21 31.42
CA ALA B 61 -30.02 -15.02 31.44
C ALA B 61 -29.09 -14.63 30.30
N PHE B 62 -29.63 -14.47 29.10
CA PHE B 62 -28.82 -14.07 27.95
C PHE B 62 -28.08 -12.77 28.22
N GLN B 63 -28.79 -11.76 28.73
N GLN B 63 -28.78 -11.77 28.73
CA GLN B 63 -28.16 -10.48 29.01
CA GLN B 63 -28.13 -10.49 29.00
C GLN B 63 -27.10 -10.60 30.11
C GLN B 63 -27.09 -10.61 30.11
N TYR B 64 -27.40 -11.38 31.16
CA TYR B 64 -26.44 -11.59 32.23
C TYR B 64 -25.17 -12.24 31.70
N GLY B 65 -25.33 -13.31 30.90
CA GLY B 65 -24.16 -13.94 30.32
C GLY B 65 -23.39 -13.03 29.40
N LYS B 66 -24.09 -12.28 28.54
N LYS B 66 -24.10 -12.29 28.54
CA LYS B 66 -23.41 -11.39 27.61
CA LYS B 66 -23.43 -11.38 27.61
C LYS B 66 -22.64 -10.31 28.35
C LYS B 66 -22.63 -10.32 28.35
N GLY B 67 -23.17 -9.82 29.47
CA GLY B 67 -22.43 -8.86 30.27
C GLY B 67 -21.15 -9.45 30.83
N PHE B 68 -21.23 -10.65 31.39
CA PHE B 68 -20.04 -11.26 31.98
C PHE B 68 -18.99 -11.63 30.94
N SER B 69 -19.42 -11.90 29.70
CA SER B 69 -18.45 -12.28 28.67
C SER B 69 -17.48 -11.13 28.35
N ARG B 70 -17.94 -9.89 28.48
CA ARG B 70 -17.04 -8.76 28.26
C ARG B 70 -16.00 -8.66 29.39
N GLN B 71 -16.37 -9.04 30.61
CA GLN B 71 -15.38 -9.14 31.67
C GLN B 71 -14.35 -10.22 31.36
N ILE B 72 -14.79 -11.35 30.81
CA ILE B 72 -13.86 -12.43 30.47
C ILE B 72 -12.84 -11.95 29.44
N LEU B 73 -13.34 -11.38 28.33
CA LEU B 73 -12.45 -10.91 27.29
C LEU B 73 -11.57 -9.76 27.77
N PHE B 74 -12.06 -8.99 28.75
CA PHE B 74 -11.24 -7.93 29.33
C PHE B 74 -10.06 -8.50 30.08
N LEU B 75 -10.28 -9.56 30.87
CA LEU B 75 -9.18 -10.18 31.58
C LEU B 75 -8.13 -10.72 30.62
N ARG B 76 -8.56 -11.37 29.54
CA ARG B 76 -7.62 -11.91 28.58
C ARG B 76 -6.74 -10.83 27.98
N ASP B 77 -7.34 -9.69 27.61
CA ASP B 77 -6.55 -8.58 27.09
C ASP B 77 -5.59 -8.04 28.14
N GLN B 78 -6.01 -8.02 29.41
CA GLN B 78 -5.13 -7.60 30.50
C GLN B 78 -3.88 -8.46 30.56
N ALA B 79 -4.04 -9.79 30.40
CA ALA B 79 -2.86 -10.64 30.37
C ALA B 79 -2.07 -10.44 29.09
N GLN B 80 -2.77 -10.19 27.98
CA GLN B 80 -2.11 -9.91 26.71
C GLN B 80 -1.28 -8.63 26.79
N LYS B 81 -1.76 -7.64 27.55
CA LYS B 81 -0.98 -6.43 27.80
C LYS B 81 0.04 -6.61 28.92
N ARG B 82 0.14 -7.83 29.47
N ARG B 82 0.13 -7.82 29.49
CA ARG B 82 1.10 -8.20 30.50
CA ARG B 82 1.10 -8.18 30.53
C ARG B 82 0.84 -7.49 31.84
C ARG B 82 0.84 -7.42 31.85
N PHE B 83 -0.40 -7.10 32.11
N PHE B 83 -0.41 -7.11 32.15
CA PHE B 83 -0.72 -6.67 33.47
CA PHE B 83 -0.77 -6.67 33.49
C PHE B 83 -0.99 -7.85 34.38
C PHE B 83 -1.11 -7.82 34.40
N LEU B 84 -1.40 -8.98 33.83
CA LEU B 84 -1.59 -10.22 34.56
C LEU B 84 -0.70 -11.25 33.88
N ASP B 85 0.07 -11.99 34.69
CA ASP B 85 0.71 -13.16 34.12
C ASP B 85 -0.34 -14.25 33.91
N ALA B 86 0.08 -15.39 33.39
CA ALA B 86 -0.89 -16.44 33.07
C ALA B 86 -1.60 -16.95 34.32
N TYR B 87 -0.88 -17.07 35.44
CA TYR B 87 -1.52 -17.54 36.67
C TYR B 87 -2.58 -16.56 37.16
N ASP B 88 -2.23 -15.26 37.21
CA ASP B 88 -3.20 -14.24 37.62
C ASP B 88 -4.46 -14.32 36.77
N LEU B 89 -4.30 -14.47 35.46
CA LEU B 89 -5.45 -14.55 34.56
C LEU B 89 -6.34 -15.74 34.90
N ARG B 90 -5.74 -16.93 35.08
CA ARG B 90 -6.55 -18.10 35.34
C ARG B 90 -7.12 -18.08 36.76
N GLU B 91 -6.36 -17.54 37.72
CA GLU B 91 -6.90 -17.40 39.07
C GLU B 91 -8.05 -16.41 39.10
N ASP B 92 -7.91 -15.28 38.41
CA ASP B 92 -8.98 -14.28 38.40
C ASP B 92 -10.21 -14.79 37.68
N LEU B 93 -10.04 -15.52 36.57
CA LEU B 93 -11.19 -16.07 35.87
C LEU B 93 -11.95 -17.05 36.75
N THR B 94 -11.22 -17.96 37.39
CA THR B 94 -11.84 -19.00 38.20
C THR B 94 -12.73 -18.41 39.29
N ARG B 95 -12.25 -17.37 39.97
N ARG B 95 -12.25 -17.37 39.97
CA ARG B 95 -12.99 -16.82 41.09
CA ARG B 95 -13.01 -16.83 41.09
C ARG B 95 -14.05 -15.79 40.66
C ARG B 95 -14.08 -15.84 40.63
N GLN B 96 -13.89 -15.18 39.49
CA GLN B 96 -14.89 -14.24 39.01
C GLN B 96 -16.07 -14.97 38.36
N VAL B 97 -15.79 -16.05 37.64
CA VAL B 97 -16.87 -16.95 37.22
C VAL B 97 -17.69 -17.40 38.43
N ARG B 98 -16.99 -17.78 39.50
CA ARG B 98 -17.67 -18.18 40.72
C ARG B 98 -18.55 -17.06 41.25
N THR B 99 -18.05 -15.82 41.25
CA THR B 99 -18.83 -14.70 41.73
C THR B 99 -20.05 -14.47 40.85
N ALA B 100 -19.88 -14.55 39.53
CA ALA B 100 -21.01 -14.34 38.63
C ALA B 100 -22.10 -15.38 38.83
N LEU B 101 -21.73 -16.60 39.23
CA LEU B 101 -22.71 -17.62 39.52
C LEU B 101 -23.38 -17.39 40.87
N ALA B 102 -22.58 -17.14 41.91
CA ALA B 102 -23.14 -16.92 43.24
C ALA B 102 -24.15 -15.77 43.26
N ALA B 103 -23.93 -14.74 42.43
CA ALA B 103 -24.82 -13.59 42.42
C ALA B 103 -26.18 -13.88 41.80
N ASN B 104 -26.35 -14.99 41.10
CA ASN B 104 -27.55 -15.26 40.32
C ASN B 104 -28.06 -16.66 40.64
N PRO B 105 -29.05 -16.79 41.53
CA PRO B 105 -29.55 -18.13 41.87
C PRO B 105 -30.44 -18.73 40.78
N GLU B 106 -30.80 -17.97 39.75
CA GLU B 106 -31.58 -18.49 38.64
C GLU B 106 -30.73 -19.30 37.66
N VAL B 107 -29.41 -19.18 37.74
CA VAL B 107 -28.49 -19.87 36.85
C VAL B 107 -27.93 -21.08 37.58
N LEU B 108 -28.03 -22.25 36.94
CA LEU B 108 -27.55 -23.48 37.57
C LEU B 108 -26.04 -23.60 37.48
N GLY B 109 -25.47 -23.21 36.34
CA GLY B 109 -24.06 -23.42 36.09
C GLY B 109 -23.51 -22.42 35.10
N LEU B 110 -22.19 -22.27 35.14
CA LEU B 110 -21.48 -21.30 34.31
C LEU B 110 -20.19 -21.95 33.85
N TYR B 111 -20.07 -22.22 32.56
CA TYR B 111 -18.87 -22.83 32.01
C TYR B 111 -18.19 -21.87 31.05
N VAL B 112 -16.87 -21.78 31.17
CA VAL B 112 -16.01 -21.04 30.26
C VAL B 112 -14.92 -21.99 29.80
N VAL B 113 -14.85 -22.25 28.49
CA VAL B 113 -13.81 -23.09 27.92
C VAL B 113 -13.20 -22.36 26.74
N PHE B 114 -11.88 -22.31 26.69
CA PHE B 114 -11.18 -21.73 25.56
C PHE B 114 -10.69 -22.82 24.64
N GLU B 115 -10.43 -22.43 23.39
CA GLU B 115 -9.75 -23.31 22.46
C GLU B 115 -8.35 -23.58 23.00
N PRO B 116 -7.72 -24.67 22.56
CA PRO B 116 -6.36 -24.97 23.04
C PRO B 116 -5.41 -23.80 22.81
N ASN B 117 -4.79 -23.32 23.89
CA ASN B 117 -3.79 -22.25 23.91
C ASN B 117 -4.34 -20.90 23.48
N ALA B 118 -5.66 -20.76 23.36
CA ALA B 118 -6.25 -19.50 22.92
C ALA B 118 -6.44 -18.50 24.06
N LEU B 119 -6.25 -18.90 25.31
CA LEU B 119 -6.45 -17.97 26.41
C LEU B 119 -5.20 -17.16 26.67
N ASP B 120 -4.06 -17.85 26.83
CA ASP B 120 -2.81 -17.19 27.15
C ASP B 120 -1.63 -17.90 26.48
N GLY B 121 -1.88 -18.88 25.62
CA GLY B 121 -0.82 -19.62 24.97
C GLY B 121 0.04 -20.47 25.87
N LYS B 122 -0.37 -20.72 27.12
CA LYS B 122 0.46 -21.46 28.06
C LYS B 122 -0.30 -22.63 28.70
N ASP B 123 -1.10 -23.34 27.89
CA ASP B 123 -1.81 -24.52 28.39
C ASP B 123 -0.85 -25.52 29.03
N GLU B 124 0.32 -25.74 28.40
CA GLU B 124 1.27 -26.72 28.90
C GLU B 124 1.75 -26.42 30.32
N LEU B 125 1.60 -25.17 30.78
CA LEU B 125 2.01 -24.83 32.14
C LEU B 125 0.93 -25.14 33.17
N PHE B 126 -0.27 -25.54 32.75
CA PHE B 126 -1.39 -25.72 33.67
C PHE B 126 -2.06 -27.09 33.51
N VAL B 127 -1.35 -28.09 32.97
CA VAL B 127 -1.93 -29.42 32.82
C VAL B 127 -2.31 -29.98 34.19
N ASP B 128 -3.53 -30.51 34.29
CA ASP B 128 -4.02 -31.19 35.49
C ASP B 128 -4.03 -30.27 36.71
N GLN B 129 -4.49 -29.04 36.52
CA GLN B 129 -4.63 -28.07 37.59
C GLN B 129 -6.06 -27.54 37.60
N PRO B 130 -7.02 -28.36 38.03
CA PRO B 130 -8.43 -27.96 37.98
C PRO B 130 -8.80 -26.88 38.97
N ALA B 131 -8.03 -26.69 40.05
CA ALA B 131 -8.28 -25.55 40.93
C ALA B 131 -8.10 -24.25 40.17
N LEU B 132 -7.23 -24.24 39.16
CA LEU B 132 -7.07 -23.11 38.25
C LEU B 132 -7.87 -23.31 36.97
N GLY B 133 -8.93 -24.10 37.01
CA GLY B 133 -9.84 -24.24 35.88
C GLY B 133 -9.25 -24.92 34.65
N SER B 134 -8.12 -25.60 34.79
CA SER B 134 -7.38 -26.15 33.67
C SER B 134 -7.49 -27.68 33.64
N ASN B 135 -7.67 -28.24 32.45
CA ASN B 135 -8.06 -29.64 32.33
C ASN B 135 -6.85 -30.53 32.05
N ASP B 136 -7.10 -31.75 31.55
CA ASP B 136 -6.06 -32.76 31.41
C ASP B 136 -5.04 -32.44 30.32
N LYS B 137 -5.27 -31.40 29.52
CA LYS B 137 -4.30 -30.92 28.55
C LYS B 137 -3.92 -29.46 28.81
N GLY B 138 -4.24 -28.95 30.00
CA GLY B 138 -3.97 -27.57 30.33
C GLY B 138 -4.88 -26.57 29.68
N ARG B 139 -5.87 -27.02 28.90
CA ARG B 139 -6.86 -26.13 28.35
C ARG B 139 -7.66 -25.50 29.48
N PHE B 140 -7.85 -24.18 29.41
CA PHE B 140 -8.75 -23.57 30.38
C PHE B 140 -10.16 -24.00 30.06
N SER B 141 -10.77 -24.71 30.99
CA SER B 141 -12.02 -25.41 30.75
C SER B 141 -12.69 -25.56 32.12
N LEU B 142 -13.44 -24.53 32.50
CA LEU B 142 -13.89 -24.35 33.88
C LEU B 142 -15.42 -24.42 33.97
N TYR B 143 -15.92 -25.06 35.01
CA TYR B 143 -17.36 -25.17 35.23
C TYR B 143 -17.63 -24.94 36.71
N TRP B 144 -18.41 -23.89 37.01
CA TRP B 144 -18.98 -23.71 38.34
C TRP B 144 -20.47 -24.01 38.26
N ALA B 145 -20.99 -24.69 39.29
CA ALA B 145 -22.39 -25.09 39.28
C ALA B 145 -22.92 -25.06 40.70
N GLN B 146 -24.25 -24.81 40.82
CA GLN B 146 -24.94 -24.75 42.11
C GLN B 146 -26.25 -25.55 42.00
N ALA B 147 -26.13 -26.89 42.09
CA ALA B 147 -27.32 -27.74 42.04
C ALA B 147 -28.34 -27.32 43.10
N THR B 148 -27.88 -26.93 44.28
CA THR B 148 -28.70 -26.16 45.20
C THR B 148 -28.08 -24.77 45.31
N PRO B 149 -28.81 -23.70 45.01
CA PRO B 149 -28.19 -22.38 44.89
C PRO B 149 -27.44 -21.95 46.15
N GLY B 150 -26.24 -21.41 45.96
CA GLY B 150 -25.37 -21.00 47.03
C GLY B 150 -24.31 -22.02 47.39
N GLN B 151 -24.48 -23.28 46.99
CA GLN B 151 -23.50 -24.34 47.21
C GLN B 151 -22.77 -24.56 45.89
N LEU B 152 -21.63 -23.87 45.73
CA LEU B 152 -20.97 -23.78 44.44
C LEU B 152 -19.84 -24.81 44.34
N GLU B 153 -19.95 -25.69 43.37
CA GLU B 153 -18.94 -26.69 43.09
C GLU B 153 -18.31 -26.42 41.74
N SER B 154 -17.00 -26.62 41.66
CA SER B 154 -16.23 -26.32 40.47
C SER B 154 -15.80 -27.61 39.80
N GLU B 155 -15.56 -27.53 38.50
CA GLU B 155 -15.09 -28.65 37.71
C GLU B 155 -14.22 -28.11 36.59
N SER B 156 -13.22 -28.89 36.21
CA SER B 156 -12.49 -28.65 34.97
C SER B 156 -12.85 -29.77 34.00
N MSE B 157 -13.50 -29.41 32.91
CA MSE B 157 -14.03 -30.38 31.96
C MSE B 157 -12.95 -30.95 31.07
O MSE B 157 -12.30 -30.23 30.30
CB MSE B 157 -15.14 -29.74 31.13
CG MSE B 157 -16.27 -29.18 31.96
SE MSE B 157 -17.21 -27.71 31.08
CE MSE B 157 -15.81 -26.37 31.11
N ILE B 158 -12.76 -32.27 31.17
CA ILE B 158 -11.71 -32.98 30.47
C ILE B 158 -11.99 -32.97 28.97
N GLU B 159 -10.97 -33.30 28.17
CA GLU B 159 -11.13 -33.26 26.71
C GLU B 159 -12.24 -34.21 26.25
N SER B 160 -12.32 -35.39 26.85
CA SER B 160 -13.31 -36.38 26.41
C SER B 160 -14.74 -35.89 26.66
N GLU B 161 -14.95 -35.10 27.71
CA GLU B 161 -16.27 -34.52 27.95
C GLU B 161 -16.59 -33.45 26.91
N LEU B 162 -15.57 -32.70 26.47
CA LEU B 162 -15.75 -31.68 25.45
C LEU B 162 -16.04 -32.25 24.07
N ALA B 163 -15.65 -33.49 23.80
CA ALA B 163 -15.82 -34.10 22.48
C ALA B 163 -16.86 -35.22 22.48
N ASP B 164 -17.62 -35.36 23.57
CA ASP B 164 -18.64 -36.39 23.69
C ASP B 164 -19.86 -35.99 22.84
N THR B 165 -20.11 -36.73 21.78
CA THR B 165 -21.19 -36.44 20.85
C THR B 165 -22.41 -37.35 21.03
N SER B 166 -22.50 -38.06 22.16
CA SER B 166 -23.63 -38.96 22.40
C SER B 166 -24.95 -38.22 22.27
N SER B 167 -25.87 -38.80 21.50
CA SER B 167 -27.18 -38.18 21.32
C SER B 167 -27.96 -38.15 22.62
N GLY B 168 -28.68 -37.05 22.84
CA GLY B 168 -29.55 -36.91 23.97
C GLY B 168 -31.01 -37.14 23.61
N PRO B 169 -31.92 -36.74 24.50
CA PRO B 169 -33.35 -36.98 24.23
C PRO B 169 -33.88 -36.25 23.01
N SER B 170 -33.20 -35.20 22.56
CA SER B 170 -33.64 -34.43 21.40
C SER B 170 -32.94 -34.84 20.12
N GLY B 171 -32.01 -35.79 20.18
CA GLY B 171 -31.20 -36.14 19.04
C GLY B 171 -29.93 -35.32 18.89
N ALA B 172 -29.88 -34.15 19.53
CA ALA B 172 -28.68 -33.33 19.51
C ALA B 172 -27.53 -34.01 20.26
N ALA B 173 -26.31 -33.70 19.86
CA ALA B 173 -25.13 -34.22 20.53
C ALA B 173 -25.04 -33.67 21.95
N TYR B 174 -24.55 -34.51 22.86
CA TYR B 174 -24.35 -34.11 24.25
C TYR B 174 -23.57 -32.79 24.34
N ASN B 175 -22.43 -32.70 23.64
CA ASN B 175 -21.53 -31.56 23.73
C ASN B 175 -21.98 -30.36 22.88
N ALA B 176 -23.26 -30.30 22.50
CA ALA B 176 -23.76 -29.14 21.76
C ALA B 176 -23.56 -27.85 22.54
N TRP B 177 -23.53 -27.91 23.87
CA TRP B 177 -23.32 -26.71 24.67
C TRP B 177 -21.95 -26.10 24.40
N TYR B 178 -21.05 -26.86 23.79
CA TYR B 178 -19.75 -26.37 23.36
C TYR B 178 -19.67 -26.14 21.86
N THR B 179 -20.08 -27.12 21.04
CA THR B 179 -19.82 -27.04 19.61
C THR B 179 -20.79 -26.12 18.86
N CYS B 180 -22.02 -25.96 19.35
CA CYS B 180 -23.02 -25.19 18.59
C CYS B 180 -22.58 -23.74 18.37
N PRO B 181 -22.26 -22.95 19.41
CA PRO B 181 -21.76 -21.59 19.13
C PRO B 181 -20.37 -21.59 18.52
N LYS B 182 -19.58 -22.65 18.76
CA LYS B 182 -18.26 -22.75 18.14
C LYS B 182 -18.38 -22.89 16.63
N GLU B 183 -19.36 -23.66 16.15
N GLU B 183 -19.35 -23.68 16.16
CA GLU B 183 -19.47 -23.88 14.71
CA GLU B 183 -19.51 -23.92 14.72
C GLU B 183 -20.36 -22.88 14.01
C GLU B 183 -20.27 -22.78 14.04
N SER B 184 -21.21 -22.16 14.74
CA SER B 184 -22.06 -21.15 14.13
C SER B 184 -21.55 -19.72 14.31
N GLY B 185 -20.68 -19.49 15.30
CA GLY B 185 -20.27 -18.14 15.62
C GLY B 185 -21.36 -17.27 16.20
N GLN B 186 -22.46 -17.88 16.64
CA GLN B 186 -23.63 -17.20 17.17
C GLN B 186 -24.09 -17.88 18.44
N PRO B 187 -24.82 -17.18 19.30
CA PRO B 187 -25.35 -17.83 20.50
C PRO B 187 -26.37 -18.91 20.18
N CYS B 188 -26.37 -19.96 21.00
CA CYS B 188 -27.32 -21.06 20.87
C CYS B 188 -28.12 -21.19 22.15
N VAL B 189 -29.36 -21.67 22.01
CA VAL B 189 -30.17 -22.15 23.12
C VAL B 189 -30.44 -23.62 22.86
N LEU B 190 -30.09 -24.47 23.82
CA LEU B 190 -30.09 -25.90 23.60
C LEU B 190 -31.43 -26.52 23.97
N ASP B 191 -31.81 -27.56 23.22
CA ASP B 191 -32.89 -28.43 23.66
C ASP B 191 -32.52 -29.05 25.01
N PRO B 192 -33.50 -29.41 25.82
CA PRO B 192 -33.18 -29.99 27.13
C PRO B 192 -32.31 -31.23 26.99
N TYR B 193 -31.38 -31.38 27.92
CA TYR B 193 -30.48 -32.52 27.91
C TYR B 193 -30.06 -32.81 29.34
N PHE B 194 -29.54 -34.01 29.54
CA PHE B 194 -29.00 -34.43 30.83
C PHE B 194 -27.51 -34.15 30.89
N ASP B 195 -27.04 -33.79 32.08
CA ASP B 195 -25.63 -33.50 32.25
C ASP B 195 -25.26 -33.69 33.71
N LYS B 196 -23.96 -33.86 33.94
CA LYS B 196 -23.43 -34.07 35.29
C LYS B 196 -23.22 -32.72 35.99
N VAL B 197 -23.75 -32.61 37.20
CA VAL B 197 -23.54 -31.44 38.06
C VAL B 197 -23.13 -32.00 39.43
N GLY B 198 -21.82 -32.05 39.67
CA GLY B 198 -21.31 -32.54 40.95
C GLY B 198 -21.79 -33.94 41.31
N GLU B 199 -21.61 -34.88 40.37
CA GLU B 199 -22.01 -36.29 40.48
C GLU B 199 -23.52 -36.49 40.38
N ARG B 200 -24.32 -35.43 40.24
CA ARG B 200 -25.74 -35.58 40.00
C ARG B 200 -26.03 -35.58 38.50
N GLN B 201 -27.18 -36.13 38.14
CA GLN B 201 -27.68 -36.10 36.77
C GLN B 201 -28.90 -35.18 36.74
N LEU B 202 -28.73 -33.98 36.19
CA LEU B 202 -29.81 -33.00 36.15
C LEU B 202 -30.24 -32.75 34.72
N LEU B 203 -31.51 -32.35 34.57
CA LEU B 203 -32.07 -31.99 33.27
C LEU B 203 -32.00 -30.48 33.10
N MSE B 204 -31.53 -30.03 31.95
CA MSE B 204 -31.26 -28.61 31.78
C MSE B 204 -31.28 -28.14 30.35
O MSE B 204 -31.23 -28.94 29.41
CB MSE B 204 -29.90 -28.25 32.38
CG MSE B 204 -28.75 -28.71 31.50
SE MSE B 204 -27.01 -28.65 32.39
CE MSE B 204 -27.39 -29.88 33.85
N THR B 205 -31.36 -26.83 30.18
CA THR B 205 -31.04 -26.18 28.93
C THR B 205 -29.85 -25.26 29.16
N SER B 206 -29.29 -24.75 28.07
CA SER B 206 -28.11 -23.90 28.18
C SER B 206 -28.21 -22.80 27.13
N ILE B 207 -27.71 -21.62 27.48
CA ILE B 207 -27.44 -20.55 26.54
C ILE B 207 -25.94 -20.45 26.39
N ALA B 208 -25.43 -20.72 25.19
CA ALA B 208 -24.00 -20.83 24.94
C ALA B 208 -23.58 -19.75 23.95
N PHE B 209 -22.62 -18.92 24.34
CA PHE B 209 -22.09 -17.87 23.47
C PHE B 209 -20.68 -18.21 23.01
N PRO B 210 -20.30 -17.80 21.81
CA PRO B 210 -18.89 -17.86 21.43
C PRO B 210 -18.15 -16.65 22.00
N LEU B 211 -16.92 -16.89 22.45
CA LEU B 211 -16.01 -15.83 22.81
C LEU B 211 -15.20 -15.48 21.57
N GLU B 212 -15.47 -14.32 21.00
CA GLU B 212 -14.93 -13.96 19.70
C GLU B 212 -13.87 -12.86 19.85
N LEU B 213 -12.77 -13.02 19.12
CA LEU B 213 -11.74 -11.99 19.03
C LEU B 213 -11.36 -11.84 17.57
N ASP B 214 -11.57 -10.65 17.02
CA ASP B 214 -11.25 -10.35 15.62
C ASP B 214 -11.94 -11.32 14.66
N GLY B 215 -13.22 -11.60 14.93
CA GLY B 215 -14.00 -12.45 14.05
C GLY B 215 -13.70 -13.93 14.13
N LYS B 216 -12.88 -14.36 15.08
N LYS B 216 -12.87 -14.35 15.06
CA LYS B 216 -12.50 -15.75 15.22
CA LYS B 216 -12.51 -15.76 15.22
C LYS B 216 -12.89 -16.23 16.61
C LYS B 216 -12.90 -16.22 16.61
N VAL B 217 -13.55 -17.39 16.68
CA VAL B 217 -14.02 -17.94 17.94
C VAL B 217 -12.81 -18.50 18.69
N ILE B 218 -12.47 -17.87 19.83
CA ILE B 218 -11.41 -18.38 20.70
C ILE B 218 -11.92 -19.18 21.88
N GLY B 219 -13.23 -19.21 22.11
CA GLY B 219 -13.76 -19.97 23.22
C GLY B 219 -15.27 -19.90 23.26
N VAL B 220 -15.83 -20.60 24.25
CA VAL B 220 -17.27 -20.63 24.46
C VAL B 220 -17.57 -20.35 25.92
N MSE B 221 -18.59 -19.54 26.16
CA MSE B 221 -19.14 -19.34 27.50
C MSE B 221 -20.64 -19.71 27.49
O MSE B 221 -21.35 -19.36 26.55
CB MSE B 221 -18.95 -17.90 27.96
CG MSE B 221 -19.23 -17.68 29.42
SE MSE B 221 -20.01 -15.92 29.75
CE MSE B 221 -21.82 -16.51 30.13
N GLY B 222 -21.10 -20.40 28.52
CA GLY B 222 -22.49 -20.81 28.58
C GLY B 222 -23.04 -20.70 29.98
N LEU B 223 -24.36 -20.54 30.06
CA LEU B 223 -25.12 -20.60 31.30
C LEU B 223 -26.09 -21.78 31.23
N ASP B 224 -26.04 -22.63 32.25
CA ASP B 224 -26.99 -23.73 32.37
C ASP B 224 -28.20 -23.27 33.19
N ILE B 225 -29.39 -23.55 32.68
CA ILE B 225 -30.63 -23.25 33.39
C ILE B 225 -31.29 -24.57 33.76
N ASN B 226 -31.53 -24.76 35.05
CA ASN B 226 -32.22 -25.96 35.51
C ASN B 226 -33.64 -25.99 34.94
N LEU B 227 -34.02 -27.13 34.35
CA LEU B 227 -35.38 -27.27 33.85
C LEU B 227 -36.43 -27.23 34.95
N SER B 228 -36.06 -27.53 36.19
CA SER B 228 -37.02 -27.40 37.28
C SER B 228 -37.46 -25.95 37.43
N ASN B 229 -36.62 -25.00 37.04
CA ASN B 229 -37.03 -23.60 37.06
C ASN B 229 -38.06 -23.31 35.97
N LEU B 230 -37.89 -23.90 34.79
CA LEU B 230 -38.87 -23.71 33.73
C LEU B 230 -40.17 -24.43 34.09
N GLN B 231 -40.07 -25.60 34.72
CA GLN B 231 -41.25 -26.26 35.25
C GLN B 231 -41.98 -25.35 36.24
N ALA B 232 -41.24 -24.76 37.18
CA ALA B 232 -41.84 -23.78 38.09
C ALA B 232 -42.45 -22.62 37.33
N LEU B 233 -41.83 -22.21 36.22
N LEU B 233 -41.84 -22.22 36.21
CA LEU B 233 -42.35 -21.10 35.44
CA LEU B 233 -42.34 -21.10 35.43
C LEU B 233 -43.71 -21.44 34.82
C LEU B 233 -43.69 -21.42 34.79
N SER B 234 -43.84 -22.64 34.28
CA SER B 234 -45.11 -23.03 33.66
C SER B 234 -46.20 -23.21 34.70
N GLU B 235 -45.84 -23.60 35.92
CA GLU B 235 -46.84 -23.74 36.98
C GLU B 235 -47.33 -22.37 37.46
N GLN B 236 -46.40 -21.43 37.64
CA GLN B 236 -46.78 -20.07 38.00
C GLN B 236 -47.63 -19.42 36.92
N GLY B 237 -47.28 -19.64 35.66
CA GLY B 237 -48.04 -19.05 34.57
C GLY B 237 -49.40 -19.69 34.40
N ASN B 238 -49.52 -20.97 34.71
CA ASN B 238 -50.83 -21.62 34.68
C ASN B 238 -51.74 -21.05 35.77
N ARG B 239 -51.18 -20.68 36.92
N ARG B 239 -51.18 -20.67 36.92
CA ARG B 239 -51.97 -20.04 37.96
CA ARG B 239 -51.99 -20.05 37.97
C ARG B 239 -52.61 -18.75 37.48
C ARG B 239 -52.56 -18.71 37.52
N GLU B 240 -51.94 -18.05 36.56
CA GLU B 240 -52.43 -16.77 36.04
C GLU B 240 -53.36 -16.93 34.85
N LEU B 241 -53.62 -18.17 34.42
CA LEU B 241 -54.48 -18.45 33.27
C LEU B 241 -55.77 -19.07 33.81
N TYR B 242 -56.75 -18.22 34.13
CA TYR B 242 -58.05 -18.64 34.66
C TYR B 242 -57.90 -19.44 35.96
N ASP B 243 -57.01 -18.99 36.84
CA ASP B 243 -56.79 -19.63 38.14
C ASP B 243 -56.40 -21.09 38.03
N GLY B 244 -56.00 -21.56 36.86
CA GLY B 244 -55.43 -22.88 36.71
C GLY B 244 -56.33 -23.98 36.21
N VAL B 245 -57.48 -23.64 35.62
CA VAL B 245 -58.42 -24.67 35.16
C VAL B 245 -57.76 -25.59 34.15
N GLY B 246 -56.90 -25.02 33.29
CA GLY B 246 -56.21 -25.81 32.29
C GLY B 246 -54.74 -26.01 32.60
N GLN B 247 -53.91 -26.15 31.57
CA GLN B 247 -52.51 -26.45 31.77
C GLN B 247 -51.67 -25.59 30.82
N VAL B 248 -50.43 -25.37 31.21
CA VAL B 248 -49.48 -24.59 30.43
C VAL B 248 -48.19 -25.39 30.30
N GLY B 249 -47.76 -25.61 29.06
CA GLY B 249 -46.52 -26.32 28.80
C GLY B 249 -45.52 -25.50 28.02
N ILE B 250 -44.24 -25.84 28.14
CA ILE B 250 -43.16 -25.21 27.38
C ILE B 250 -42.53 -26.29 26.51
N LEU B 251 -42.42 -26.02 25.21
CA LEU B 251 -41.91 -26.97 24.23
C LEU B 251 -40.61 -26.45 23.62
N SER B 252 -39.56 -27.28 23.70
CA SER B 252 -38.32 -26.98 23.02
C SER B 252 -38.50 -27.20 21.52
N PRO B 253 -37.60 -26.65 20.70
CA PRO B 253 -37.77 -26.81 19.24
C PRO B 253 -37.84 -28.24 18.77
N ALA B 254 -37.09 -29.15 19.39
CA ALA B 254 -37.13 -30.54 19.01
C ALA B 254 -38.43 -31.22 19.42
N GLY B 255 -39.25 -30.57 20.24
CA GLY B 255 -40.48 -31.15 20.72
C GLY B 255 -40.44 -31.69 22.12
N LEU B 256 -39.43 -31.34 22.91
CA LEU B 256 -39.34 -31.79 24.29
C LEU B 256 -40.03 -30.79 25.23
N PHE B 257 -40.59 -31.33 26.30
CA PHE B 257 -41.20 -30.50 27.33
C PHE B 257 -40.11 -29.91 28.22
N ALA B 258 -40.03 -28.58 28.26
CA ALA B 258 -39.25 -27.90 29.28
C ALA B 258 -40.11 -27.51 30.48
N GLY B 259 -41.43 -27.65 30.36
CA GLY B 259 -42.34 -27.35 31.45
C GLY B 259 -43.73 -27.90 31.17
N ASN B 260 -44.45 -28.30 32.23
CA ASN B 260 -45.78 -28.88 32.05
C ASN B 260 -46.49 -28.78 33.40
N SER B 261 -47.38 -27.80 33.53
CA SER B 261 -48.03 -27.54 34.81
C SER B 261 -48.92 -28.69 35.26
N ARG B 262 -49.37 -29.54 34.33
N ARG B 262 -49.39 -29.52 34.34
CA ARG B 262 -50.26 -30.64 34.68
CA ARG B 262 -50.25 -30.64 34.70
C ARG B 262 -49.48 -31.84 35.24
C ARG B 262 -49.44 -31.80 35.28
N ASP B 263 -48.44 -32.28 34.53
CA ASP B 263 -47.63 -33.42 34.96
C ASP B 263 -46.15 -33.06 34.81
N ALA B 264 -45.52 -32.73 35.93
CA ALA B 264 -44.09 -32.46 35.94
C ALA B 264 -43.26 -33.65 35.49
N GLY B 265 -43.83 -34.86 35.47
CA GLY B 265 -43.11 -36.03 35.01
C GLY B 265 -42.82 -36.03 33.52
N LEU B 266 -43.47 -35.15 32.75
CA LEU B 266 -43.25 -35.07 31.32
C LEU B 266 -42.05 -34.19 30.95
N LEU B 267 -41.30 -33.70 31.93
CA LEU B 267 -40.14 -32.87 31.66
C LEU B 267 -39.13 -33.66 30.84
N GLY B 268 -38.70 -33.08 29.71
CA GLY B 268 -37.78 -33.74 28.82
C GLY B 268 -38.38 -34.82 27.96
N LYS B 269 -39.69 -35.05 28.04
CA LYS B 269 -40.33 -36.05 27.21
C LYS B 269 -40.83 -35.43 25.92
N ASN B 270 -40.82 -36.21 24.86
CA ASN B 270 -41.24 -35.78 23.55
C ASN B 270 -42.73 -35.53 23.49
N LEU B 271 -43.17 -34.62 22.66
CA LEU B 271 -44.58 -34.25 22.63
C LEU B 271 -45.48 -35.45 22.36
N ALA B 272 -44.97 -36.45 21.64
CA ALA B 272 -45.77 -37.63 21.31
C ALA B 272 -46.17 -38.44 22.54
N LYS B 273 -45.49 -38.27 23.67
N LYS B 273 -45.48 -38.27 23.66
CA LYS B 273 -45.83 -39.02 24.86
CA LYS B 273 -45.82 -39.01 24.87
C LYS B 273 -47.13 -38.52 25.49
C LYS B 273 -47.13 -38.53 25.48
N ALA B 274 -47.43 -37.23 25.36
CA ALA B 274 -48.63 -36.66 25.95
C ALA B 274 -49.76 -36.46 24.94
N ASP B 275 -49.44 -36.22 23.68
CA ASP B 275 -50.46 -36.00 22.65
C ASP B 275 -49.92 -36.52 21.32
N PRO B 276 -49.98 -37.84 21.12
CA PRO B 276 -49.39 -38.41 19.90
C PRO B 276 -50.17 -38.11 18.63
N GLN B 277 -51.41 -37.63 18.74
CA GLN B 277 -52.23 -37.41 17.55
C GLN B 277 -51.90 -36.09 16.86
N HIS B 278 -51.67 -35.02 17.63
CA HIS B 278 -51.37 -33.72 17.08
C HIS B 278 -49.90 -33.35 17.18
N ALA B 279 -49.06 -34.24 17.72
CA ALA B 279 -47.65 -33.89 17.93
C ALA B 279 -46.96 -33.57 16.62
N GLY B 280 -47.31 -34.29 15.55
CA GLY B 280 -46.67 -34.04 14.27
C GLY B 280 -46.96 -32.66 13.71
N GLU B 281 -48.21 -32.21 13.85
CA GLU B 281 -48.61 -30.95 13.22
C GLU B 281 -48.12 -29.75 14.02
N LEU B 282 -48.20 -29.81 15.35
CA LEU B 282 -47.76 -28.70 16.20
C LEU B 282 -46.25 -28.48 16.14
N LEU B 283 -45.48 -29.55 15.87
CA LEU B 283 -44.05 -29.39 15.72
C LEU B 283 -43.71 -28.61 14.46
N GLN B 284 -44.42 -28.86 13.37
N GLN B 284 -44.42 -28.89 13.36
CA GLN B 284 -44.17 -28.10 12.14
CA GLN B 284 -44.21 -28.12 12.13
C GLN B 284 -44.62 -26.66 12.27
C GLN B 284 -44.59 -26.66 12.31
N LEU B 285 -45.71 -26.40 13.00
CA LEU B 285 -46.10 -25.02 13.28
C LEU B 285 -45.06 -24.34 14.15
N LEU B 286 -44.48 -25.08 15.10
CA LEU B 286 -43.40 -24.56 15.93
C LEU B 286 -42.19 -24.19 15.07
N ALA B 287 -41.71 -25.15 14.28
CA ALA B 287 -40.53 -24.91 13.44
C ALA B 287 -40.72 -23.71 12.55
N ALA B 288 -41.93 -23.50 12.04
CA ALA B 288 -42.25 -22.36 11.18
C ALA B 288 -42.58 -21.10 11.95
N GLY B 289 -42.60 -21.14 13.28
CA GLY B 289 -42.94 -19.99 14.09
C GLY B 289 -44.36 -19.48 13.86
N LYS B 290 -45.33 -20.38 13.86
N LYS B 290 -45.34 -20.38 13.85
CA LYS B 290 -46.72 -20.00 13.60
CA LYS B 290 -46.72 -20.01 13.60
C LYS B 290 -47.54 -20.23 14.86
C LYS B 290 -47.54 -20.22 14.87
N SER B 291 -48.40 -19.25 15.20
CA SER B 291 -49.23 -19.32 16.40
C SER B 291 -50.66 -19.69 16.01
N ARG B 292 -51.13 -20.83 16.49
CA ARG B 292 -52.45 -21.33 16.14
C ARG B 292 -53.32 -21.54 17.38
N LEU B 293 -54.64 -21.40 17.19
CA LEU B 293 -55.65 -21.76 18.19
C LEU B 293 -56.40 -22.98 17.70
N PHE B 294 -56.43 -24.03 18.50
CA PHE B 294 -57.09 -25.29 18.15
C PHE B 294 -58.36 -25.48 18.95
N ASN B 295 -59.35 -26.06 18.30
CA ASN B 295 -60.58 -26.39 18.97
C ASN B 295 -60.58 -27.83 19.12
N GLU B 296 -60.27 -28.23 20.30
CA GLU B 296 -60.33 -29.62 20.63
C GLU B 296 -61.75 -29.89 21.06
N ASN B 297 -62.01 -31.15 21.29
CA ASN B 297 -63.33 -31.58 21.63
C ASN B 297 -63.92 -30.89 22.88
N ASP B 298 -63.18 -30.82 23.94
CA ASP B 298 -63.73 -30.25 25.14
C ASP B 298 -63.11 -28.97 25.62
N ASP B 299 -61.90 -28.73 25.14
CA ASP B 299 -61.04 -27.63 25.53
C ASP B 299 -60.49 -26.96 24.28
N LEU B 300 -59.81 -25.85 24.49
CA LEU B 300 -59.12 -25.12 23.43
C LEU B 300 -57.62 -25.26 23.64
N LYS B 301 -56.87 -25.33 22.54
CA LYS B 301 -55.42 -25.47 22.58
C LYS B 301 -54.79 -24.30 21.85
N VAL B 302 -53.86 -23.62 22.52
CA VAL B 302 -53.16 -22.47 21.97
C VAL B 302 -51.68 -22.78 21.89
N LEU B 303 -51.12 -22.74 20.69
CA LEU B 303 -49.70 -22.85 20.46
C LEU B 303 -49.15 -21.48 20.10
N GLN B 304 -48.30 -20.93 20.95
CA GLN B 304 -47.68 -19.63 20.70
C GLN B 304 -46.17 -19.79 20.69
N PRO B 305 -45.51 -19.67 19.53
CA PRO B 305 -44.05 -19.73 19.49
C PRO B 305 -43.41 -18.53 20.16
N LEU B 306 -42.16 -18.72 20.56
CA LEU B 306 -41.37 -17.66 21.15
C LEU B 306 -39.90 -17.91 20.82
N GLN B 307 -39.15 -16.81 20.65
CA GLN B 307 -37.71 -16.89 20.46
C GLN B 307 -37.03 -16.57 21.78
N PRO B 308 -36.31 -17.49 22.41
CA PRO B 308 -35.74 -17.20 23.74
C PRO B 308 -34.64 -16.15 23.71
N ILE B 309 -33.82 -16.16 22.66
CA ILE B 309 -32.77 -15.16 22.44
C ILE B 309 -32.94 -14.66 21.01
N PRO B 310 -32.27 -13.59 20.58
CA PRO B 310 -32.46 -13.11 19.20
C PRO B 310 -32.05 -14.16 18.17
N GLY B 311 -32.82 -14.23 17.09
CA GLY B 311 -32.52 -15.12 15.98
C GLY B 311 -32.62 -16.60 16.28
N ALA B 312 -33.03 -16.93 17.50
CA ALA B 312 -33.06 -18.33 17.91
C ALA B 312 -34.22 -19.05 17.23
N LYS B 313 -34.07 -20.36 17.09
N LYS B 313 -34.08 -20.35 17.08
CA LYS B 313 -35.15 -21.17 16.56
CA LYS B 313 -35.17 -21.10 16.50
C LYS B 313 -36.31 -21.16 17.57
C LYS B 313 -36.30 -21.20 17.52
N PRO B 314 -37.55 -21.01 17.10
CA PRO B 314 -38.64 -20.76 18.05
C PRO B 314 -38.92 -21.93 18.98
N TRP B 315 -38.94 -21.61 20.28
CA TRP B 315 -39.57 -22.45 21.29
C TRP B 315 -41.07 -22.17 21.29
N GLY B 316 -41.79 -22.87 22.15
CA GLY B 316 -43.24 -22.79 22.15
C GLY B 316 -43.81 -22.89 23.54
N VAL B 317 -44.88 -22.14 23.76
CA VAL B 317 -45.76 -22.31 24.92
C VAL B 317 -47.06 -22.91 24.39
N LEU B 318 -47.54 -23.95 25.06
CA LEU B 318 -48.73 -24.69 24.63
C LEU B 318 -49.79 -24.58 25.71
N LEU B 319 -50.89 -23.89 25.40
CA LEU B 319 -51.97 -23.65 26.34
C LEU B 319 -53.10 -24.65 26.15
N GLU B 320 -53.76 -24.97 27.25
CA GLU B 320 -54.94 -25.84 27.23
C GLU B 320 -55.94 -25.26 28.22
N VAL B 321 -57.11 -24.88 27.72
CA VAL B 321 -58.15 -24.29 28.55
C VAL B 321 -59.47 -25.01 28.26
N PRO B 322 -60.13 -25.59 29.27
CA PRO B 322 -61.45 -26.20 29.03
C PRO B 322 -62.43 -25.17 28.50
N LYS B 323 -63.31 -25.62 27.60
CA LYS B 323 -64.27 -24.70 26.98
C LYS B 323 -65.20 -24.08 28.01
N SER B 324 -65.52 -24.82 29.08
CA SER B 324 -66.37 -24.30 30.14
C SER B 324 -65.75 -23.13 30.89
N ALA B 325 -64.46 -22.85 30.67
CA ALA B 325 -63.80 -21.72 31.31
C ALA B 325 -64.14 -20.39 30.63
N LEU B 326 -65.00 -20.40 29.62
CA LEU B 326 -65.41 -19.18 28.95
C LEU B 326 -66.91 -18.91 29.17
N GLN C 33 63.22 18.96 -3.56
CA GLN C 33 63.31 18.11 -2.37
C GLN C 33 62.59 18.78 -1.21
N MSE C 34 62.90 20.04 -0.96
CA MSE C 34 62.09 20.86 -0.08
C MSE C 34 60.77 21.11 -0.79
O MSE C 34 59.70 21.09 -0.19
CB MSE C 34 62.76 22.19 0.25
CG MSE C 34 63.50 22.22 1.59
SE MSE C 34 64.68 23.76 1.74
CE MSE C 34 63.35 25.14 2.13
N LEU C 35 60.89 21.36 -2.11
CA LEU C 35 59.71 21.46 -2.95
C LEU C 35 58.90 20.17 -2.93
N ASP C 36 59.60 19.02 -2.91
CA ASP C 36 58.92 17.73 -2.99
C ASP C 36 58.27 17.35 -1.66
N GLU C 37 58.84 17.76 -0.53
N GLU C 37 58.84 17.77 -0.53
CA GLU C 37 58.23 17.46 0.77
CA GLU C 37 58.23 17.46 0.76
C GLU C 37 56.99 18.30 0.99
C GLU C 37 56.99 18.30 1.02
N SER C 38 57.03 19.58 0.60
CA SER C 38 55.86 20.44 0.78
C SER C 38 54.72 20.05 -0.15
N ALA C 39 55.02 19.53 -1.34
CA ALA C 39 53.97 19.03 -2.21
C ALA C 39 53.39 17.72 -1.69
N ARG C 40 54.20 16.93 -0.98
N ARG C 40 54.22 16.93 -1.00
CA ARG C 40 53.70 15.68 -0.43
CA ARG C 40 53.75 15.68 -0.41
C ARG C 40 52.70 15.93 0.69
C ARG C 40 52.70 15.96 0.67
N LEU C 41 53.05 16.81 1.63
CA LEU C 41 52.15 17.06 2.75
C LEU C 41 50.92 17.86 2.35
N ARG C 42 51.00 18.67 1.28
CA ARG C 42 49.78 19.32 0.79
C ARG C 42 48.81 18.31 0.20
N LEU C 43 49.33 17.32 -0.53
CA LEU C 43 48.45 16.32 -1.12
C LEU C 43 47.84 15.41 -0.06
N GLU C 44 48.63 15.03 0.95
CA GLU C 44 48.08 14.25 2.05
C GLU C 44 46.93 14.99 2.73
N ALA C 45 47.14 16.28 3.03
CA ALA C 45 46.09 17.07 3.65
C ALA C 45 44.86 17.15 2.77
N ARG C 46 45.04 17.33 1.46
CA ARG C 46 43.91 17.26 0.53
C ARG C 46 43.26 15.88 0.55
N GLY C 47 44.06 14.83 0.76
CA GLY C 47 43.50 13.50 0.85
C GLY C 47 42.60 13.32 2.06
N GLU C 48 43.04 13.83 3.21
CA GLU C 48 42.19 13.80 4.40
C GLU C 48 40.89 14.57 4.16
N LEU C 49 40.99 15.78 3.61
CA LEU C 49 39.79 16.59 3.36
C LEU C 49 38.82 15.87 2.45
N GLN C 50 39.32 15.26 1.37
CA GLN C 50 38.44 14.55 0.46
C GLN C 50 37.79 13.35 1.14
N ALA C 51 38.56 12.63 1.97
CA ALA C 51 38.00 11.51 2.72
C ALA C 51 36.94 11.98 3.71
N LEU C 52 37.23 13.06 4.44
CA LEU C 52 36.26 13.61 5.38
C LEU C 52 34.93 13.94 4.70
N ARG C 53 34.99 14.47 3.47
N ARG C 53 34.99 14.46 3.46
CA ARG C 53 33.76 14.81 2.76
CA ARG C 53 33.77 14.82 2.76
C ARG C 53 32.94 13.56 2.45
C ARG C 53 32.94 13.58 2.42
N ILE C 54 33.60 12.54 1.90
CA ILE C 54 32.87 11.29 1.60
C ILE C 54 32.38 10.64 2.89
N GLN C 55 33.11 10.83 3.99
CA GLN C 55 32.73 10.25 5.27
C GLN C 55 31.43 10.84 5.79
N ARG C 56 31.32 12.17 5.75
N ARG C 56 31.32 12.17 5.75
CA ARG C 56 30.09 12.79 6.25
CA ARG C 56 30.10 12.81 6.24
C ARG C 56 28.90 12.57 5.33
C ARG C 56 28.91 12.54 5.34
N TYR C 57 29.15 12.18 4.08
CA TYR C 57 28.05 11.78 3.20
C TYR C 57 27.47 10.44 3.63
N PHE C 58 28.33 9.44 3.86
CA PHE C 58 27.87 8.17 4.40
C PHE C 58 27.30 8.34 5.80
N MSE C 59 27.98 9.10 6.64
CA MSE C 59 27.56 9.30 8.02
C MSE C 59 26.17 9.91 8.14
O MSE C 59 25.44 9.58 9.07
CB MSE C 59 28.58 10.17 8.75
CG MSE C 59 28.64 9.89 10.24
SE MSE C 59 29.14 8.04 10.59
CE MSE C 59 30.98 8.16 9.94
N ASP C 60 25.82 10.81 7.22
CA ASP C 60 24.49 11.41 7.25
C ASP C 60 23.41 10.38 6.90
N ALA C 61 23.66 9.56 5.88
CA ALA C 61 22.72 8.51 5.54
C ALA C 61 22.65 7.46 6.65
N PHE C 62 23.78 7.18 7.30
CA PHE C 62 23.76 6.23 8.40
C PHE C 62 22.91 6.75 9.56
N GLN C 63 23.17 7.99 10.00
CA GLN C 63 22.39 8.53 11.12
C GLN C 63 20.91 8.64 10.78
N TYR C 64 20.60 9.06 9.55
CA TYR C 64 19.21 9.06 9.10
C TYR C 64 18.61 7.66 9.20
N GLY C 65 19.36 6.64 8.81
CA GLY C 65 18.87 5.27 8.97
C GLY C 65 18.71 4.90 10.42
N LYS C 66 19.62 5.34 11.29
N LYS C 66 19.62 5.35 11.29
CA LYS C 66 19.52 5.06 12.72
CA LYS C 66 19.52 5.05 12.71
C LYS C 66 18.26 5.66 13.31
C LYS C 66 18.26 5.66 13.31
N GLY C 67 17.91 6.87 12.89
CA GLY C 67 16.71 7.51 13.42
C GLY C 67 15.45 6.75 13.06
N PHE C 68 15.29 6.40 11.77
CA PHE C 68 14.09 5.67 11.37
C PHE C 68 14.09 4.25 11.95
N SER C 69 15.28 3.69 12.18
CA SER C 69 15.38 2.41 12.87
C SER C 69 14.64 2.42 14.20
N ARG C 70 14.86 3.45 15.00
CA ARG C 70 14.20 3.55 16.30
C ARG C 70 12.70 3.74 16.15
N GLN C 71 12.25 4.40 15.08
N GLN C 71 12.28 4.42 15.08
CA GLN C 71 10.82 4.51 14.83
CA GLN C 71 10.87 4.54 14.76
C GLN C 71 10.22 3.15 14.51
C GLN C 71 10.24 3.18 14.48
N ILE C 72 10.95 2.31 13.78
CA ILE C 72 10.44 0.99 13.44
C ILE C 72 10.32 0.13 14.70
N LEU C 73 11.32 0.15 15.57
CA LEU C 73 11.27 -0.72 16.73
C LEU C 73 10.27 -0.22 17.76
N PHE C 74 10.03 1.09 17.80
CA PHE C 74 9.02 1.59 18.74
C PHE C 74 7.63 1.12 18.35
N LEU C 75 7.28 1.20 17.06
CA LEU C 75 5.98 0.73 16.60
C LEU C 75 5.79 -0.75 16.87
N ARG C 76 6.82 -1.56 16.60
CA ARG C 76 6.74 -2.97 16.92
C ARG C 76 6.58 -3.17 18.42
N ASP C 77 7.27 -2.36 19.21
CA ASP C 77 7.16 -2.46 20.65
C ASP C 77 5.75 -2.10 21.12
N GLN C 78 5.11 -1.10 20.49
CA GLN C 78 3.74 -0.76 20.84
C GLN C 78 2.79 -1.89 20.51
N ALA C 79 3.03 -2.60 19.41
CA ALA C 79 2.22 -3.77 19.08
C ALA C 79 2.45 -4.89 20.10
N GLN C 80 3.71 -5.11 20.47
CA GLN C 80 4.03 -6.15 21.43
C GLN C 80 3.35 -5.90 22.77
N LYS C 81 3.31 -4.65 23.21
CA LYS C 81 2.60 -4.29 24.43
C LYS C 81 1.09 -4.15 24.22
N ARG C 82 0.60 -4.49 23.03
CA ARG C 82 -0.83 -4.51 22.74
C ARG C 82 -1.47 -3.12 22.84
N PHE C 83 -0.69 -2.08 22.59
CA PHE C 83 -1.24 -0.74 22.44
C PHE C 83 -1.62 -0.43 20.98
N LEU C 84 -1.37 -1.36 20.07
CA LEU C 84 -1.54 -1.10 18.64
C LEU C 84 -1.75 -2.45 17.97
N ASP C 85 -2.86 -2.61 17.24
CA ASP C 85 -3.10 -3.91 16.61
C ASP C 85 -2.21 -4.08 15.39
N ALA C 86 -2.09 -5.34 14.94
CA ALA C 86 -1.15 -5.66 13.88
C ALA C 86 -1.54 -4.99 12.56
N TYR C 87 -2.83 -4.82 12.30
CA TYR C 87 -3.26 -4.22 11.05
C TYR C 87 -2.84 -2.75 10.97
N ASP C 88 -3.13 -1.99 12.03
CA ASP C 88 -2.61 -0.63 12.12
C ASP C 88 -1.09 -0.62 12.07
N LEU C 89 -0.46 -1.57 12.74
CA LEU C 89 1.01 -1.59 12.78
C LEU C 89 1.57 -1.74 11.37
N ARG C 90 1.07 -2.70 10.61
CA ARG C 90 1.65 -2.94 9.29
C ARG C 90 1.34 -1.80 8.33
N GLU C 91 0.22 -1.11 8.52
CA GLU C 91 -0.06 0.07 7.72
C GLU C 91 0.85 1.23 8.10
N ASP C 92 1.07 1.44 9.40
CA ASP C 92 1.96 2.51 9.84
C ASP C 92 3.38 2.29 9.35
N LEU C 93 3.87 1.05 9.42
CA LEU C 93 5.22 0.75 8.93
C LEU C 93 5.32 1.00 7.43
N THR C 94 4.35 0.50 6.68
CA THR C 94 4.40 0.67 5.23
C THR C 94 4.33 2.15 4.86
N ARG C 95 3.49 2.92 5.53
N ARG C 95 3.50 2.92 5.54
CA ARG C 95 3.37 4.34 5.24
CA ARG C 95 3.38 4.33 5.22
C ARG C 95 4.62 5.10 5.66
C ARG C 95 4.61 5.12 5.67
N GLN C 96 5.15 4.80 6.84
CA GLN C 96 6.27 5.58 7.35
C GLN C 96 7.60 5.28 6.66
N VAL C 97 7.73 4.12 6.00
CA VAL C 97 8.91 3.88 5.18
C VAL C 97 8.90 4.79 3.96
N ARG C 98 7.73 4.92 3.31
CA ARG C 98 7.62 5.80 2.14
C ARG C 98 7.80 7.26 2.52
N THR C 99 7.31 7.66 3.70
CA THR C 99 7.47 9.04 4.13
C THR C 99 8.92 9.33 4.47
N ALA C 100 9.63 8.36 5.04
CA ALA C 100 11.04 8.54 5.36
C ALA C 100 11.88 8.60 4.10
N LEU C 101 11.54 7.79 3.10
CA LEU C 101 12.26 7.85 1.84
C LEU C 101 12.00 9.17 1.12
N ALA C 102 10.73 9.60 1.10
CA ALA C 102 10.36 10.83 0.41
C ALA C 102 11.09 12.04 0.99
N ALA C 103 11.26 12.08 2.30
CA ALA C 103 11.93 13.21 2.94
C ALA C 103 13.44 13.20 2.75
N ASN C 104 14.00 12.19 2.09
CA ASN C 104 15.44 12.12 1.82
C ASN C 104 15.65 11.85 0.34
N PRO C 105 15.85 12.90 -0.46
CA PRO C 105 16.06 12.69 -1.91
C PRO C 105 17.40 12.06 -2.24
N GLU C 106 18.35 12.02 -1.30
CA GLU C 106 19.65 11.40 -1.54
C GLU C 106 19.60 9.88 -1.54
N VAL C 107 18.52 9.29 -1.05
CA VAL C 107 18.42 7.84 -0.87
C VAL C 107 17.61 7.26 -2.00
N LEU C 108 18.12 6.18 -2.61
CA LEU C 108 17.44 5.54 -3.73
C LEU C 108 16.26 4.69 -3.25
N GLY C 109 16.48 3.89 -2.21
CA GLY C 109 15.45 2.99 -1.74
C GLY C 109 15.62 2.72 -0.26
N LEU C 110 14.55 2.24 0.35
CA LEU C 110 14.53 1.92 1.78
C LEU C 110 13.78 0.61 1.95
N TYR C 111 14.45 -0.39 2.53
CA TYR C 111 13.87 -1.70 2.68
C TYR C 111 13.84 -2.12 4.14
N VAL C 112 12.78 -2.83 4.53
CA VAL C 112 12.59 -3.33 5.88
C VAL C 112 12.18 -4.79 5.80
N VAL C 113 12.97 -5.68 6.41
CA VAL C 113 12.65 -7.10 6.45
C VAL C 113 12.75 -7.58 7.90
N PHE C 114 11.70 -8.19 8.39
CA PHE C 114 11.71 -8.85 9.67
C PHE C 114 11.88 -10.35 9.48
N GLU C 115 12.43 -11.00 10.50
CA GLU C 115 12.43 -12.46 10.53
C GLU C 115 11.00 -12.98 10.47
N PRO C 116 10.81 -14.25 10.05
CA PRO C 116 9.45 -14.81 10.04
C PRO C 116 8.74 -14.68 11.38
N ASN C 117 7.56 -14.06 11.38
CA ASN C 117 6.72 -13.86 12.56
C ASN C 117 7.39 -13.00 13.62
N ALA C 118 8.51 -12.35 13.30
CA ALA C 118 9.24 -11.56 14.28
C ALA C 118 8.66 -10.16 14.46
N LEU C 119 7.84 -9.67 13.52
CA LEU C 119 7.28 -8.34 13.70
C LEU C 119 6.17 -8.35 14.74
N ASP C 120 5.17 -9.22 14.55
CA ASP C 120 4.03 -9.26 15.45
C ASP C 120 3.52 -10.67 15.72
N GLY C 121 4.24 -11.69 15.26
CA GLY C 121 3.80 -13.07 15.43
C GLY C 121 2.62 -13.47 14.58
N LYS C 122 2.23 -12.68 13.59
CA LYS C 122 1.00 -12.92 12.87
C LYS C 122 1.19 -12.87 11.35
N ASP C 123 2.28 -13.45 10.87
CA ASP C 123 2.50 -13.49 9.42
C ASP C 123 1.37 -14.19 8.68
N GLU C 124 0.72 -15.18 9.32
CA GLU C 124 -0.33 -15.93 8.66
C GLU C 124 -1.51 -15.04 8.27
N LEU C 125 -1.78 -13.99 9.05
CA LEU C 125 -2.89 -13.10 8.74
C LEU C 125 -2.61 -12.19 7.55
N PHE C 126 -1.36 -12.06 7.13
CA PHE C 126 -0.99 -11.07 6.12
C PHE C 126 -0.31 -11.71 4.92
N VAL C 127 -0.65 -12.96 4.61
CA VAL C 127 -0.14 -13.57 3.39
C VAL C 127 -0.67 -12.80 2.20
N ASP C 128 0.26 -12.37 1.33
CA ASP C 128 -0.08 -11.67 0.08
C ASP C 128 -0.80 -10.36 0.33
N GLN C 129 -0.26 -9.55 1.25
CA GLN C 129 -0.81 -8.23 1.57
C GLN C 129 0.26 -7.19 1.27
N PRO C 130 0.56 -6.95 0.00
CA PRO C 130 1.68 -6.04 -0.33
C PRO C 130 1.39 -4.58 -0.03
N ALA C 131 0.13 -4.15 0.03
CA ALA C 131 -0.16 -2.80 0.50
C ALA C 131 0.15 -2.63 1.97
N LEU C 132 0.37 -3.72 2.71
CA LEU C 132 0.88 -3.70 4.07
C LEU C 132 2.29 -4.27 4.16
N GLY C 133 3.04 -4.23 3.07
CA GLY C 133 4.43 -4.65 3.07
C GLY C 133 4.65 -6.09 3.46
N SER C 134 3.72 -6.98 3.12
CA SER C 134 3.73 -8.35 3.60
C SER C 134 3.83 -9.33 2.43
N ASN C 135 4.53 -10.42 2.72
N ASN C 135 4.70 -10.32 2.56
CA ASN C 135 5.19 -11.30 1.76
CA ASN C 135 5.09 -11.03 1.34
C ASN C 135 4.22 -12.29 1.12
C ASN C 135 4.26 -12.29 1.14
N ASP C 136 4.78 -13.25 0.36
CA ASP C 136 4.05 -14.43 -0.02
C ASP C 136 3.90 -15.40 1.16
N LYS C 137 4.68 -15.21 2.22
N LYS C 137 4.68 -15.21 2.22
CA LYS C 137 4.53 -15.97 3.46
CA LYS C 137 4.54 -15.96 3.45
C LYS C 137 4.02 -15.09 4.59
C LYS C 137 4.01 -15.09 4.59
N GLY C 138 3.51 -13.89 4.28
CA GLY C 138 3.07 -12.96 5.30
C GLY C 138 4.18 -12.30 6.07
N ARG C 139 5.43 -12.53 5.68
CA ARG C 139 6.54 -11.87 6.34
C ARG C 139 6.51 -10.39 5.98
N PHE C 140 6.81 -9.54 6.96
CA PHE C 140 6.94 -8.13 6.64
C PHE C 140 8.26 -7.93 5.90
N SER C 141 8.16 -7.61 4.61
CA SER C 141 9.31 -7.56 3.71
C SER C 141 9.02 -6.47 2.67
N LEU C 142 9.39 -5.24 2.98
CA LEU C 142 8.87 -4.08 2.27
C LEU C 142 9.99 -3.24 1.69
N TYR C 143 9.72 -2.65 0.53
CA TYR C 143 10.66 -1.80 -0.19
C TYR C 143 9.88 -0.63 -0.78
N TRP C 144 10.38 0.58 -0.55
CA TRP C 144 9.99 1.75 -1.33
C TRP C 144 11.22 2.26 -2.07
N ALA C 145 11.02 2.76 -3.27
CA ALA C 145 12.13 3.19 -4.11
C ALA C 145 11.71 4.40 -4.91
N GLN C 146 12.68 5.28 -5.17
CA GLN C 146 12.46 6.45 -6.03
C GLN C 146 13.65 6.53 -7.00
N ALA C 147 13.46 6.02 -8.23
CA ALA C 147 14.52 6.07 -9.24
C ALA C 147 15.05 7.49 -9.40
N THR C 148 14.19 8.42 -9.78
CA THR C 148 14.39 9.82 -9.50
C THR C 148 13.56 10.23 -8.29
N PRO C 149 13.96 11.27 -7.56
CA PRO C 149 13.24 11.60 -6.31
C PRO C 149 11.76 11.87 -6.53
N GLY C 150 10.95 11.33 -5.62
CA GLY C 150 9.51 11.53 -5.65
C GLY C 150 8.73 10.53 -6.47
N GLN C 151 9.40 9.66 -7.23
CA GLN C 151 8.72 8.65 -8.03
C GLN C 151 8.61 7.35 -7.21
N LEU C 152 7.77 7.42 -6.18
CA LEU C 152 7.79 6.44 -5.10
C LEU C 152 6.88 5.27 -5.45
N GLU C 153 7.49 4.10 -5.64
CA GLU C 153 6.78 2.86 -5.86
C GLU C 153 7.33 1.79 -4.93
N SER C 154 6.58 0.71 -4.79
CA SER C 154 6.81 -0.23 -3.70
C SER C 154 6.98 -1.65 -4.22
N GLU C 155 7.62 -2.46 -3.39
CA GLU C 155 7.79 -3.88 -3.63
C GLU C 155 7.71 -4.60 -2.29
N SER C 156 7.18 -5.82 -2.32
CA SER C 156 7.23 -6.73 -1.17
C SER C 156 8.08 -7.91 -1.58
N MSE C 157 9.34 -7.92 -1.13
CA MSE C 157 10.30 -8.94 -1.56
C MSE C 157 9.85 -10.35 -1.19
O MSE C 157 9.77 -10.69 -0.01
CB MSE C 157 11.69 -8.69 -0.95
CG MSE C 157 12.34 -7.39 -1.39
SE MSE C 157 11.93 -5.93 -0.19
CE MSE C 157 13.40 -6.11 1.06
N ILE C 158 9.58 -11.16 -2.21
CA ILE C 158 9.18 -12.55 -1.97
C ILE C 158 10.36 -13.34 -1.41
N GLU C 159 10.03 -14.49 -0.81
CA GLU C 159 11.03 -15.26 -0.07
C GLU C 159 12.16 -15.75 -0.96
N SER C 160 11.85 -16.14 -2.21
CA SER C 160 12.91 -16.58 -3.11
C SER C 160 13.91 -15.46 -3.37
N GLU C 161 13.44 -14.20 -3.36
CA GLU C 161 14.36 -13.07 -3.50
C GLU C 161 15.22 -12.91 -2.25
N LEU C 162 14.64 -13.13 -1.07
CA LEU C 162 15.38 -12.95 0.17
C LEU C 162 16.47 -14.01 0.34
N ALA C 163 16.27 -15.21 -0.18
CA ALA C 163 17.22 -16.30 -0.05
C ALA C 163 18.06 -16.50 -1.30
N ASP C 164 18.22 -15.46 -2.13
CA ASP C 164 18.97 -15.53 -3.37
C ASP C 164 20.43 -15.20 -3.09
N THR C 165 21.30 -16.21 -3.16
CA THR C 165 22.71 -16.05 -2.82
C THR C 165 23.62 -16.03 -4.05
N SER C 166 23.08 -15.83 -5.24
CA SER C 166 23.90 -15.78 -6.45
C SER C 166 24.82 -14.57 -6.40
N SER C 167 26.06 -14.76 -6.86
CA SER C 167 27.12 -13.79 -6.66
C SER C 167 27.11 -12.71 -7.74
N GLY C 168 27.72 -11.57 -7.40
CA GLY C 168 27.76 -10.42 -8.29
C GLY C 168 29.15 -9.92 -8.60
N PRO C 169 29.28 -8.60 -8.81
CA PRO C 169 30.57 -8.04 -9.26
C PRO C 169 31.68 -8.14 -8.23
N SER C 170 31.41 -7.67 -7.01
CA SER C 170 32.42 -7.69 -5.96
C SER C 170 32.67 -9.08 -5.40
N GLY C 171 31.84 -10.07 -5.76
CA GLY C 171 31.97 -11.42 -5.27
C GLY C 171 30.98 -11.79 -4.18
N ALA C 172 30.36 -10.80 -3.54
CA ALA C 172 29.38 -11.06 -2.50
C ALA C 172 28.06 -11.55 -3.11
N ALA C 173 27.27 -12.23 -2.29
CA ALA C 173 26.00 -12.75 -2.74
C ALA C 173 24.99 -11.62 -2.99
N TYR C 174 23.93 -11.94 -3.73
CA TYR C 174 22.93 -10.93 -4.05
C TYR C 174 22.21 -10.45 -2.80
N ASN C 175 21.67 -11.38 -2.00
CA ASN C 175 20.93 -11.06 -0.79
C ASN C 175 21.83 -10.56 0.35
N ALA C 176 23.08 -10.18 0.05
CA ALA C 176 23.95 -9.65 1.09
C ALA C 176 23.35 -8.41 1.74
N TRP C 177 22.50 -7.67 1.02
CA TRP C 177 21.84 -6.53 1.63
C TRP C 177 20.94 -6.94 2.78
N TYR C 178 20.57 -8.22 2.85
CA TYR C 178 19.82 -8.78 3.97
C TYR C 178 20.70 -9.57 4.93
N THR C 179 21.53 -10.49 4.41
CA THR C 179 22.24 -11.41 5.29
C THR C 179 23.44 -10.79 5.98
N CYS C 180 24.08 -9.78 5.36
CA CYS C 180 25.28 -9.18 5.97
C CYS C 180 25.02 -8.61 7.35
N PRO C 181 24.03 -7.75 7.58
CA PRO C 181 23.80 -7.28 8.96
C PRO C 181 23.13 -8.32 9.82
N LYS C 182 22.35 -9.22 9.22
CA LYS C 182 21.73 -10.30 10.00
C LYS C 182 22.77 -11.24 10.56
N GLU C 183 23.85 -11.49 9.80
CA GLU C 183 24.91 -12.37 10.28
C GLU C 183 25.77 -11.69 11.33
N SER C 184 26.27 -10.50 11.02
CA SER C 184 27.27 -9.82 11.83
C SER C 184 26.68 -9.12 13.05
N GLY C 185 25.39 -8.79 13.03
CA GLY C 185 24.79 -8.06 14.12
C GLY C 185 25.26 -6.61 14.15
N GLN C 186 25.88 -6.19 13.06
CA GLN C 186 26.41 -4.84 12.93
C GLN C 186 26.06 -4.32 11.55
N PRO C 187 26.02 -2.99 11.38
CA PRO C 187 25.70 -2.42 10.07
C PRO C 187 26.77 -2.75 9.03
N CYS C 188 26.34 -2.82 7.76
CA CYS C 188 27.22 -3.05 6.63
C CYS C 188 27.11 -1.90 5.64
N VAL C 189 28.22 -1.59 4.97
CA VAL C 189 28.21 -0.71 3.80
C VAL C 189 28.67 -1.55 2.63
N LEU C 190 27.71 -2.07 1.87
CA LEU C 190 27.98 -3.08 0.85
C LEU C 190 28.87 -2.52 -0.25
N ASP C 191 29.72 -3.40 -0.79
CA ASP C 191 30.39 -3.09 -2.05
C ASP C 191 29.33 -2.92 -3.14
N PRO C 192 29.60 -2.10 -4.15
CA PRO C 192 28.62 -1.87 -5.21
C PRO C 192 28.06 -3.17 -5.77
N TYR C 193 26.78 -3.17 -6.06
CA TYR C 193 26.13 -4.32 -6.68
C TYR C 193 24.98 -3.80 -7.54
N PHE C 194 24.42 -4.70 -8.33
CA PHE C 194 23.26 -4.40 -9.16
C PHE C 194 22.01 -4.95 -8.50
N ASP C 195 20.94 -4.16 -8.55
CA ASP C 195 19.67 -4.60 -7.99
C ASP C 195 18.53 -3.91 -8.74
N LYS C 196 17.33 -4.45 -8.54
CA LYS C 196 16.17 -4.05 -9.33
C LYS C 196 15.45 -2.89 -8.65
N VAL C 197 15.13 -1.87 -9.43
CA VAL C 197 14.28 -0.76 -9.01
C VAL C 197 13.33 -0.51 -10.17
N GLY C 198 12.06 -0.85 -9.98
CA GLY C 198 11.15 -0.86 -11.11
C GLY C 198 11.48 -2.01 -12.02
N GLU C 199 11.61 -1.72 -13.31
N GLU C 199 11.60 -1.72 -13.32
CA GLU C 199 11.96 -2.73 -14.31
CA GLU C 199 11.94 -2.74 -14.31
C GLU C 199 13.40 -2.60 -14.77
C GLU C 199 13.40 -2.63 -14.76
N ARG C 200 14.21 -1.77 -14.11
N ARG C 200 14.20 -1.80 -14.10
CA ARG C 200 15.60 -1.57 -14.48
CA ARG C 200 15.59 -1.59 -14.48
C ARG C 200 16.52 -2.04 -13.36
C ARG C 200 16.51 -2.06 -13.35
N GLN C 201 17.75 -2.38 -13.72
CA GLN C 201 18.78 -2.78 -12.78
C GLN C 201 19.73 -1.61 -12.60
N LEU C 202 19.90 -1.17 -11.36
CA LEU C 202 20.71 0.01 -11.07
C LEU C 202 21.91 -0.39 -10.22
N LEU C 203 23.04 0.26 -10.49
CA LEU C 203 24.25 0.05 -9.70
C LEU C 203 24.19 0.91 -8.44
N MSE C 204 24.37 0.27 -7.29
CA MSE C 204 24.14 0.93 -6.01
C MSE C 204 24.98 0.33 -4.88
O MSE C 204 25.51 -0.77 -5.00
CB MSE C 204 22.67 0.84 -5.65
CG MSE C 204 22.29 -0.53 -5.11
SE MSE C 204 20.37 -0.83 -4.86
CE MSE C 204 19.76 -0.74 -6.71
N THR C 205 25.08 1.06 -3.77
CA THR C 205 25.54 0.54 -2.49
C THR C 205 24.37 0.59 -1.50
N SER C 206 24.60 0.06 -0.31
CA SER C 206 23.57 0.04 0.72
C SER C 206 24.21 0.13 2.10
N ILE C 207 23.62 0.96 2.95
CA ILE C 207 23.89 0.95 4.38
C ILE C 207 22.78 0.13 5.02
N ALA C 208 23.13 -1.05 5.54
CA ALA C 208 22.15 -2.02 6.03
C ALA C 208 22.34 -2.22 7.53
N PHE C 209 21.25 -2.09 8.28
CA PHE C 209 21.21 -2.14 9.73
C PHE C 209 20.55 -3.43 10.19
N PRO C 210 21.09 -4.08 11.22
CA PRO C 210 20.33 -5.14 11.89
C PRO C 210 19.33 -4.51 12.85
N LEU C 211 18.08 -4.96 12.77
CA LEU C 211 17.05 -4.56 13.72
C LEU C 211 17.12 -5.52 14.91
N GLU C 212 17.55 -5.01 16.06
CA GLU C 212 17.93 -5.83 17.21
C GLU C 212 16.98 -5.56 18.37
N LEU C 213 16.46 -6.63 18.97
CA LEU C 213 15.69 -6.56 20.20
C LEU C 213 16.48 -7.30 21.28
N ASP C 214 17.19 -6.54 22.10
CA ASP C 214 18.02 -7.07 23.20
C ASP C 214 19.06 -8.05 22.67
N GLY C 215 19.92 -7.55 21.78
CA GLY C 215 21.02 -8.33 21.24
C GLY C 215 20.64 -9.32 20.17
N LYS C 216 19.39 -9.76 20.10
N LYS C 216 19.38 -9.72 20.08
CA LYS C 216 18.95 -10.69 19.08
CA LYS C 216 18.92 -10.69 19.09
C LYS C 216 18.46 -9.92 17.86
C LYS C 216 18.41 -9.93 17.86
N VAL C 217 18.84 -10.39 16.68
CA VAL C 217 18.47 -9.74 15.42
C VAL C 217 17.10 -10.28 15.00
N ILE C 218 16.09 -9.40 14.99
CA ILE C 218 14.75 -9.77 14.56
C ILE C 218 14.45 -9.31 13.14
N GLY C 219 15.34 -8.54 12.52
CA GLY C 219 15.09 -8.07 11.18
C GLY C 219 16.26 -7.26 10.66
N VAL C 220 16.06 -6.67 9.48
CA VAL C 220 17.08 -5.89 8.81
C VAL C 220 16.45 -4.70 8.13
N MSE C 221 17.09 -3.54 8.27
N MSE C 221 17.09 -3.54 8.27
CA MSE C 221 16.69 -2.34 7.55
CA MSE C 221 16.70 -2.31 7.59
C MSE C 221 17.88 -1.81 6.76
C MSE C 221 17.89 -1.85 6.73
O MSE C 221 19.03 -1.98 7.16
O MSE C 221 19.04 -2.09 7.11
CB MSE C 221 16.17 -1.29 8.52
CB MSE C 221 16.34 -1.26 8.62
CG MSE C 221 15.62 -0.07 7.84
CG MSE C 221 15.27 -0.27 8.22
SE MSE C 221 16.88 1.39 7.95
SE MSE C 221 15.83 1.49 8.82
CE MSE C 221 15.76 2.64 8.93
CE MSE C 221 17.04 1.86 7.34
N GLY C 222 17.63 -1.19 5.61
CA GLY C 222 18.70 -0.71 4.77
C GLY C 222 18.30 0.49 3.94
N LEU C 223 19.29 1.32 3.61
CA LEU C 223 19.13 2.43 2.67
C LEU C 223 19.94 2.15 1.42
N ASP C 224 19.29 2.21 0.26
CA ASP C 224 19.98 2.07 -1.01
C ASP C 224 20.43 3.45 -1.51
N ILE C 225 21.68 3.53 -1.95
CA ILE C 225 22.29 4.77 -2.43
C ILE C 225 22.74 4.54 -3.86
N ASN C 226 22.17 5.28 -4.80
CA ASN C 226 22.57 5.17 -6.19
C ASN C 226 24.03 5.56 -6.35
N LEU C 227 24.80 4.71 -7.04
CA LEU C 227 26.22 5.01 -7.22
C LEU C 227 26.42 6.30 -8.00
N SER C 228 25.45 6.68 -8.83
CA SER C 228 25.57 7.94 -9.55
C SER C 228 25.68 9.13 -8.60
N ASN C 229 25.10 9.01 -7.39
CA ASN C 229 25.25 10.07 -6.40
C ASN C 229 26.69 10.19 -5.93
N LEU C 230 27.36 9.06 -5.71
CA LEU C 230 28.77 9.09 -5.33
C LEU C 230 29.65 9.53 -6.50
N GLN C 231 29.25 9.22 -7.73
CA GLN C 231 29.96 9.72 -8.89
C GLN C 231 29.88 11.24 -8.98
N ALA C 232 28.68 11.78 -8.76
CA ALA C 232 28.52 13.23 -8.70
C ALA C 232 29.32 13.82 -7.55
N LEU C 233 29.45 13.07 -6.45
CA LEU C 233 30.20 13.54 -5.29
C LEU C 233 31.69 13.62 -5.59
N SER C 234 32.21 12.69 -6.40
CA SER C 234 33.63 12.71 -6.72
C SER C 234 33.96 13.72 -7.80
N GLU C 235 32.99 14.05 -8.67
CA GLU C 235 33.23 15.06 -9.70
C GLU C 235 33.28 16.45 -9.10
N GLN C 236 32.37 16.74 -8.16
CA GLN C 236 32.38 18.03 -7.49
C GLN C 236 33.61 18.16 -6.58
N GLY C 237 34.01 17.05 -5.96
CA GLY C 237 35.22 17.08 -5.14
C GLY C 237 36.47 17.33 -5.97
N ASN C 238 36.46 16.91 -7.24
CA ASN C 238 37.56 17.22 -8.13
C ASN C 238 37.59 18.69 -8.51
N ARG C 239 36.42 19.32 -8.63
N ARG C 239 36.42 19.34 -8.61
CA ARG C 239 36.38 20.75 -8.93
CA ARG C 239 36.39 20.75 -8.93
C ARG C 239 36.95 21.58 -7.79
C ARG C 239 36.91 21.60 -7.78
N GLU C 240 36.76 21.14 -6.55
CA GLU C 240 37.34 21.82 -5.40
C GLU C 240 38.83 21.54 -5.26
N LEU C 241 39.35 20.64 -6.08
CA LEU C 241 40.74 20.19 -6.01
C LEU C 241 41.52 20.83 -7.16
N TYR C 242 42.00 22.05 -6.94
CA TYR C 242 42.79 22.80 -7.92
C TYR C 242 42.08 22.87 -9.27
N ASP C 243 40.81 23.26 -9.24
CA ASP C 243 40.02 23.58 -10.43
C ASP C 243 39.98 22.42 -11.42
N GLY C 244 40.13 21.18 -10.94
CA GLY C 244 39.90 20.02 -11.76
C GLY C 244 41.05 19.54 -12.61
N VAL C 245 42.27 20.06 -12.36
CA VAL C 245 43.42 19.63 -13.16
C VAL C 245 43.79 18.19 -12.88
N GLY C 246 43.36 17.64 -11.74
CA GLY C 246 43.60 16.25 -11.43
C GLY C 246 42.34 15.41 -11.49
N GLN C 247 42.30 14.33 -10.71
CA GLN C 247 41.13 13.45 -10.70
C GLN C 247 40.98 12.84 -9.31
N VAL C 248 39.72 12.53 -8.97
CA VAL C 248 39.35 11.98 -7.67
C VAL C 248 38.56 10.69 -7.88
N GLY C 249 38.90 9.65 -7.13
CA GLY C 249 38.17 8.41 -7.20
C GLY C 249 37.87 7.88 -5.81
N ILE C 250 36.77 7.14 -5.72
CA ILE C 250 36.35 6.46 -4.50
C ILE C 250 36.39 4.96 -4.74
N LEU C 251 37.07 4.23 -3.87
CA LEU C 251 37.21 2.78 -4.00
C LEU C 251 36.46 2.06 -2.88
N SER C 252 35.80 0.96 -3.23
CA SER C 252 35.14 0.12 -2.25
C SER C 252 36.11 -0.92 -1.71
N PRO C 253 35.81 -1.55 -0.56
CA PRO C 253 36.76 -2.51 0.02
C PRO C 253 37.21 -3.61 -0.94
N ALA C 254 36.32 -4.10 -1.80
CA ALA C 254 36.69 -5.08 -2.81
C ALA C 254 37.40 -4.47 -4.01
N GLY C 255 37.51 -3.14 -4.08
CA GLY C 255 38.22 -2.49 -5.14
C GLY C 255 37.39 -2.05 -6.33
N LEU C 256 36.07 -1.96 -6.18
CA LEU C 256 35.22 -1.43 -7.25
C LEU C 256 35.20 0.09 -7.16
N PHE C 257 35.11 0.74 -8.31
CA PHE C 257 35.03 2.20 -8.36
C PHE C 257 33.60 2.63 -8.02
N ALA C 258 33.45 3.31 -6.89
CA ALA C 258 32.19 3.97 -6.55
C ALA C 258 32.11 5.39 -7.08
N GLY C 259 33.20 5.91 -7.63
CA GLY C 259 33.24 7.23 -8.22
C GLY C 259 34.57 7.52 -8.89
N ASN C 260 34.55 8.14 -10.07
CA ASN C 260 35.78 8.42 -10.82
C ASN C 260 35.58 9.72 -11.57
N SER C 261 36.33 10.77 -11.20
CA SER C 261 36.13 12.10 -11.78
C SER C 261 36.34 12.10 -13.28
N ARG C 262 37.29 11.28 -13.77
CA ARG C 262 37.67 11.34 -15.16
C ARG C 262 36.78 10.47 -16.04
N ASP C 263 36.56 9.22 -15.64
CA ASP C 263 35.83 8.24 -16.44
C ASP C 263 34.69 7.67 -15.61
N ALA C 264 33.47 8.14 -15.87
CA ALA C 264 32.30 7.57 -15.22
C ALA C 264 32.01 6.15 -15.69
N GLY C 265 32.57 5.74 -16.83
CA GLY C 265 32.38 4.38 -17.30
C GLY C 265 33.02 3.33 -16.42
N LEU C 266 33.86 3.74 -15.47
CA LEU C 266 34.50 2.82 -14.55
C LEU C 266 33.65 2.53 -13.31
N LEU C 267 32.43 3.07 -13.24
CA LEU C 267 31.58 2.83 -12.08
C LEU C 267 31.25 1.34 -11.95
N GLY C 268 31.51 0.80 -10.76
CA GLY C 268 31.33 -0.62 -10.52
C GLY C 268 32.39 -1.52 -11.12
N LYS C 269 33.33 -0.97 -11.89
CA LYS C 269 34.42 -1.75 -12.43
C LYS C 269 35.52 -1.89 -11.39
N ASN C 270 36.36 -2.91 -11.57
N ASN C 270 36.37 -2.90 -11.58
CA ASN C 270 37.43 -3.16 -10.61
CA ASN C 270 37.45 -3.18 -10.65
C ASN C 270 38.59 -2.18 -10.81
C ASN C 270 38.56 -2.14 -10.79
N LEU C 271 39.38 -2.03 -9.74
CA LEU C 271 40.56 -1.17 -9.80
C LEU C 271 41.63 -1.74 -10.72
N ALA C 272 41.64 -3.06 -10.92
CA ALA C 272 42.62 -3.69 -11.79
C ALA C 272 42.45 -3.29 -13.25
N LYS C 273 41.32 -2.68 -13.62
N LYS C 273 41.32 -2.69 -13.62
CA LYS C 273 41.13 -2.25 -15.00
CA LYS C 273 41.11 -2.24 -15.00
C LYS C 273 41.70 -0.86 -15.26
C LYS C 273 41.78 -0.89 -15.23
N ALA C 274 41.61 0.05 -14.29
CA ALA C 274 42.15 1.39 -14.47
C ALA C 274 43.67 1.40 -14.29
N ASP C 275 44.16 0.87 -13.17
CA ASP C 275 45.58 0.87 -12.84
C ASP C 275 46.01 -0.55 -12.49
N PRO C 276 46.38 -1.35 -13.50
CA PRO C 276 46.63 -2.78 -13.25
C PRO C 276 47.96 -3.08 -12.59
N GLN C 277 48.97 -2.20 -12.68
N GLN C 277 48.95 -2.19 -12.70
CA GLN C 277 50.28 -2.50 -12.13
CA GLN C 277 50.27 -2.45 -12.14
C GLN C 277 50.44 -2.06 -10.68
C GLN C 277 50.21 -2.50 -10.62
N HIS C 278 49.35 -1.68 -10.01
CA HIS C 278 49.40 -1.49 -8.56
C HIS C 278 48.06 -1.75 -7.88
N ALA C 279 47.08 -2.34 -8.57
CA ALA C 279 45.79 -2.61 -7.96
C ALA C 279 45.93 -3.52 -6.76
N GLY C 280 46.68 -4.61 -6.92
CA GLY C 280 46.83 -5.57 -5.82
C GLY C 280 47.43 -4.95 -4.58
N GLU C 281 48.47 -4.13 -4.75
CA GLU C 281 49.10 -3.53 -3.58
C GLU C 281 48.25 -2.43 -2.97
N LEU C 282 47.41 -1.78 -3.77
CA LEU C 282 46.55 -0.73 -3.24
C LEU C 282 45.39 -1.32 -2.44
N LEU C 283 44.88 -2.49 -2.85
CA LEU C 283 43.76 -3.09 -2.13
C LEU C 283 44.18 -3.56 -0.74
N GLN C 284 45.38 -4.15 -0.62
CA GLN C 284 45.86 -4.52 0.70
C GLN C 284 46.18 -3.29 1.55
N LEU C 285 46.62 -2.20 0.91
CA LEU C 285 46.77 -0.93 1.63
C LEU C 285 45.41 -0.41 2.11
N LEU C 286 44.38 -0.60 1.29
CA LEU C 286 43.02 -0.25 1.71
C LEU C 286 42.58 -1.13 2.87
N ALA C 287 42.62 -2.45 2.70
CA ALA C 287 42.13 -3.36 3.73
C ALA C 287 42.87 -3.17 5.05
N ALA C 288 44.16 -2.86 5.00
CA ALA C 288 44.92 -2.60 6.22
C ALA C 288 44.57 -1.26 6.84
N GLY C 289 44.07 -0.31 6.05
CA GLY C 289 43.78 1.02 6.55
C GLY C 289 44.94 1.97 6.51
N LYS C 290 45.90 1.78 5.61
CA LYS C 290 47.09 2.59 5.55
C LYS C 290 47.04 3.49 4.32
N SER C 291 47.31 4.77 4.51
CA SER C 291 47.50 5.69 3.40
C SER C 291 48.88 5.50 2.79
N ARG C 292 49.02 5.92 1.54
CA ARG C 292 50.34 5.89 0.90
C ARG C 292 50.37 6.93 -0.22
N LEU C 293 51.56 7.49 -0.45
CA LEU C 293 51.82 8.42 -1.53
C LEU C 293 52.53 7.72 -2.67
N PHE C 294 52.19 8.09 -3.89
CA PHE C 294 52.77 7.49 -5.08
C PHE C 294 53.27 8.57 -6.02
N ASN C 295 54.48 8.37 -6.54
CA ASN C 295 55.08 9.31 -7.48
C ASN C 295 54.91 8.77 -8.89
N GLU C 296 54.32 9.59 -9.77
CA GLU C 296 54.28 9.25 -11.18
C GLU C 296 55.06 10.31 -11.97
N ASN C 297 54.86 10.36 -13.29
CA ASN C 297 55.61 11.29 -14.13
C ASN C 297 55.05 12.69 -13.92
N ASP C 298 55.55 13.36 -12.89
CA ASP C 298 55.21 14.73 -12.51
C ASP C 298 53.77 14.86 -12.02
N ASP C 299 53.11 13.75 -11.69
CA ASP C 299 51.87 13.73 -10.94
C ASP C 299 52.11 13.07 -9.59
N LEU C 300 51.30 13.46 -8.61
CA LEU C 300 51.31 12.83 -7.30
C LEU C 300 49.99 12.12 -7.06
N LYS C 301 50.07 10.92 -6.49
CA LYS C 301 48.89 10.09 -6.25
C LYS C 301 48.90 9.65 -4.80
N VAL C 302 47.77 9.82 -4.12
CA VAL C 302 47.63 9.40 -2.72
C VAL C 302 46.37 8.55 -2.60
N LEU C 303 46.49 7.48 -1.82
CA LEU C 303 45.36 6.69 -1.36
C LEU C 303 45.17 7.01 0.11
N GLN C 304 43.98 7.45 0.48
CA GLN C 304 43.66 7.76 1.87
C GLN C 304 42.44 6.95 2.27
N PRO C 305 42.58 5.93 3.12
CA PRO C 305 41.42 5.12 3.50
C PRO C 305 40.48 5.92 4.39
N LEU C 306 39.22 5.49 4.39
CA LEU C 306 38.20 6.09 5.23
C LEU C 306 37.20 5.02 5.61
N GLN C 307 36.76 5.04 6.87
CA GLN C 307 35.64 4.23 7.29
C GLN C 307 34.36 5.00 7.00
N PRO C 308 33.50 4.54 6.09
CA PRO C 308 32.28 5.31 5.81
C PRO C 308 31.39 5.47 7.03
N ILE C 309 31.31 4.42 7.84
CA ILE C 309 30.61 4.43 9.13
C ILE C 309 31.50 3.74 10.15
N PRO C 310 31.30 4.03 11.44
CA PRO C 310 32.21 3.48 12.46
C PRO C 310 32.25 1.95 12.43
N GLY C 311 33.47 1.41 12.38
CA GLY C 311 33.69 -0.01 12.40
C GLY C 311 33.63 -0.71 11.06
N ALA C 312 33.36 0.02 9.97
CA ALA C 312 33.20 -0.61 8.68
C ALA C 312 34.55 -0.92 8.04
N LYS C 313 34.53 -1.81 7.05
CA LYS C 313 35.69 -2.02 6.22
C LYS C 313 36.07 -0.71 5.55
N PRO C 314 37.33 -0.30 5.60
CA PRO C 314 37.70 1.02 5.06
C PRO C 314 37.51 1.08 3.55
N TRP C 315 36.80 2.11 3.11
CA TRP C 315 36.81 2.53 1.71
C TRP C 315 37.98 3.47 1.49
N GLY C 316 38.17 3.92 0.27
CA GLY C 316 39.31 4.75 -0.05
C GLY C 316 38.96 5.87 -1.01
N VAL C 317 39.74 6.95 -0.93
CA VAL C 317 39.75 8.00 -1.93
C VAL C 317 41.10 8.00 -2.60
N LEU C 318 41.10 8.19 -3.92
CA LEU C 318 42.30 8.16 -4.74
C LEU C 318 42.47 9.52 -5.40
N LEU C 319 43.43 10.30 -4.93
CA LEU C 319 43.70 11.63 -5.48
C LEU C 319 44.94 11.60 -6.36
N GLU C 320 44.79 12.06 -7.61
N GLU C 320 44.80 12.10 -7.59
CA GLU C 320 45.90 12.32 -8.50
CA GLU C 320 45.92 12.31 -8.50
C GLU C 320 45.89 13.80 -8.83
C GLU C 320 45.92 13.76 -8.94
N VAL C 321 47.07 14.42 -8.78
CA VAL C 321 47.17 15.85 -9.04
C VAL C 321 48.56 16.16 -9.59
N PRO C 322 48.67 17.01 -10.61
CA PRO C 322 50.00 17.40 -11.09
C PRO C 322 50.80 18.13 -10.02
N LYS C 323 52.10 17.85 -9.97
CA LYS C 323 52.99 18.50 -9.01
C LYS C 323 52.97 20.02 -9.14
N SER C 324 52.76 20.53 -10.35
CA SER C 324 52.70 21.98 -10.54
C SER C 324 51.51 22.59 -9.82
N ALA C 325 50.42 21.84 -9.67
CA ALA C 325 49.27 22.36 -8.93
C ALA C 325 49.54 22.43 -7.43
N LEU C 326 50.29 21.47 -6.90
CA LEU C 326 50.60 21.45 -5.47
C LEU C 326 51.59 22.53 -5.07
N LEU C 327 52.20 23.24 -6.01
CA LEU C 327 53.13 24.32 -5.71
C LEU C 327 52.54 25.63 -6.21
N GLY C 328 52.62 26.66 -5.37
CA GLY C 328 52.10 27.98 -5.71
C GLY C 328 52.63 29.08 -4.82
N GLU D 37 66.74 20.56 -12.71
CA GLU D 37 65.95 21.14 -13.79
C GLU D 37 64.46 20.96 -13.53
N SER D 38 64.00 21.49 -12.39
CA SER D 38 62.57 21.56 -12.12
C SER D 38 62.00 22.94 -12.40
N ALA D 39 62.61 23.66 -13.34
CA ALA D 39 61.93 24.76 -14.02
C ALA D 39 60.81 24.25 -14.91
N ARG D 40 60.74 22.93 -15.14
N ARG D 40 60.72 22.93 -15.13
CA ARG D 40 59.64 22.34 -15.87
CA ARG D 40 59.62 22.38 -15.90
C ARG D 40 58.32 22.42 -15.12
C ARG D 40 58.32 22.33 -15.11
N LEU D 41 58.36 22.54 -13.79
CA LEU D 41 57.14 22.70 -13.02
C LEU D 41 56.47 24.03 -13.35
N ARG D 42 57.27 25.08 -13.57
N ARG D 42 57.25 25.08 -13.57
CA ARG D 42 56.71 26.38 -13.92
CA ARG D 42 56.69 26.38 -13.91
C ARG D 42 56.10 26.37 -15.33
C ARG D 42 56.20 26.43 -15.35
N LEU D 43 56.59 25.49 -16.20
CA LEU D 43 56.06 25.41 -17.56
C LEU D 43 54.80 24.55 -17.62
N GLU D 44 54.73 23.50 -16.79
CA GLU D 44 53.49 22.75 -16.65
C GLU D 44 52.40 23.62 -16.05
N ALA D 45 52.75 24.46 -15.07
CA ALA D 45 51.81 25.41 -14.52
C ALA D 45 51.24 26.33 -15.60
N ARG D 46 52.07 26.71 -16.57
N ARG D 46 52.09 26.72 -16.57
CA ARG D 46 51.59 27.52 -17.68
CA ARG D 46 51.60 27.52 -17.68
C ARG D 46 50.60 26.75 -18.54
C ARG D 46 50.58 26.74 -18.51
N GLY D 47 50.74 25.43 -18.63
CA GLY D 47 49.77 24.63 -19.34
C GLY D 47 48.43 24.56 -18.63
N GLU D 48 48.46 24.45 -17.30
CA GLU D 48 47.21 24.46 -16.54
C GLU D 48 46.49 25.79 -16.71
N LEU D 49 47.25 26.89 -16.81
CA LEU D 49 46.63 28.19 -17.03
C LEU D 49 45.99 28.27 -18.40
N GLN D 50 46.65 27.72 -19.42
CA GLN D 50 46.03 27.66 -20.74
C GLN D 50 44.80 26.74 -20.73
N ALA D 51 44.89 25.62 -20.02
CA ALA D 51 43.76 24.69 -19.95
C ALA D 51 42.55 25.35 -19.31
N LEU D 52 42.77 26.04 -18.19
CA LEU D 52 41.66 26.71 -17.50
C LEU D 52 41.01 27.77 -18.37
N ARG D 53 41.79 28.47 -19.21
CA ARG D 53 41.21 29.41 -20.16
C ARG D 53 40.20 28.73 -21.05
N ILE D 54 40.56 27.57 -21.61
CA ILE D 54 39.63 26.82 -22.45
C ILE D 54 38.51 26.23 -21.61
N GLN D 55 38.84 25.75 -20.41
CA GLN D 55 37.83 25.18 -19.53
C GLN D 55 36.78 26.21 -19.16
N ARG D 56 37.20 27.43 -18.83
CA ARG D 56 36.25 28.46 -18.41
C ARG D 56 35.41 28.97 -19.58
N TYR D 57 35.92 28.91 -20.80
CA TYR D 57 35.11 29.29 -21.95
C TYR D 57 33.97 28.30 -22.19
N PHE D 58 34.30 27.00 -22.17
CA PHE D 58 33.27 25.98 -22.37
C PHE D 58 32.24 26.01 -21.26
N MSE D 59 32.68 26.21 -20.01
N MSE D 59 32.68 26.23 -20.02
CA MSE D 59 31.76 26.23 -18.88
CA MSE D 59 31.78 26.23 -18.87
C MSE D 59 30.84 27.45 -18.93
C MSE D 59 30.86 27.45 -18.90
O MSE D 59 29.68 27.38 -18.51
O MSE D 59 29.71 27.39 -18.45
CB MSE D 59 32.52 26.20 -17.55
CB MSE D 59 32.58 26.20 -17.57
CG MSE D 59 31.63 26.22 -16.29
CG MSE D 59 33.05 24.80 -17.17
SE MSE D 59 30.73 24.53 -15.86
SE MSE D 59 31.59 23.53 -16.87
CE MSE D 59 32.28 23.36 -16.06
CE MSE D 59 30.48 24.57 -15.66
N ASP D 60 31.35 28.57 -19.44
CA ASP D 60 30.53 29.76 -19.57
C ASP D 60 29.34 29.50 -20.49
N ALA D 61 29.60 28.93 -21.67
CA ALA D 61 28.52 28.59 -22.59
C ALA D 61 27.63 27.49 -22.04
N PHE D 62 28.19 26.55 -21.29
CA PHE D 62 27.40 25.45 -20.77
C PHE D 62 26.43 25.95 -19.69
N GLN D 63 26.91 26.79 -18.78
CA GLN D 63 26.01 27.36 -17.78
C GLN D 63 24.94 28.23 -18.44
N TYR D 64 25.30 28.94 -19.51
CA TYR D 64 24.31 29.74 -20.22
C TYR D 64 23.22 28.87 -20.84
N GLY D 65 23.60 27.75 -21.43
CA GLY D 65 22.60 26.83 -21.95
C GLY D 65 21.83 26.14 -20.84
N LYS D 66 22.51 25.81 -19.74
N LYS D 66 22.51 25.79 -19.75
CA LYS D 66 21.82 25.20 -18.60
CA LYS D 66 21.84 25.21 -18.59
C LYS D 66 20.79 26.16 -18.01
C LYS D 66 20.79 26.16 -18.04
N GLY D 67 21.08 27.46 -18.02
CA GLY D 67 20.13 28.43 -17.52
C GLY D 67 18.91 28.58 -18.41
N PHE D 68 19.12 28.59 -19.73
CA PHE D 68 17.99 28.75 -20.63
C PHE D 68 17.13 27.49 -20.71
N SER D 69 17.72 26.31 -20.46
CA SER D 69 16.95 25.08 -20.49
C SER D 69 15.89 25.05 -19.39
N ARG D 70 16.15 25.70 -18.26
N ARG D 70 16.17 25.69 -18.25
CA ARG D 70 15.16 25.75 -17.20
CA ARG D 70 15.16 25.77 -17.20
C ARG D 70 13.97 26.64 -17.59
C ARG D 70 13.96 26.59 -17.64
N GLN D 71 14.19 27.62 -18.46
CA GLN D 71 13.09 28.40 -19.00
C GLN D 71 12.29 27.60 -20.01
N ILE D 72 12.97 26.72 -20.77
CA ILE D 72 12.29 25.88 -21.74
C ILE D 72 11.32 24.94 -21.03
N LEU D 73 11.81 24.24 -20.01
CA LEU D 73 10.98 23.26 -19.32
C LEU D 73 9.91 23.94 -18.46
N PHE D 74 10.17 25.17 -18.00
CA PHE D 74 9.12 25.96 -17.38
C PHE D 74 7.97 26.19 -18.36
N LEU D 75 8.30 26.55 -19.61
CA LEU D 75 7.26 26.78 -20.61
C LEU D 75 6.44 25.52 -20.86
N ARG D 76 7.10 24.37 -20.92
CA ARG D 76 6.38 23.12 -21.11
C ARG D 76 5.44 22.84 -19.95
N ASP D 77 5.88 23.16 -18.73
CA ASP D 77 5.02 22.91 -17.57
C ASP D 77 3.79 23.81 -17.58
N GLN D 78 3.95 25.07 -17.97
CA GLN D 78 2.79 25.96 -18.01
C GLN D 78 1.77 25.51 -19.05
N ALA D 79 2.22 24.96 -20.18
CA ALA D 79 1.27 24.37 -21.12
C ALA D 79 0.68 23.10 -20.53
N GLN D 80 1.47 22.35 -19.76
CA GLN D 80 0.94 21.19 -19.04
C GLN D 80 -0.13 21.62 -18.04
N LYS D 81 0.12 22.71 -17.32
CA LYS D 81 -0.85 23.28 -16.38
C LYS D 81 -1.95 24.07 -17.07
N ARG D 82 -1.95 24.12 -18.40
CA ARG D 82 -2.97 24.78 -19.21
C ARG D 82 -2.99 26.30 -19.00
N PHE D 83 -1.81 26.88 -18.73
CA PHE D 83 -1.67 28.34 -18.78
C PHE D 83 -1.28 28.83 -20.17
N LEU D 84 -0.83 27.94 -21.04
CA LEU D 84 -0.62 28.23 -22.45
C LEU D 84 -1.22 27.10 -23.26
N ASP D 85 -1.85 27.45 -24.38
CA ASP D 85 -2.23 26.43 -25.34
C ASP D 85 -0.99 25.99 -26.13
N ALA D 86 -1.18 24.96 -26.96
CA ALA D 86 -0.04 24.39 -27.67
C ALA D 86 0.57 25.39 -28.64
N TYR D 87 -0.27 26.21 -29.28
CA TYR D 87 0.24 27.19 -30.23
C TYR D 87 1.13 28.22 -29.53
N ASP D 88 0.61 28.84 -28.46
CA ASP D 88 1.40 29.84 -27.74
C ASP D 88 2.68 29.24 -27.18
N LEU D 89 2.65 27.96 -26.77
CA LEU D 89 3.85 27.32 -26.25
C LEU D 89 4.94 27.25 -27.31
N ARG D 90 4.61 26.74 -28.50
CA ARG D 90 5.61 26.66 -29.56
C ARG D 90 5.97 28.03 -30.10
N GLU D 91 5.06 28.99 -30.05
CA GLU D 91 5.39 30.34 -30.49
C GLU D 91 6.32 31.02 -29.49
N ASP D 92 6.00 30.94 -28.20
CA ASP D 92 6.85 31.55 -27.18
C ASP D 92 8.21 30.86 -27.15
N LEU D 93 8.23 29.53 -27.20
CA LEU D 93 9.49 28.79 -27.30
C LEU D 93 10.35 29.30 -28.44
N THR D 94 9.75 29.46 -29.63
CA THR D 94 10.53 29.90 -30.78
C THR D 94 11.07 31.32 -30.57
N ARG D 95 10.23 32.21 -30.04
N ARG D 95 10.25 32.20 -30.00
CA ARG D 95 10.67 33.57 -29.75
CA ARG D 95 10.70 33.57 -29.79
C ARG D 95 11.85 33.59 -28.78
C ARG D 95 11.82 33.65 -28.75
N GLN D 96 11.73 32.85 -27.69
CA GLN D 96 12.72 32.94 -26.61
C GLN D 96 14.02 32.23 -26.95
N VAL D 97 13.98 31.21 -27.81
CA VAL D 97 15.24 30.61 -28.27
C VAL D 97 15.98 31.59 -29.17
N ARG D 98 15.25 32.40 -29.93
CA ARG D 98 15.86 33.47 -30.69
C ARG D 98 16.49 34.51 -29.77
N THR D 99 15.77 34.89 -28.71
CA THR D 99 16.30 35.85 -27.74
C THR D 99 17.54 35.29 -27.05
N ALA D 100 17.52 34.01 -26.68
CA ALA D 100 18.69 33.40 -26.06
C ALA D 100 19.90 33.45 -26.98
N LEU D 101 19.67 33.33 -28.29
CA LEU D 101 20.79 33.41 -29.24
C LEU D 101 21.26 34.86 -29.39
N ALA D 102 20.32 35.78 -29.57
CA ALA D 102 20.68 37.18 -29.77
C ALA D 102 21.42 37.78 -28.57
N ALA D 103 21.19 37.25 -27.37
CA ALA D 103 21.87 37.75 -26.19
C ALA D 103 23.32 37.27 -26.07
N ASN D 104 23.75 36.35 -26.92
CA ASN D 104 25.06 35.72 -26.76
C ASN D 104 25.78 35.62 -28.09
N PRO D 105 26.50 36.67 -28.50
CA PRO D 105 27.26 36.61 -29.75
C PRO D 105 28.33 35.52 -29.74
N GLU D 106 28.73 35.04 -28.56
CA GLU D 106 29.68 33.93 -28.47
C GLU D 106 29.13 32.64 -29.08
N VAL D 107 27.82 32.55 -29.26
CA VAL D 107 27.15 31.34 -29.73
C VAL D 107 26.82 31.48 -31.20
N LEU D 108 27.09 30.42 -31.97
CA LEU D 108 26.82 30.44 -33.40
C LEU D 108 25.40 29.98 -33.71
N GLY D 109 24.91 28.97 -33.00
CA GLY D 109 23.56 28.49 -33.19
C GLY D 109 23.00 27.92 -31.91
N LEU D 110 21.68 27.88 -31.84
CA LEU D 110 20.97 27.28 -30.72
C LEU D 110 19.87 26.38 -31.26
N TYR D 111 19.86 25.12 -30.83
CA TYR D 111 18.85 24.18 -31.28
C TYR D 111 18.21 23.47 -30.10
N VAL D 112 16.91 23.20 -30.22
CA VAL D 112 16.16 22.46 -29.21
C VAL D 112 15.22 21.50 -29.92
N VAL D 113 15.34 20.21 -29.64
CA VAL D 113 14.58 19.16 -30.30
C VAL D 113 13.94 18.31 -29.22
N PHE D 114 12.62 18.16 -29.27
CA PHE D 114 11.91 17.27 -28.36
C PHE D 114 11.67 15.92 -29.04
N GLU D 115 11.46 14.91 -28.21
CA GLU D 115 11.03 13.63 -28.72
C GLU D 115 9.65 13.77 -29.37
N PRO D 116 9.28 12.84 -30.26
CA PRO D 116 7.93 12.89 -30.83
C PRO D 116 6.86 12.98 -29.76
N ASN D 117 6.03 14.02 -29.84
CA ASN D 117 4.91 14.26 -28.91
C ASN D 117 5.37 14.46 -27.47
N ALA D 118 6.64 14.83 -27.26
CA ALA D 118 7.15 15.03 -25.92
C ALA D 118 6.99 16.45 -25.41
N LEU D 119 6.79 17.42 -26.30
CA LEU D 119 6.60 18.80 -25.84
C LEU D 119 5.19 19.00 -25.32
N ASP D 120 4.18 18.68 -26.14
CA ASP D 120 2.79 18.87 -25.77
C ASP D 120 1.90 17.71 -26.19
N GLY D 121 2.48 16.62 -26.69
CA GLY D 121 1.69 15.52 -27.22
C GLY D 121 0.84 15.84 -28.42
N LYS D 122 1.06 16.98 -29.07
CA LYS D 122 0.19 17.43 -30.15
C LYS D 122 0.98 17.70 -31.42
N ASP D 123 2.01 16.88 -31.70
CA ASP D 123 2.75 17.03 -32.95
C ASP D 123 1.84 16.93 -34.16
N GLU D 124 0.72 16.22 -34.04
CA GLU D 124 -0.25 16.12 -35.13
C GLU D 124 -0.70 17.48 -35.63
N LEU D 125 -0.80 18.46 -34.74
CA LEU D 125 -1.36 19.76 -35.09
C LEU D 125 -0.38 20.68 -35.81
N PHE D 126 0.91 20.37 -35.77
CA PHE D 126 1.94 21.31 -36.19
C PHE D 126 2.79 20.77 -37.34
N VAL D 127 2.27 19.82 -38.12
CA VAL D 127 3.02 19.29 -39.24
C VAL D 127 3.29 20.39 -40.25
N ASP D 128 4.55 20.53 -40.66
CA ASP D 128 4.97 21.46 -41.71
C ASP D 128 4.70 22.92 -41.32
N GLN D 129 5.24 23.31 -40.17
CA GLN D 129 5.12 24.68 -39.66
C GLN D 129 6.46 25.12 -39.09
N PRO D 130 7.43 25.46 -39.95
CA PRO D 130 8.74 25.88 -39.44
C PRO D 130 8.70 27.18 -38.66
N ALA D 131 7.71 28.04 -38.92
CA ALA D 131 7.58 29.28 -38.15
C ALA D 131 7.31 29.01 -36.68
N LEU D 132 6.84 27.80 -36.34
CA LEU D 132 6.69 27.38 -34.97
C LEU D 132 7.71 26.31 -34.59
N GLY D 133 8.83 26.26 -35.31
CA GLY D 133 9.89 25.31 -35.01
C GLY D 133 9.48 23.85 -35.13
N SER D 134 8.48 23.54 -35.94
CA SER D 134 7.91 22.21 -36.05
C SER D 134 8.16 21.66 -37.44
N ASN D 135 8.59 20.40 -37.52
CA ASN D 135 9.18 19.87 -38.74
C ASN D 135 8.11 19.16 -39.58
N ASP D 136 8.54 18.21 -40.42
CA ASP D 136 7.66 17.53 -41.35
C ASP D 136 6.75 16.51 -40.68
N LYS D 137 6.99 16.19 -39.41
CA LYS D 137 6.09 15.33 -38.64
C LYS D 137 5.55 16.04 -37.42
N GLY D 138 5.56 17.38 -37.42
CA GLY D 138 5.09 18.16 -36.29
C GLY D 138 5.97 18.13 -35.07
N ARG D 139 7.05 17.35 -35.09
CA ARG D 139 7.96 17.33 -33.95
C ARG D 139 8.63 18.69 -33.79
N PHE D 140 8.69 19.17 -32.56
CA PHE D 140 9.35 20.45 -32.30
C PHE D 140 10.86 20.23 -32.40
N SER D 141 11.45 20.69 -33.51
CA SER D 141 12.90 20.70 -33.69
C SER D 141 13.26 22.04 -34.31
N LEU D 142 13.76 22.97 -33.48
CA LEU D 142 14.02 24.34 -33.87
C LEU D 142 15.52 24.58 -33.91
N TYR D 143 15.96 25.40 -34.86
CA TYR D 143 17.35 25.84 -34.94
C TYR D 143 17.36 27.32 -35.25
N TRP D 144 17.88 28.12 -34.34
CA TRP D 144 18.17 29.52 -34.59
C TRP D 144 19.68 29.67 -34.77
N ALA D 145 20.10 30.21 -35.90
CA ALA D 145 21.51 30.30 -36.22
C ALA D 145 21.90 31.76 -36.46
N GLN D 146 23.08 32.12 -35.96
N GLN D 146 23.05 32.17 -35.94
CA GLN D 146 23.68 33.44 -36.11
CA GLN D 146 23.59 33.50 -36.27
C GLN D 146 24.86 33.30 -37.06
C GLN D 146 24.34 33.35 -37.58
N ALA D 147 24.56 33.22 -38.37
N ALA D 147 23.58 33.41 -38.66
CA ALA D 147 25.62 33.20 -39.37
CA ALA D 147 24.02 33.22 -40.04
C ALA D 147 26.53 34.41 -39.22
C ALA D 147 24.86 34.38 -40.60
N THR D 148 25.95 35.58 -38.99
N THR D 148 25.07 35.37 -39.75
CA THR D 148 26.61 36.79 -38.56
CA THR D 148 25.85 36.58 -39.96
C THR D 148 25.90 37.26 -37.29
C THR D 148 26.09 37.18 -38.55
N PRO D 149 26.64 37.72 -36.26
N PRO D 149 26.73 38.30 -38.48
CA PRO D 149 25.99 38.15 -35.01
CA PRO D 149 27.00 38.75 -37.12
C PRO D 149 24.83 39.11 -35.21
C PRO D 149 25.71 39.03 -36.32
N GLY D 150 24.75 39.71 -36.39
N GLY D 150 24.77 39.67 -36.95
CA GLY D 150 23.65 40.57 -36.74
CA GLY D 150 23.55 39.97 -36.25
C GLY D 150 22.42 39.85 -37.26
C GLY D 150 22.39 39.36 -36.92
N GLN D 151 22.58 38.87 -38.14
CA GLN D 151 21.44 38.22 -38.78
C GLN D 151 21.17 36.86 -38.17
N LEU D 152 19.95 36.66 -37.69
CA LEU D 152 19.50 35.40 -37.12
C LEU D 152 18.52 34.74 -38.06
N GLU D 153 18.75 33.46 -38.36
N GLU D 153 18.75 33.46 -38.36
CA GLU D 153 17.90 32.69 -39.25
CA GLU D 153 17.91 32.68 -39.26
C GLU D 153 17.39 31.46 -38.52
C GLU D 153 17.39 31.46 -38.53
N SER D 154 16.10 31.17 -38.69
CA SER D 154 15.46 30.04 -38.06
C SER D 154 15.33 28.87 -39.03
N GLU D 155 15.34 27.66 -38.49
CA GLU D 155 15.25 26.45 -39.27
C GLU D 155 14.59 25.36 -38.43
N SER D 156 13.75 24.55 -39.06
CA SER D 156 13.16 23.38 -38.41
C SER D 156 13.75 22.12 -39.05
N MSE D 157 14.49 21.33 -38.25
CA MSE D 157 15.15 20.13 -38.79
C MSE D 157 14.19 18.96 -39.02
O MSE D 157 13.56 18.43 -38.10
CB MSE D 157 16.29 19.63 -37.90
CG MSE D 157 17.47 20.55 -37.63
SE MSE D 157 17.21 21.75 -36.15
CE MSE D 157 18.37 20.99 -34.82
N ILE D 158 14.14 18.54 -40.28
CA ILE D 158 13.31 17.42 -40.72
C ILE D 158 13.83 16.13 -40.10
N GLU D 159 13.05 15.06 -40.22
CA GLU D 159 13.40 13.81 -39.56
C GLU D 159 14.58 13.13 -40.23
N SER D 160 14.74 13.29 -41.54
CA SER D 160 15.88 12.69 -42.23
C SER D 160 17.20 13.33 -41.77
N GLU D 161 17.15 14.57 -41.32
CA GLU D 161 18.34 15.21 -40.78
C GLU D 161 18.65 14.73 -39.37
N LEU D 162 17.63 14.58 -38.52
CA LEU D 162 17.85 14.11 -37.16
C LEU D 162 18.39 12.69 -37.13
N ALA D 163 18.16 11.90 -38.17
CA ALA D 163 18.58 10.51 -38.23
C ALA D 163 19.82 10.30 -39.10
N ASP D 164 20.48 11.38 -39.52
CA ASP D 164 21.65 11.29 -40.41
C ASP D 164 22.86 10.84 -39.60
N THR D 165 23.30 9.60 -39.80
CA THR D 165 24.46 9.06 -39.12
C THR D 165 25.70 9.02 -40.02
N SER D 166 25.94 10.08 -40.79
CA SER D 166 27.10 10.11 -41.67
C SER D 166 28.39 10.29 -40.86
N SER D 167 29.46 9.64 -41.34
CA SER D 167 30.76 9.76 -40.70
C SER D 167 31.41 11.09 -41.08
N GLY D 168 31.94 11.80 -40.08
CA GLY D 168 32.53 13.10 -40.28
C GLY D 168 34.05 13.07 -40.20
N PRO D 169 34.65 14.22 -39.83
CA PRO D 169 36.12 14.26 -39.69
C PRO D 169 36.63 13.28 -38.65
N SER D 170 36.01 13.24 -37.48
CA SER D 170 36.21 12.12 -36.57
C SER D 170 35.25 10.99 -36.94
N GLY D 171 35.42 9.85 -36.28
CA GLY D 171 34.61 8.68 -36.60
C GLY D 171 33.18 8.74 -36.08
N ALA D 172 32.70 9.94 -35.73
CA ALA D 172 31.40 10.11 -35.12
C ALA D 172 30.33 10.39 -36.17
N ALA D 173 29.08 10.06 -35.83
CA ALA D 173 27.96 10.30 -36.72
C ALA D 173 27.66 11.79 -36.83
N TYR D 174 26.99 12.17 -37.92
CA TYR D 174 26.64 13.56 -38.12
C TYR D 174 25.63 14.03 -37.06
N ASN D 175 24.60 13.22 -36.79
CA ASN D 175 23.55 13.57 -35.84
C ASN D 175 23.95 13.29 -34.39
N ALA D 176 25.25 13.32 -34.07
CA ALA D 176 25.68 13.17 -32.69
C ALA D 176 25.27 14.34 -31.82
N TRP D 177 24.97 15.49 -32.43
CA TRP D 177 24.52 16.64 -31.65
C TRP D 177 23.13 16.44 -31.07
N TYR D 178 22.41 15.42 -31.52
CA TYR D 178 21.12 15.06 -30.97
C TYR D 178 21.14 13.72 -30.25
N THR D 179 21.87 12.73 -30.77
CA THR D 179 21.82 11.40 -30.19
C THR D 179 22.78 11.22 -29.01
N CYS D 180 23.88 11.95 -28.96
CA CYS D 180 24.85 11.75 -27.88
C CYS D 180 24.23 12.01 -26.51
N PRO D 181 23.63 13.17 -26.23
CA PRO D 181 23.01 13.35 -24.91
C PRO D 181 21.73 12.58 -24.74
N LYS D 182 21.05 12.24 -25.84
CA LYS D 182 19.81 11.45 -25.74
C LYS D 182 20.12 10.02 -25.31
N GLU D 183 21.18 9.42 -25.84
CA GLU D 183 21.50 8.04 -25.50
C GLU D 183 22.21 7.92 -24.15
N SER D 184 22.90 8.98 -23.71
CA SER D 184 23.70 8.92 -22.50
C SER D 184 23.02 9.53 -21.28
N GLY D 185 22.04 10.41 -21.49
CA GLY D 185 21.45 11.14 -20.38
C GLY D 185 22.36 12.15 -19.74
N GLN D 186 23.50 12.45 -20.36
CA GLN D 186 24.49 13.38 -19.84
C GLN D 186 24.92 14.34 -20.94
N PRO D 187 25.37 15.54 -20.58
CA PRO D 187 25.78 16.51 -21.61
C PRO D 187 26.97 16.00 -22.41
N CYS D 188 27.01 16.38 -23.68
CA CYS D 188 28.09 16.04 -24.58
C CYS D 188 28.75 17.30 -25.11
N VAL D 189 30.05 17.19 -25.41
CA VAL D 189 30.80 18.23 -26.13
C VAL D 189 31.47 17.50 -27.29
N LEU D 190 30.91 17.63 -28.49
CA LEU D 190 31.34 16.81 -29.61
C LEU D 190 32.67 17.30 -30.17
N ASP D 191 33.41 16.37 -30.79
CA ASP D 191 34.60 16.73 -31.53
C ASP D 191 34.19 17.64 -32.69
N PRO D 192 35.16 18.38 -33.26
CA PRO D 192 34.83 19.25 -34.40
C PRO D 192 34.15 18.48 -35.53
N TYR D 193 33.13 19.10 -36.12
CA TYR D 193 32.43 18.52 -37.25
C TYR D 193 31.88 19.64 -38.10
N PHE D 194 31.59 19.32 -39.36
CA PHE D 194 30.99 20.28 -40.28
C PHE D 194 29.49 20.23 -40.19
N ASP D 195 28.86 21.40 -40.19
CA ASP D 195 27.41 21.50 -40.23
C ASP D 195 27.04 22.81 -40.93
N LYS D 196 25.78 22.91 -41.31
CA LYS D 196 25.30 23.97 -42.18
C LYS D 196 24.65 25.10 -41.38
N VAL D 197 25.06 26.33 -41.69
CA VAL D 197 24.56 27.57 -41.10
C VAL D 197 24.53 28.64 -42.18
N GLY D 198 23.34 29.14 -42.53
CA GLY D 198 23.20 30.25 -43.46
C GLY D 198 23.79 30.09 -44.85
N GLU D 199 23.38 29.03 -45.56
N GLU D 199 23.38 29.02 -45.54
CA GLU D 199 23.90 28.68 -46.88
CA GLU D 199 23.90 28.65 -46.86
C GLU D 199 25.41 28.47 -46.88
C GLU D 199 25.41 28.42 -46.88
N ARG D 200 25.98 28.16 -45.72
N ARG D 200 26.00 28.17 -45.71
CA ARG D 200 27.40 27.92 -45.54
CA ARG D 200 27.42 27.93 -45.56
C ARG D 200 27.62 26.55 -44.90
C ARG D 200 27.64 26.60 -44.84
N GLN D 201 28.88 26.12 -44.90
CA GLN D 201 29.28 24.86 -44.25
C GLN D 201 30.40 25.20 -43.27
N LEU D 202 30.05 25.35 -42.01
CA LEU D 202 30.99 25.79 -40.99
C LEU D 202 31.56 24.61 -40.21
N LEU D 203 32.74 24.85 -39.64
CA LEU D 203 33.39 23.90 -38.76
C LEU D 203 33.12 24.31 -37.31
N MSE D 204 32.56 23.40 -36.53
CA MSE D 204 32.07 23.77 -35.21
C MSE D 204 32.14 22.66 -34.19
O MSE D 204 32.44 21.50 -34.52
CB MSE D 204 30.61 24.23 -35.33
CG MSE D 204 29.68 23.06 -35.58
SE MSE D 204 27.85 23.60 -35.95
CE MSE D 204 28.16 24.59 -37.60
N THR D 205 31.89 23.03 -32.95
CA THR D 205 31.66 22.10 -31.85
C THR D 205 30.30 22.41 -31.25
N SER D 206 29.82 21.50 -30.40
CA SER D 206 28.48 21.64 -29.82
C SER D 206 28.49 21.11 -28.39
N ILE D 207 27.87 21.87 -27.48
CA ILE D 207 27.59 21.40 -26.14
C ILE D 207 26.12 20.99 -26.13
N ALA D 208 25.88 19.68 -26.18
CA ALA D 208 24.54 19.13 -26.28
C ALA D 208 24.17 18.44 -24.97
N PHE D 209 23.04 18.82 -24.40
CA PHE D 209 22.62 18.20 -23.14
C PHE D 209 21.15 17.82 -23.22
N PRO D 210 20.75 16.78 -22.49
CA PRO D 210 19.38 16.29 -22.60
C PRO D 210 18.40 17.14 -21.84
N LEU D 211 17.19 17.23 -22.37
CA LEU D 211 16.05 17.79 -21.67
C LEU D 211 15.38 16.66 -20.90
N GLU D 212 15.55 16.66 -19.58
CA GLU D 212 15.10 15.56 -18.74
C GLU D 212 13.81 15.92 -18.03
N LEU D 213 13.02 14.89 -17.72
CA LEU D 213 11.79 15.08 -16.97
C LEU D 213 11.50 13.79 -16.21
N ASP D 214 11.82 13.79 -14.92
CA ASP D 214 11.59 12.65 -14.04
C ASP D 214 12.26 11.40 -14.62
N GLY D 215 13.54 11.52 -14.93
CA GLY D 215 14.32 10.41 -15.44
C GLY D 215 14.29 10.31 -16.94
N LYS D 216 13.18 10.70 -17.55
CA LYS D 216 13.01 10.57 -18.99
C LYS D 216 13.76 11.67 -19.73
N VAL D 217 14.55 11.26 -20.71
CA VAL D 217 15.08 12.20 -21.71
C VAL D 217 13.96 12.48 -22.69
N ILE D 218 13.41 13.69 -22.64
CA ILE D 218 12.31 14.09 -23.51
C ILE D 218 12.76 15.03 -24.60
N GLY D 219 14.05 15.32 -24.69
CA GLY D 219 14.55 16.20 -25.73
C GLY D 219 16.01 16.51 -25.52
N VAL D 220 16.54 17.29 -26.45
CA VAL D 220 17.94 17.69 -26.43
C VAL D 220 18.02 19.16 -26.77
N MSE D 221 18.85 19.90 -26.04
CA MSE D 221 19.20 21.26 -26.43
C MSE D 221 20.72 21.38 -26.59
O MSE D 221 21.48 20.75 -25.84
CB MSE D 221 18.69 22.28 -25.41
CG MSE D 221 19.15 23.71 -25.69
SE MSE D 221 18.97 24.85 -24.11
CE MSE D 221 19.94 26.43 -24.72
N GLY D 222 21.16 22.17 -27.55
CA GLY D 222 22.58 22.34 -27.78
C GLY D 222 22.92 23.76 -28.20
N LEU D 223 24.18 24.12 -27.95
CA LEU D 223 24.76 25.37 -28.40
C LEU D 223 25.89 25.07 -29.38
N ASP D 224 25.85 25.71 -30.55
CA ASP D 224 26.92 25.59 -31.52
C ASP D 224 27.95 26.68 -31.28
N ILE D 225 29.21 26.30 -31.29
CA ILE D 225 30.33 27.23 -31.13
C ILE D 225 31.21 27.10 -32.36
N ASN D 226 31.33 28.19 -33.12
CA ASN D 226 32.22 28.21 -34.28
C ASN D 226 33.65 27.92 -33.84
N LEU D 227 34.34 27.05 -34.59
CA LEU D 227 35.69 26.66 -34.21
C LEU D 227 36.64 27.85 -34.24
N SER D 228 36.37 28.85 -35.08
CA SER D 228 37.21 30.04 -35.14
C SER D 228 37.30 30.73 -33.78
N ASN D 229 36.25 30.65 -32.98
CA ASN D 229 36.30 31.16 -31.61
C ASN D 229 37.34 30.42 -30.79
N LEU D 230 37.44 29.10 -31.00
CA LEU D 230 38.46 28.33 -30.31
C LEU D 230 39.84 28.62 -30.87
N GLN D 231 39.93 28.82 -32.19
CA GLN D 231 41.20 29.23 -32.79
C GLN D 231 41.64 30.58 -32.23
N ALA D 232 40.70 31.51 -32.06
CA ALA D 232 41.06 32.81 -31.49
C ALA D 232 41.61 32.64 -30.08
N LEU D 233 40.98 31.76 -29.28
CA LEU D 233 41.42 31.55 -27.91
C LEU D 233 42.84 30.98 -27.87
N SER D 234 43.15 30.07 -28.80
CA SER D 234 44.51 29.52 -28.84
C SER D 234 45.54 30.60 -29.17
N GLU D 235 45.16 31.59 -29.99
CA GLU D 235 46.07 32.68 -30.30
C GLU D 235 46.18 33.66 -29.15
N GLN D 236 45.07 33.94 -28.46
CA GLN D 236 45.12 34.79 -27.28
C GLN D 236 46.03 34.18 -26.21
N GLY D 237 45.90 32.88 -25.98
CA GLY D 237 46.71 32.23 -24.98
C GLY D 237 48.18 32.14 -25.35
N ASN D 238 48.48 31.99 -26.64
CA ASN D 238 49.87 31.94 -27.06
C ASN D 238 50.59 33.25 -26.75
N ARG D 239 49.91 34.38 -26.95
CA ARG D 239 50.49 35.68 -26.61
C ARG D 239 50.86 35.75 -25.13
N GLU D 240 50.03 35.15 -24.27
CA GLU D 240 50.30 35.10 -22.84
C GLU D 240 51.31 34.00 -22.46
N LEU D 241 51.77 33.21 -23.44
CA LEU D 241 52.73 32.13 -23.20
C LEU D 241 54.09 32.57 -23.74
N TYR D 242 54.93 33.10 -22.84
CA TYR D 242 56.29 33.55 -23.17
C TYR D 242 56.30 34.42 -24.42
N ASP D 243 55.38 35.39 -24.46
CA ASP D 243 55.37 36.41 -25.50
C ASP D 243 55.14 35.84 -26.89
N GLY D 244 54.31 34.81 -26.98
CA GLY D 244 53.99 34.23 -28.26
C GLY D 244 55.11 33.50 -28.95
N VAL D 245 56.20 33.19 -28.22
CA VAL D 245 57.38 32.61 -28.85
C VAL D 245 57.12 31.19 -29.35
N GLY D 246 56.09 30.52 -28.83
CA GLY D 246 55.79 29.16 -29.24
C GLY D 246 54.42 29.00 -29.85
N GLN D 247 53.67 27.99 -29.42
CA GLN D 247 52.36 27.72 -29.99
C GLN D 247 51.49 27.01 -28.97
N VAL D 248 50.19 27.27 -29.07
CA VAL D 248 49.18 26.63 -28.23
C VAL D 248 48.21 25.91 -29.14
N GLY D 249 48.04 24.61 -28.91
CA GLY D 249 47.08 23.81 -29.66
C GLY D 249 45.95 23.37 -28.75
N ILE D 250 44.76 23.28 -29.33
CA ILE D 250 43.56 22.80 -28.64
C ILE D 250 43.14 21.50 -29.29
N LEU D 251 43.12 20.41 -28.53
CA LEU D 251 42.82 19.08 -29.03
C LEU D 251 41.49 18.60 -28.48
N SER D 252 40.70 17.97 -29.35
CA SER D 252 39.46 17.32 -28.95
C SER D 252 39.74 15.88 -28.56
N PRO D 253 38.79 15.20 -27.90
CA PRO D 253 39.05 13.83 -27.45
C PRO D 253 39.45 12.87 -28.57
N ALA D 254 38.92 13.04 -29.78
CA ALA D 254 39.28 12.19 -30.91
C ALA D 254 40.60 12.59 -31.57
N GLY D 255 41.18 13.72 -31.18
CA GLY D 255 42.47 14.12 -31.69
C GLY D 255 42.46 15.21 -32.75
N LEU D 256 41.31 15.82 -33.03
CA LEU D 256 41.22 16.87 -34.03
C LEU D 256 41.57 18.21 -33.40
N PHE D 257 42.33 19.02 -34.15
CA PHE D 257 42.69 20.36 -33.72
C PHE D 257 41.46 21.26 -33.71
N ALA D 258 41.07 21.72 -32.54
CA ALA D 258 40.06 22.77 -32.43
C ALA D 258 40.68 24.16 -32.35
N GLY D 259 42.01 24.22 -32.26
CA GLY D 259 42.73 25.48 -32.18
C GLY D 259 44.20 25.27 -32.36
N ASN D 260 44.85 26.15 -33.13
CA ASN D 260 46.29 26.05 -33.37
C ASN D 260 46.79 27.45 -33.71
N SER D 261 47.48 28.07 -32.74
CA SER D 261 47.92 29.45 -32.92
C SER D 261 48.95 29.57 -34.02
N ARG D 262 49.67 28.49 -34.32
N ARG D 262 49.65 28.48 -34.34
CA ARG D 262 50.70 28.55 -35.35
CA ARG D 262 50.72 28.54 -35.34
C ARG D 262 50.09 28.42 -36.75
C ARG D 262 50.17 28.37 -36.75
N ASP D 263 49.29 27.38 -36.95
CA ASP D 263 48.74 27.07 -38.27
C ASP D 263 47.24 26.85 -38.14
N ALA D 264 46.45 27.89 -38.41
CA ALA D 264 45.01 27.77 -38.43
C ALA D 264 44.52 26.80 -39.50
N GLY D 265 45.38 26.43 -40.46
CA GLY D 265 45.02 25.44 -41.46
C GLY D 265 44.91 24.03 -40.92
N LEU D 266 45.35 23.79 -39.68
CA LEU D 266 45.24 22.49 -39.05
C LEU D 266 43.90 22.27 -38.36
N LEU D 267 43.05 23.29 -38.31
CA LEU D 267 41.73 23.16 -37.70
C LEU D 267 40.92 22.08 -38.40
N GLY D 268 40.29 21.22 -37.61
CA GLY D 268 39.55 20.09 -38.13
C GLY D 268 40.41 18.89 -38.48
N LYS D 269 41.72 19.02 -38.51
N LYS D 269 41.72 19.02 -38.49
CA LYS D 269 42.63 17.94 -38.85
CA LYS D 269 42.63 17.94 -38.85
C LYS D 269 43.14 17.26 -37.57
C LYS D 269 43.20 17.29 -37.60
N ASN D 270 43.59 16.02 -37.72
CA ASN D 270 43.99 15.24 -36.56
C ASN D 270 45.43 15.56 -36.16
N LEU D 271 45.80 15.09 -34.97
CA LEU D 271 47.08 15.43 -34.38
C LEU D 271 48.26 14.90 -35.18
N ALA D 272 48.08 13.83 -35.96
CA ALA D 272 49.20 13.24 -36.69
C ALA D 272 49.67 14.10 -37.85
N LYS D 273 48.82 15.02 -38.34
CA LYS D 273 49.27 15.94 -39.39
C LYS D 273 50.38 16.84 -38.87
N ALA D 274 50.39 17.11 -37.56
CA ALA D 274 51.38 17.99 -36.94
C ALA D 274 52.36 17.27 -36.04
N ASP D 275 51.98 16.11 -35.49
CA ASP D 275 52.80 15.39 -34.52
C ASP D 275 52.74 13.89 -34.82
N PRO D 276 53.09 13.48 -36.04
CA PRO D 276 52.88 12.07 -36.42
C PRO D 276 53.65 11.09 -35.55
N GLN D 277 54.72 11.53 -34.89
CA GLN D 277 55.56 10.64 -34.10
C GLN D 277 54.91 10.29 -32.76
N HIS D 278 54.41 11.30 -32.04
CA HIS D 278 53.89 11.12 -30.70
C HIS D 278 52.37 11.25 -30.62
N ALA D 279 51.68 11.36 -31.75
CA ALA D 279 50.24 11.55 -31.74
C ALA D 279 49.53 10.50 -30.91
N GLY D 280 49.88 9.23 -31.14
CA GLY D 280 49.21 8.15 -30.43
C GLY D 280 49.42 8.22 -28.92
N GLU D 281 50.64 8.53 -28.49
CA GLU D 281 50.91 8.61 -27.06
C GLU D 281 50.29 9.86 -26.45
N LEU D 282 50.32 10.98 -27.20
CA LEU D 282 49.68 12.20 -26.70
C LEU D 282 48.19 11.99 -26.44
N LEU D 283 47.51 11.28 -27.34
CA LEU D 283 46.07 11.11 -27.22
C LEU D 283 45.67 10.06 -26.19
N GLN D 284 46.56 9.11 -25.90
N GLN D 284 46.57 9.14 -25.84
CA GLN D 284 46.31 8.15 -24.83
CA GLN D 284 46.21 8.18 -24.81
C GLN D 284 46.38 8.82 -23.47
C GLN D 284 46.45 8.73 -23.41
N LEU D 285 47.40 9.65 -23.26
CA LEU D 285 47.52 10.38 -22.00
C LEU D 285 46.34 11.33 -21.83
N LEU D 286 45.82 11.85 -22.94
CA LEU D 286 44.59 12.65 -22.92
C LEU D 286 43.43 11.83 -22.38
N ALA D 287 43.12 10.70 -23.03
CA ALA D 287 42.03 9.85 -22.57
C ALA D 287 42.23 9.42 -21.12
N ALA D 288 43.48 9.33 -20.68
CA ALA D 288 43.82 9.06 -19.29
C ALA D 288 43.83 10.31 -18.43
N GLY D 289 43.70 11.50 -19.01
CA GLY D 289 43.68 12.72 -18.25
C GLY D 289 44.99 13.06 -17.57
N LYS D 290 46.09 12.45 -18.00
CA LYS D 290 47.40 12.71 -17.40
C LYS D 290 48.13 13.80 -18.17
N SER D 291 48.81 14.67 -17.43
CA SER D 291 49.63 15.73 -18.00
C SER D 291 51.08 15.26 -18.05
N ARG D 292 51.79 15.67 -19.11
CA ARG D 292 53.17 15.24 -19.29
C ARG D 292 53.97 16.34 -20.00
N LEU D 293 55.22 16.50 -19.59
CA LEU D 293 56.19 17.35 -20.27
C LEU D 293 57.11 16.49 -21.14
N PHE D 294 57.40 16.97 -22.34
CA PHE D 294 58.19 16.23 -23.32
C PHE D 294 59.44 17.02 -23.68
N ASN D 295 60.59 16.35 -23.61
CA ASN D 295 61.87 16.94 -23.98
C ASN D 295 62.18 16.54 -25.42
N GLU D 296 61.90 17.45 -26.36
CA GLU D 296 62.27 17.24 -27.75
C GLU D 296 63.66 17.83 -28.00
N ASN D 297 64.06 17.94 -29.26
CA ASN D 297 65.42 18.36 -29.59
C ASN D 297 65.68 19.80 -29.18
N ASP D 298 64.90 20.73 -29.73
CA ASP D 298 65.09 22.15 -29.44
C ASP D 298 63.84 22.81 -28.85
N ASP D 299 62.94 22.03 -28.27
CA ASP D 299 61.75 22.59 -27.64
C ASP D 299 61.18 21.58 -26.67
N LEU D 300 60.39 22.09 -25.73
CA LEU D 300 59.65 21.26 -24.79
C LEU D 300 58.17 21.33 -25.15
N LYS D 301 57.51 20.17 -25.08
CA LYS D 301 56.07 20.05 -25.28
C LYS D 301 55.40 19.69 -23.97
N VAL D 302 54.28 20.35 -23.67
CA VAL D 302 53.50 20.09 -22.47
C VAL D 302 52.07 19.77 -22.91
N LEU D 303 51.58 18.60 -22.49
CA LEU D 303 50.21 18.21 -22.72
C LEU D 303 49.46 18.38 -21.40
N GLN D 304 48.46 19.24 -21.40
CA GLN D 304 47.61 19.45 -20.22
C GLN D 304 46.18 19.15 -20.61
N PRO D 305 45.62 18.03 -20.16
CA PRO D 305 44.22 17.73 -20.48
C PRO D 305 43.28 18.56 -19.62
N LEU D 306 42.06 18.69 -20.10
CA LEU D 306 41.02 19.41 -19.41
C LEU D 306 39.66 18.79 -19.74
N GLN D 307 38.75 18.86 -18.78
CA GLN D 307 37.37 18.49 -19.05
C GLN D 307 36.59 19.77 -19.30
N PRO D 308 36.06 20.00 -20.52
CA PRO D 308 35.37 21.26 -20.79
C PRO D 308 34.14 21.45 -19.93
N ILE D 309 33.44 20.36 -19.61
CA ILE D 309 32.31 20.36 -18.67
C ILE D 309 32.42 19.11 -17.81
N PRO D 310 31.78 19.11 -16.63
CA PRO D 310 31.98 18.00 -15.69
C PRO D 310 31.60 16.65 -16.28
N GLY D 311 32.46 15.66 -16.04
CA GLY D 311 32.27 14.31 -16.51
C GLY D 311 32.59 14.09 -17.98
N ALA D 312 32.97 15.14 -18.71
CA ALA D 312 33.13 15.00 -20.14
C ALA D 312 34.44 14.31 -20.49
N LYS D 313 34.48 13.74 -21.68
CA LYS D 313 35.73 13.21 -22.20
C LYS D 313 36.76 14.34 -22.23
N PRO D 314 37.98 14.10 -21.76
CA PRO D 314 38.95 15.20 -21.60
C PRO D 314 39.39 15.74 -22.96
N TRP D 315 39.26 17.07 -23.11
CA TRP D 315 39.94 17.77 -24.19
C TRP D 315 41.37 18.06 -23.76
N GLY D 316 42.13 18.74 -24.60
CA GLY D 316 43.54 18.94 -24.32
C GLY D 316 44.05 20.27 -24.82
N VAL D 317 45.04 20.79 -24.10
CA VAL D 317 45.83 21.92 -24.56
C VAL D 317 47.27 21.42 -24.72
N LEU D 318 47.91 21.80 -25.83
CA LEU D 318 49.26 21.33 -26.14
C LEU D 318 50.14 22.54 -26.38
N LEU D 319 51.02 22.82 -25.41
CA LEU D 319 51.99 23.90 -25.54
C LEU D 319 53.28 23.38 -26.14
N GLU D 320 53.90 24.21 -26.98
CA GLU D 320 55.24 23.96 -27.50
C GLU D 320 56.04 25.24 -27.34
N VAL D 321 57.13 25.16 -26.57
CA VAL D 321 57.96 26.33 -26.30
C VAL D 321 59.39 25.97 -26.64
N PRO D 322 60.05 26.72 -27.54
CA PRO D 322 61.44 26.39 -27.88
C PRO D 322 62.35 26.62 -26.69
N LYS D 323 63.30 25.70 -26.49
CA LYS D 323 64.39 25.99 -25.57
C LYS D 323 65.18 27.21 -26.02
N SER D 324 65.10 27.55 -27.31
CA SER D 324 65.69 28.77 -27.83
C SER D 324 65.30 29.99 -27.00
N ALA D 325 64.06 30.02 -26.50
CA ALA D 325 63.60 31.11 -25.66
C ALA D 325 63.49 30.71 -24.18
N LEU D 326 64.17 29.64 -23.80
CA LEU D 326 64.12 29.17 -22.42
C LEU D 326 65.45 28.56 -22.01
N HSM E . -17.51 -6.18 -3.05
CA HSM E . -17.45 -5.55 -4.36
CB HSM E . -16.07 -4.91 -4.60
CG HSM E . -15.00 -6.02 -4.66
ND1 HSM E . -15.16 -7.22 -5.17
CD2 HSM E . -13.73 -5.93 -4.21
CE1 HSM E . -14.01 -7.90 -5.04
NE2 HSM E . -13.12 -7.09 -4.44
P PO4 F . -31.61 -23.81 0.17
O1 PO4 F . -33.09 -23.48 0.08
O2 PO4 F . -31.41 -25.28 -0.13
O3 PO4 F . -31.14 -23.48 1.56
O4 PO4 F . -30.82 -22.99 -0.85
C1 GOL G . -47.17 -16.62 2.24
O1 GOL G . -47.35 -16.72 0.87
C2 GOL G . -47.52 -17.98 2.85
O2 GOL G . -48.85 -18.05 3.22
C3 GOL G . -47.17 -19.01 1.75
O3 GOL G . -47.23 -20.29 2.31
N HSM H . -23.77 -28.18 31.26
CA HSM H . -22.92 -27.97 30.12
CB HSM H . -21.46 -27.71 30.55
CG HSM H . -20.90 -28.89 31.36
ND1 HSM H . -21.09 -30.16 31.10
CD2 HSM H . -20.12 -28.79 32.45
CE1 HSM H . -20.43 -30.88 32.04
NE2 HSM H . -19.84 -30.01 32.87
C1 GOL I . -46.37 -11.57 37.58
O1 GOL I . -46.81 -10.24 37.44
C2 GOL I . -45.26 -11.79 36.57
O2 GOL I . -45.84 -12.16 35.35
C3 GOL I . -44.33 -12.87 37.08
O3 GOL I . -44.88 -14.15 36.80
N HSM J . 18.30 -3.06 -2.83
CA HSM J . 18.19 -4.04 -1.77
CB HSM J . 16.72 -4.24 -1.37
CG HSM J . 15.86 -4.73 -2.53
ND1 HSM J . 16.26 -5.46 -3.54
CD2 HSM J . 14.54 -4.47 -2.72
CE1 HSM J . 15.21 -5.68 -4.35
NE2 HSM J . 14.16 -5.06 -3.84
P PO4 K . 10.52 -0.64 26.80
O1 PO4 K . 9.86 -1.79 27.52
O2 PO4 K . 9.91 0.67 27.28
O3 PO4 K . 10.31 -0.77 25.32
O4 PO4 K . 12.00 -0.64 27.09
C1 GOL L . -4.08 -9.32 20.53
O1 GOL L . -4.32 -9.43 21.92
C2 GOL L . -3.43 -10.59 20.12
O2 GOL L . -2.22 -10.58 20.83
C3 GOL L . -4.26 -11.72 20.62
O3 GOL L . -3.75 -12.90 20.05
C ACT M . 14.75 -16.34 7.40
O ACT M . 14.58 -16.65 8.62
OXT ACT M . 15.23 -15.27 6.92
CH3 ACT M . 14.28 -17.42 6.37
N HSM N . 24.66 22.09 -35.29
CA HSM N . 23.77 20.96 -35.08
CB HSM N . 22.31 21.42 -35.18
CG HSM N . 21.95 21.67 -36.64
ND1 HSM N . 22.50 21.08 -37.69
CD2 HSM N . 21.00 22.53 -37.10
CE1 HSM N . 21.91 21.57 -38.79
NE2 HSM N . 20.98 22.45 -38.41
C1 GOL O . 44.23 34.61 -18.84
O1 GOL O . 42.87 34.91 -18.96
C2 GOL O . 44.42 33.76 -17.56
O2 GOL O . 45.12 32.58 -17.80
C3 GOL O . 45.17 34.69 -16.55
O3 GOL O . 46.07 33.88 -15.84
#